data_6T13
#
_entry.id   6T13
#
_cell.length_a   90.849
_cell.length_b   135.408
_cell.length_c   191.384
_cell.angle_alpha   90.000
_cell.angle_beta   90.000
_cell.angle_gamma   90.000
#
_symmetry.space_group_name_H-M   'P 21 21 21'
#
loop_
_entity.id
_entity.type
_entity.pdbx_description
1 polymer Glucosylceramidase
2 branched 2-acetamido-2-deoxy-beta-D-glucopyranose-(1-4)-2-acetamido-2-deoxy-beta-D-glucopyranose
3 non-polymer 'SULFATE ION'
4 non-polymer 2-AMINO-2-HYDROXYMETHYL-PROPANE-1,3-DIOL
5 non-polymer 1,2-ETHANEDIOL
6 non-polymer 2-acetamido-2-deoxy-beta-D-glucopyranose
7 non-polymer GLYCEROL
8 non-polymer 1-[4-[2-(4-methoxyphenyl)-5-methyl-pyrrolo[2,3-b]pyrazin-6-yl]piperidin-1-yl]ethanone
9 non-polymer 'CHLORIDE ION'
10 water water
#
_entity_poly.entity_id   1
_entity_poly.type   'polypeptide(L)'
_entity_poly.pdbx_seq_one_letter_code
;MEFSSPSREECPKPLSRVSIMAGSLTGLLLLQAVSWASGARPCIPKSFGYSSVVCVCNATYCDSFDPPTFPALGTFSRYE
STRSGRRMELSMGPIQANHTGTGLLLTLQPEQKFQKVKGFGGAMTDAAALNILALSPPAQNLLLKSYFSEEGIGYNIIRV
PMASCDFSIRTYTYADTPDDFQLHNFSLPEEDTKLKIPLIHRALQLAQRPVSLLASPWTSPTWLKTNGAVNGKGSLKGQP
GDIYHQTWARYFVKFLDAYAEHKLQFWAVTAENEPSAGLLSGYPFQCLGFTPEHQRDFIARDLGPTLANSTHHNVRLLML
DDQRLLLPHWAKVVLTDPEAAKYVHGIAVHWYLDFLAPAKATLGETHRLFPNTMLFASEACVGSKFWEQSVRLGSWDRGM
QYSHSIITNLLYHVVGWTDWNLALNPEGGPNWVRNFVDSPIIVDITKDTFYKQPMFYHLGHFSKFIPEGSQRVGLVASQK
NDLDAVALMHPDGSAVVVVLNRSSKDVPLTIKDPAVGFLETISPGYSIHTYLWHRQ
;
_entity_poly.pdbx_strand_id   A,B,C,D
#
loop_
_chem_comp.id
_chem_comp.type
_chem_comp.name
_chem_comp.formula
CL non-polymer 'CHLORIDE ION' 'Cl -1'
EDO non-polymer 1,2-ETHANEDIOL 'C2 H6 O2'
GOL non-polymer GLYCEROL 'C3 H8 O3'
M7H non-polymer 1-[4-[2-(4-methoxyphenyl)-5-methyl-pyrrolo[2,3-b]pyrazin-6-yl]piperidin-1-yl]ethanone 'C21 H24 N4 O2'
NAG D-saccharide, beta linking 2-acetamido-2-deoxy-beta-D-glucopyranose 'C8 H15 N O6'
SO4 non-polymer 'SULFATE ION' 'O4 S -2'
TRS non-polymer 2-AMINO-2-HYDROXYMETHYL-PROPANE-1,3-DIOL 'C4 H12 N O3 1'
#
# COMPACT_ATOMS: atom_id res chain seq x y z
N ALA A 40 31.99 17.00 -19.67
CA ALA A 40 31.70 18.42 -19.75
C ALA A 40 31.13 19.00 -18.44
N ARG A 41 30.02 18.45 -17.90
CA ARG A 41 29.49 18.96 -16.63
C ARG A 41 29.54 17.83 -15.58
N PRO A 42 30.14 18.03 -14.40
CA PRO A 42 30.21 16.93 -13.42
C PRO A 42 28.88 16.71 -12.69
N CYS A 43 28.78 15.57 -12.02
CA CYS A 43 27.66 15.16 -11.18
C CYS A 43 27.55 16.20 -10.04
N ILE A 44 26.33 16.65 -9.73
CA ILE A 44 26.04 17.48 -8.54
C ILE A 44 25.55 16.40 -7.55
N PRO A 45 26.42 15.95 -6.63
CA PRO A 45 25.99 14.85 -5.75
C PRO A 45 25.06 15.27 -4.62
N LYS A 46 24.16 14.37 -4.26
CA LYS A 46 23.28 14.56 -3.12
C LYS A 46 23.12 13.24 -2.41
N SER A 47 23.36 13.23 -1.11
CA SER A 47 23.12 12.03 -0.33
C SER A 47 21.72 12.06 0.23
N PHE A 48 21.01 10.92 0.11
CA PHE A 48 19.71 10.75 0.73
C PHE A 48 19.84 9.78 1.92
N GLY A 49 21.06 9.66 2.42
CA GLY A 49 21.29 8.84 3.60
C GLY A 49 21.50 7.36 3.32
N TYR A 50 21.48 6.96 2.06
CA TYR A 50 21.75 5.56 1.72
C TYR A 50 23.24 5.37 1.42
N SER A 51 23.64 4.24 0.81
CA SER A 51 25.07 3.94 0.67
C SER A 51 25.88 4.86 -0.26
N SER A 52 25.24 5.53 -1.20
CA SER A 52 25.98 6.42 -2.12
C SER A 52 25.07 7.63 -2.46
N VAL A 53 25.51 8.45 -3.40
CA VAL A 53 24.81 9.67 -3.77
C VAL A 53 24.06 9.48 -5.08
N VAL A 54 23.12 10.40 -5.33
CA VAL A 54 22.46 10.54 -6.62
C VAL A 54 23.14 11.75 -7.26
N CYS A 55 22.92 11.92 -8.56
CA CYS A 55 23.33 13.10 -9.29
C CYS A 55 22.08 13.89 -9.59
N VAL A 56 22.03 15.14 -9.15
CA VAL A 56 20.88 16.05 -9.23
C VAL A 56 20.91 16.82 -10.54
N CYS A 57 19.79 16.76 -11.24
CA CYS A 57 19.60 17.46 -12.51
C CYS A 57 18.32 18.30 -12.43
N ASN A 58 18.26 19.37 -13.23
CA ASN A 58 17.08 20.23 -13.23
C ASN A 58 16.92 20.87 -14.60
N ALA A 59 16.14 21.98 -14.70
CA ALA A 59 15.91 22.67 -15.97
C ALA A 59 17.19 23.26 -16.58
N THR A 60 18.21 23.62 -15.76
CA THR A 60 19.41 24.28 -16.33
C THR A 60 20.70 23.51 -16.18
N TYR A 61 20.66 22.39 -15.47
CA TYR A 61 21.87 21.64 -15.21
C TYR A 61 21.66 20.15 -15.20
N CYS A 62 22.55 19.47 -15.93
CA CYS A 62 22.67 18.02 -15.84
C CYS A 62 24.08 17.61 -16.15
N ASP A 63 24.58 16.57 -15.48
CA ASP A 63 25.95 16.09 -15.71
C ASP A 63 26.01 15.45 -17.10
N SER A 64 27.13 15.62 -17.79
CA SER A 64 27.25 15.10 -19.14
C SER A 64 28.69 14.79 -19.50
N PHE A 65 28.90 14.11 -20.63
CA PHE A 65 30.22 13.77 -21.13
C PHE A 65 30.64 14.66 -22.26
N ASP A 66 31.98 14.76 -22.46
CA ASP A 66 32.59 15.40 -23.62
C ASP A 66 32.63 14.36 -24.73
N PRO A 67 32.76 14.72 -26.04
CA PRO A 67 32.84 13.68 -27.09
C PRO A 67 34.03 12.72 -26.88
N PRO A 68 33.98 11.47 -27.39
CA PRO A 68 35.13 10.57 -27.20
C PRO A 68 36.41 11.11 -27.85
N THR A 69 37.52 11.00 -27.12
CA THR A 69 38.84 11.36 -27.61
C THR A 69 39.41 10.00 -28.09
N PHE A 70 40.44 10.02 -28.94
CA PHE A 70 40.98 8.75 -29.42
C PHE A 70 42.40 8.54 -28.88
N PRO A 71 42.50 7.87 -27.71
CA PRO A 71 43.82 7.68 -27.08
C PRO A 71 44.72 6.75 -27.88
N ALA A 72 45.97 7.20 -28.01
CA ALA A 72 47.01 6.52 -28.75
C ALA A 72 47.17 5.04 -28.37
N LEU A 73 47.54 4.23 -29.36
CA LEU A 73 47.93 2.83 -29.20
C LEU A 73 49.05 2.81 -28.15
N GLY A 74 48.88 1.94 -27.17
CA GLY A 74 49.83 1.82 -26.08
C GLY A 74 49.35 2.54 -24.84
N THR A 75 48.15 3.14 -24.90
CA THR A 75 47.54 3.79 -23.75
C THR A 75 46.09 3.28 -23.67
N PHE A 76 45.47 3.44 -22.49
CA PHE A 76 44.07 3.08 -22.27
C PHE A 76 43.35 4.25 -21.64
N SER A 77 42.04 4.18 -21.72
CA SER A 77 41.10 5.08 -21.05
C SER A 77 40.41 4.24 -20.00
N ARG A 78 40.08 4.87 -18.87
CA ARG A 78 39.36 4.23 -17.79
C ARG A 78 38.24 5.17 -17.34
N TYR A 79 37.05 4.63 -17.22
CA TYR A 79 35.91 5.34 -16.64
C TYR A 79 35.62 4.62 -15.31
N GLU A 80 35.53 5.39 -14.24
CA GLU A 80 35.34 4.82 -12.92
C GLU A 80 34.14 5.43 -12.19
N SER A 81 33.33 4.56 -11.55
CA SER A 81 32.30 5.01 -10.63
C SER A 81 32.58 4.29 -9.29
N THR A 82 32.38 4.97 -8.18
CA THR A 82 32.64 4.39 -6.87
C THR A 82 31.46 4.71 -5.96
N ARG A 83 31.29 3.86 -4.92
CA ARG A 83 30.33 4.10 -3.88
C ARG A 83 30.67 5.44 -3.18
N SER A 84 31.97 5.78 -3.08
CA SER A 84 32.46 7.01 -2.46
C SER A 84 32.00 8.26 -3.23
N GLY A 85 31.54 8.09 -4.47
CA GLY A 85 30.96 9.22 -5.19
C GLY A 85 31.43 9.50 -6.58
N ARG A 86 32.49 8.82 -7.05
CA ARG A 86 32.93 9.13 -8.41
C ARG A 86 31.89 8.62 -9.40
N ARG A 87 31.61 9.39 -10.45
CA ARG A 87 30.59 9.00 -11.42
C ARG A 87 31.15 9.07 -12.84
N MET A 88 31.48 7.90 -13.38
CA MET A 88 32.03 7.69 -14.71
C MET A 88 33.13 8.69 -15.03
N GLU A 89 34.06 8.85 -14.08
CA GLU A 89 35.20 9.73 -14.22
C GLU A 89 36.24 9.11 -15.13
N LEU A 90 36.77 9.95 -16.02
CA LEU A 90 37.75 9.55 -17.02
C LEU A 90 39.18 9.78 -16.56
N SER A 91 40.01 8.75 -16.72
CA SER A 91 41.45 8.85 -16.47
C SER A 91 42.12 8.08 -17.59
N MET A 92 43.42 8.25 -17.74
CA MET A 92 44.16 7.56 -18.78
C MET A 92 45.45 6.98 -18.22
N GLY A 93 46.00 5.99 -18.88
CA GLY A 93 47.27 5.44 -18.42
C GLY A 93 48.01 4.67 -19.49
N PRO A 94 49.22 4.18 -19.16
CA PRO A 94 50.00 3.44 -20.16
C PRO A 94 49.70 1.95 -20.21
N ILE A 95 49.93 1.36 -21.35
CA ILE A 95 49.86 -0.09 -21.46
C ILE A 95 51.36 -0.44 -21.50
N GLN A 96 51.85 -1.30 -20.59
CA GLN A 96 53.27 -1.66 -20.52
C GLN A 96 53.60 -2.87 -21.38
N ALA A 97 54.83 -2.92 -21.93
CA ALA A 97 55.27 -4.07 -22.73
C ALA A 97 55.46 -5.31 -21.83
N ASN A 98 55.82 -5.09 -20.56
CA ASN A 98 56.11 -6.19 -19.62
C ASN A 98 55.38 -6.10 -18.34
N HIS A 99 55.35 -7.23 -17.64
CA HIS A 99 54.73 -7.39 -16.34
C HIS A 99 55.46 -8.49 -15.60
N THR A 100 55.81 -8.21 -14.35
CA THR A 100 56.44 -9.13 -13.41
C THR A 100 55.62 -9.02 -12.14
N GLY A 101 55.11 -10.14 -11.69
CA GLY A 101 54.29 -10.20 -10.49
C GLY A 101 53.50 -11.49 -10.43
N THR A 102 52.92 -11.76 -9.27
CA THR A 102 52.14 -12.96 -9.03
C THR A 102 50.66 -12.63 -8.85
N GLY A 103 50.34 -11.33 -8.91
CA GLY A 103 48.99 -10.80 -8.76
C GLY A 103 48.00 -11.30 -9.80
N LEU A 104 46.70 -10.99 -9.58
CA LEU A 104 45.64 -11.39 -10.46
C LEU A 104 45.88 -10.86 -11.88
N LEU A 105 45.87 -11.78 -12.86
CA LEU A 105 46.02 -11.40 -14.25
C LEU A 105 44.77 -11.83 -15.01
N LEU A 106 44.20 -10.90 -15.78
CA LEU A 106 43.05 -11.17 -16.65
C LEU A 106 43.58 -11.11 -18.08
N THR A 107 43.56 -12.25 -18.78
CA THR A 107 44.12 -12.30 -20.11
C THR A 107 43.03 -12.26 -21.19
N LEU A 108 43.15 -11.27 -22.08
CA LEU A 108 42.26 -11.12 -23.22
C LEU A 108 42.54 -12.25 -24.22
N GLN A 109 41.49 -12.84 -24.79
CA GLN A 109 41.67 -13.89 -25.82
C GLN A 109 40.88 -13.39 -27.02
N PRO A 110 41.43 -12.44 -27.80
CA PRO A 110 40.63 -11.84 -28.89
C PRO A 110 40.19 -12.79 -30.00
N GLU A 111 40.84 -13.94 -30.14
CA GLU A 111 40.45 -14.90 -31.17
C GLU A 111 39.32 -15.83 -30.70
N GLN A 112 38.92 -15.76 -29.40
CA GLN A 112 37.82 -16.56 -28.86
C GLN A 112 36.61 -15.67 -28.98
N LYS A 113 35.80 -15.92 -30.01
CA LYS A 113 34.64 -15.07 -30.34
C LYS A 113 33.36 -15.67 -29.85
N PHE A 114 32.49 -14.83 -29.24
CA PHE A 114 31.17 -15.26 -28.75
C PHE A 114 30.07 -14.44 -29.44
N GLN A 115 29.05 -13.99 -28.71
CA GLN A 115 27.90 -13.33 -29.31
C GLN A 115 28.15 -11.89 -29.70
N LYS A 116 27.36 -11.39 -30.66
CA LYS A 116 27.40 -9.98 -31.04
C LYS A 116 26.28 -9.28 -30.27
N VAL A 117 26.55 -8.08 -29.78
CA VAL A 117 25.64 -7.28 -28.99
C VAL A 117 24.59 -6.56 -29.83
N LYS A 118 23.32 -6.62 -29.37
CA LYS A 118 22.23 -5.88 -29.99
C LYS A 118 22.15 -4.51 -29.31
N GLY A 119 22.10 -4.49 -27.99
CA GLY A 119 22.12 -3.22 -27.31
C GLY A 119 21.60 -3.21 -25.91
N PHE A 120 21.34 -1.99 -25.41
CA PHE A 120 20.91 -1.72 -24.06
C PHE A 120 19.89 -0.61 -24.06
N GLY A 121 18.98 -0.68 -23.11
CA GLY A 121 17.98 0.38 -22.98
C GLY A 121 17.02 0.18 -21.84
N GLY A 122 15.82 0.72 -22.04
CA GLY A 122 14.77 0.67 -21.04
C GLY A 122 13.39 0.78 -21.62
N ALA A 123 12.40 0.80 -20.74
CA ALA A 123 10.99 0.77 -21.11
C ALA A 123 10.25 2.10 -21.03
N MET A 124 9.55 2.42 -22.13
CA MET A 124 8.72 3.61 -22.17
C MET A 124 7.30 3.20 -21.70
N THR A 125 7.13 3.07 -20.39
CA THR A 125 5.83 2.75 -19.83
C THR A 125 5.00 4.05 -19.75
N ASP A 126 3.68 3.91 -19.45
CA ASP A 126 2.79 5.05 -19.24
C ASP A 126 3.32 5.87 -18.06
N ALA A 127 3.75 5.19 -16.96
CA ALA A 127 4.29 5.82 -15.75
C ALA A 127 5.53 6.64 -16.07
N ALA A 128 6.46 6.07 -16.88
CA ALA A 128 7.71 6.76 -17.24
C ALA A 128 7.39 7.98 -18.12
N ALA A 129 6.53 7.81 -19.12
CA ALA A 129 6.17 8.91 -20.00
C ALA A 129 5.48 10.07 -19.24
N LEU A 130 4.54 9.75 -18.33
CA LEU A 130 3.79 10.75 -17.56
C LEU A 130 4.75 11.60 -16.70
N ASN A 131 5.64 10.91 -15.97
CA ASN A 131 6.68 11.50 -15.12
C ASN A 131 7.62 12.44 -15.87
N ILE A 132 8.15 11.98 -17.00
CA ILE A 132 9.07 12.75 -17.81
C ILE A 132 8.38 14.03 -18.34
N LEU A 133 7.16 13.89 -18.87
CA LEU A 133 6.41 14.98 -19.44
C LEU A 133 5.84 15.94 -18.39
N ALA A 134 5.87 15.59 -17.11
CA ALA A 134 5.43 16.50 -16.04
C ALA A 134 6.58 17.48 -15.63
N LEU A 135 7.80 17.27 -16.14
CA LEU A 135 8.96 18.17 -15.96
C LEU A 135 8.83 19.33 -16.94
N SER A 136 9.53 20.44 -16.71
CA SER A 136 9.49 21.56 -17.66
C SER A 136 10.22 21.13 -18.93
N PRO A 137 9.93 21.68 -20.13
CA PRO A 137 10.62 21.18 -21.35
C PRO A 137 12.16 21.15 -21.29
N PRO A 138 12.91 22.14 -20.73
CA PRO A 138 14.37 21.99 -20.69
C PRO A 138 14.83 20.81 -19.82
N ALA A 139 14.10 20.53 -18.71
CA ALA A 139 14.46 19.39 -17.84
C ALA A 139 14.19 18.09 -18.59
N GLN A 140 13.09 18.04 -19.39
CA GLN A 140 12.74 16.84 -20.18
C GLN A 140 13.87 16.51 -21.16
N ASN A 141 14.39 17.54 -21.86
CA ASN A 141 15.48 17.34 -22.82
C ASN A 141 16.76 16.86 -22.19
N LEU A 142 17.07 17.35 -20.97
CA LEU A 142 18.28 16.88 -20.26
C LEU A 142 18.12 15.44 -19.79
N LEU A 143 16.91 15.06 -19.39
CA LEU A 143 16.65 13.68 -18.97
C LEU A 143 16.80 12.77 -20.20
N LEU A 144 16.15 13.11 -21.34
CA LEU A 144 16.25 12.31 -22.59
C LEU A 144 17.69 12.25 -23.13
N LYS A 145 18.44 13.36 -23.03
CA LYS A 145 19.84 13.36 -23.50
C LYS A 145 20.70 12.46 -22.61
N SER A 146 20.39 12.42 -21.28
CA SER A 146 21.14 11.57 -20.33
C SER A 146 21.11 10.09 -20.78
N TYR A 147 19.94 9.61 -21.19
CA TYR A 147 19.80 8.25 -21.65
C TYR A 147 20.24 8.02 -23.09
N PHE A 148 19.81 8.89 -24.01
CA PHE A 148 19.93 8.59 -25.44
C PHE A 148 21.04 9.29 -26.23
N SER A 149 21.62 10.38 -25.73
CA SER A 149 22.65 11.05 -26.53
C SER A 149 24.04 10.57 -26.19
N GLU A 150 25.03 10.94 -27.04
CA GLU A 150 26.47 10.66 -26.84
C GLU A 150 26.99 11.46 -25.63
N GLU A 151 26.32 12.58 -25.27
CA GLU A 151 26.61 13.36 -24.05
C GLU A 151 26.11 12.61 -22.82
N GLY A 152 25.32 11.56 -23.07
CA GLY A 152 24.76 10.70 -22.04
C GLY A 152 25.28 9.29 -22.18
N ILE A 153 24.42 8.27 -21.94
CA ILE A 153 24.94 6.90 -21.92
C ILE A 153 24.56 6.03 -23.14
N GLY A 154 24.07 6.66 -24.20
CA GLY A 154 23.86 6.04 -25.49
C GLY A 154 22.96 4.84 -25.58
N TYR A 155 21.78 4.89 -24.92
CA TYR A 155 20.79 3.80 -25.05
C TYR A 155 20.42 3.60 -26.51
N ASN A 156 20.19 2.34 -26.90
CA ASN A 156 19.78 2.09 -28.28
C ASN A 156 18.59 1.12 -28.34
N ILE A 157 17.93 0.90 -27.20
CA ILE A 157 16.75 0.05 -27.12
C ILE A 157 15.68 0.75 -26.30
N ILE A 158 14.42 0.74 -26.82
CA ILE A 158 13.23 1.21 -26.10
C ILE A 158 12.20 0.08 -26.13
N ARG A 159 11.78 -0.41 -24.94
CA ARG A 159 10.72 -1.41 -24.84
C ARG A 159 9.40 -0.67 -24.68
N VAL A 160 8.44 -1.00 -25.54
CA VAL A 160 7.15 -0.33 -25.60
C VAL A 160 6.02 -1.31 -25.27
N PRO A 161 5.34 -1.17 -24.11
CA PRO A 161 4.18 -2.04 -23.84
C PRO A 161 3.04 -1.81 -24.86
N MET A 162 2.34 -2.89 -25.25
CA MET A 162 1.19 -2.81 -26.15
C MET A 162 -0.05 -2.67 -25.27
N ALA A 163 -0.49 -1.41 -25.08
CA ALA A 163 -1.57 -0.97 -24.21
C ALA A 163 -1.14 -1.07 -22.73
N SER A 164 -2.10 -1.28 -21.82
CA SER A 164 -1.86 -1.16 -20.40
C SER A 164 -1.10 -2.32 -19.77
N CYS A 165 -0.32 -2.00 -18.74
CA CYS A 165 0.44 -2.95 -17.94
C CYS A 165 0.46 -2.41 -16.49
N ASP A 166 1.17 -3.01 -15.52
CA ASP A 166 1.03 -2.44 -14.14
C ASP A 166 1.47 -0.99 -13.98
N PHE A 167 2.52 -0.61 -14.70
CA PHE A 167 2.92 0.79 -14.62
C PHE A 167 2.09 1.68 -15.58
N SER A 168 0.78 1.45 -15.58
CA SER A 168 -0.23 2.25 -16.26
C SER A 168 -1.03 2.83 -15.12
N ILE A 169 -1.73 3.93 -15.34
CA ILE A 169 -2.53 4.53 -14.27
C ILE A 169 -3.97 4.04 -14.33
N ARG A 170 -4.29 3.26 -15.39
CA ARG A 170 -5.62 2.68 -15.60
C ARG A 170 -5.48 1.46 -16.51
N THR A 171 -6.53 0.64 -16.59
CA THR A 171 -6.49 -0.52 -17.46
C THR A 171 -7.23 -0.16 -18.74
N TYR A 172 -6.69 -0.61 -19.87
CA TYR A 172 -7.27 -0.41 -21.22
C TYR A 172 -6.51 -1.32 -22.18
N THR A 173 -7.10 -1.56 -23.34
CA THR A 173 -6.45 -2.29 -24.43
C THR A 173 -6.75 -1.45 -25.64
N TYR A 174 -6.23 -1.81 -26.79
CA TYR A 174 -6.53 -1.05 -27.99
C TYR A 174 -7.88 -1.40 -28.61
N ALA A 175 -8.53 -2.47 -28.15
CA ALA A 175 -9.82 -2.92 -28.70
C ALA A 175 -10.80 -3.34 -27.59
N ASP A 176 -11.30 -2.34 -26.84
CA ASP A 176 -12.19 -2.60 -25.71
C ASP A 176 -13.68 -2.75 -26.05
N THR A 177 -14.13 -2.50 -27.30
CA THR A 177 -15.54 -2.74 -27.69
C THR A 177 -15.71 -4.28 -27.68
N PRO A 178 -16.61 -4.84 -26.86
CA PRO A 178 -16.73 -6.31 -26.78
C PRO A 178 -17.11 -6.99 -28.09
N ASP A 179 -16.45 -8.14 -28.36
CA ASP A 179 -16.70 -9.02 -29.51
C ASP A 179 -16.41 -8.36 -30.88
N ASP A 180 -15.48 -7.41 -30.90
CA ASP A 180 -15.03 -6.70 -32.11
C ASP A 180 -13.94 -7.52 -32.83
N PHE A 181 -14.30 -8.75 -33.27
CA PHE A 181 -13.41 -9.70 -33.96
C PHE A 181 -12.71 -9.13 -35.20
N GLN A 182 -13.36 -8.18 -35.87
CA GLN A 182 -12.83 -7.50 -37.06
C GLN A 182 -11.84 -6.39 -36.69
N LEU A 183 -11.85 -5.98 -35.39
CA LEU A 183 -11.00 -4.91 -34.82
C LEU A 183 -11.25 -3.58 -35.51
N HIS A 184 -12.54 -3.30 -35.74
CA HIS A 184 -13.05 -2.11 -36.39
C HIS A 184 -12.83 -0.89 -35.51
N ASN A 185 -12.91 -1.07 -34.18
CA ASN A 185 -12.72 -0.02 -33.18
C ASN A 185 -11.35 -0.13 -32.50
N PHE A 186 -10.32 -0.57 -33.25
CA PHE A 186 -8.96 -0.62 -32.74
C PHE A 186 -8.39 0.80 -32.85
N SER A 187 -7.89 1.35 -31.73
CA SER A 187 -7.29 2.69 -31.73
C SER A 187 -6.32 2.92 -30.59
N LEU A 188 -5.38 3.83 -30.82
CA LEU A 188 -4.41 4.20 -29.79
C LEU A 188 -5.00 5.29 -28.90
N PRO A 189 -5.02 5.11 -27.56
CA PRO A 189 -5.55 6.17 -26.71
C PRO A 189 -4.47 7.27 -26.51
N GLU A 190 -4.77 8.33 -25.73
CA GLU A 190 -3.77 9.39 -25.46
C GLU A 190 -2.47 8.89 -24.81
N GLU A 191 -2.51 7.77 -24.07
CA GLU A 191 -1.30 7.18 -23.48
C GLU A 191 -0.25 6.93 -24.58
N ASP A 192 -0.69 6.56 -25.79
CA ASP A 192 0.24 6.39 -26.91
C ASP A 192 0.48 7.67 -27.69
N THR A 193 -0.59 8.34 -28.15
CA THR A 193 -0.47 9.49 -29.03
C THR A 193 0.09 10.77 -28.38
N LYS A 194 -0.12 10.96 -27.07
CA LYS A 194 0.29 12.17 -26.35
C LYS A 194 1.46 11.98 -25.43
N LEU A 195 1.68 10.73 -24.98
CA LEU A 195 2.76 10.50 -24.04
C LEU A 195 3.91 9.66 -24.61
N LYS A 196 3.65 8.36 -24.92
CA LYS A 196 4.75 7.46 -25.36
C LYS A 196 5.35 7.81 -26.71
N ILE A 197 4.50 7.95 -27.74
CA ILE A 197 4.91 8.23 -29.12
C ILE A 197 5.70 9.56 -29.22
N PRO A 198 5.21 10.71 -28.69
CA PRO A 198 6.03 11.95 -28.75
C PRO A 198 7.40 11.79 -28.09
N LEU A 199 7.49 11.10 -26.94
CA LEU A 199 8.77 10.89 -26.25
C LEU A 199 9.71 9.96 -27.03
N ILE A 200 9.17 8.89 -27.64
CA ILE A 200 10.00 8.00 -28.47
C ILE A 200 10.60 8.79 -29.64
N HIS A 201 9.78 9.63 -30.33
CA HIS A 201 10.32 10.47 -31.40
C HIS A 201 11.43 11.37 -30.91
N ARG A 202 11.25 12.01 -29.73
CA ARG A 202 12.28 12.89 -29.20
C ARG A 202 13.53 12.13 -28.84
N ALA A 203 13.39 10.89 -28.27
CA ALA A 203 14.56 10.07 -27.97
C ALA A 203 15.35 9.70 -29.25
N LEU A 204 14.65 9.30 -30.37
CA LEU A 204 15.35 8.90 -31.61
C LEU A 204 16.04 10.10 -32.26
N GLN A 205 15.45 11.33 -32.15
CA GLN A 205 16.03 12.57 -32.70
C GLN A 205 17.34 12.94 -32.00
N LEU A 206 17.42 12.66 -30.69
CA LEU A 206 18.60 12.94 -29.87
C LEU A 206 19.65 11.84 -29.95
N ALA A 207 19.26 10.62 -30.37
CA ALA A 207 20.17 9.50 -30.31
C ALA A 207 21.32 9.56 -31.27
N GLN A 208 22.43 9.16 -30.70
CA GLN A 208 23.77 8.99 -31.24
C GLN A 208 23.66 7.88 -32.31
N ARG A 209 23.19 6.72 -31.87
CA ARG A 209 23.08 5.45 -32.57
C ARG A 209 21.66 5.12 -33.06
N PRO A 210 21.50 4.22 -34.06
CA PRO A 210 20.13 3.78 -34.42
C PRO A 210 19.49 3.07 -33.22
N VAL A 211 18.24 3.45 -32.89
CA VAL A 211 17.50 2.92 -31.76
C VAL A 211 16.49 1.86 -32.22
N SER A 212 16.50 0.71 -31.54
CA SER A 212 15.62 -0.43 -31.84
C SER A 212 14.45 -0.49 -30.88
N LEU A 213 13.23 -0.50 -31.40
CA LEU A 213 12.03 -0.57 -30.58
C LEU A 213 11.57 -2.01 -30.43
N LEU A 214 11.23 -2.40 -29.20
CA LEU A 214 10.76 -3.73 -28.83
C LEU A 214 9.35 -3.61 -28.26
N ALA A 215 8.37 -4.31 -28.84
CA ALA A 215 6.99 -4.24 -28.34
C ALA A 215 6.61 -5.51 -27.57
N SER A 216 5.83 -5.37 -26.48
CA SER A 216 5.36 -6.50 -25.70
C SER A 216 3.94 -6.26 -25.18
N PRO A 217 3.03 -7.24 -25.33
CA PRO A 217 1.68 -7.07 -24.78
C PRO A 217 1.57 -7.73 -23.39
N TRP A 218 0.74 -7.15 -22.51
CA TRP A 218 0.50 -7.78 -21.21
C TRP A 218 -0.83 -8.53 -21.28
N THR A 219 -1.90 -7.86 -21.71
CA THR A 219 -3.20 -8.49 -21.87
C THR A 219 -3.79 -8.24 -23.23
N SER A 220 -4.68 -9.13 -23.60
CA SER A 220 -5.48 -8.95 -24.79
C SER A 220 -6.77 -8.26 -24.31
N PRO A 221 -7.64 -7.77 -25.23
CA PRO A 221 -9.00 -7.37 -24.80
C PRO A 221 -9.65 -8.51 -23.98
N THR A 222 -10.45 -8.15 -22.96
CA THR A 222 -11.07 -9.14 -22.04
C THR A 222 -11.99 -10.14 -22.73
N TRP A 223 -12.69 -9.70 -23.78
CA TRP A 223 -13.62 -10.55 -24.55
C TRP A 223 -12.92 -11.65 -25.38
N LEU A 224 -11.60 -11.73 -25.32
CA LEU A 224 -10.82 -12.74 -26.03
C LEU A 224 -10.31 -13.79 -25.06
N LYS A 225 -10.54 -13.57 -23.74
CA LYS A 225 -10.02 -14.36 -22.64
C LYS A 225 -11.01 -15.25 -21.96
N THR A 226 -10.55 -16.36 -21.38
CA THR A 226 -11.42 -17.34 -20.70
C THR A 226 -12.05 -16.75 -19.42
N ASN A 227 -11.33 -15.81 -18.77
CA ASN A 227 -11.78 -15.20 -17.51
C ASN A 227 -12.45 -13.83 -17.65
N GLY A 228 -12.45 -13.27 -18.86
CA GLY A 228 -13.05 -11.96 -19.16
C GLY A 228 -12.56 -10.84 -18.27
N ALA A 229 -11.27 -10.86 -17.91
CA ALA A 229 -10.67 -9.87 -17.03
C ALA A 229 -9.25 -9.59 -17.52
N VAL A 230 -8.69 -8.38 -17.25
CA VAL A 230 -7.34 -8.06 -17.73
C VAL A 230 -6.27 -8.85 -16.95
N ASN A 231 -6.58 -9.21 -15.69
CA ASN A 231 -5.64 -9.87 -14.79
C ASN A 231 -6.20 -11.20 -14.32
N GLY A 232 -5.52 -11.85 -13.38
CA GLY A 232 -5.93 -13.16 -12.87
C GLY A 232 -5.60 -14.25 -13.85
N LYS A 233 -5.89 -15.50 -13.45
CA LYS A 233 -5.59 -16.66 -14.29
C LYS A 233 -6.57 -16.73 -15.45
N GLY A 234 -6.02 -16.75 -16.65
CA GLY A 234 -6.79 -16.83 -17.87
C GLY A 234 -5.94 -16.76 -19.10
N SER A 235 -6.37 -17.48 -20.15
CA SER A 235 -5.69 -17.55 -21.42
C SER A 235 -6.67 -17.07 -22.51
N LEU A 236 -6.23 -17.13 -23.79
CA LEU A 236 -7.12 -16.81 -24.91
C LEU A 236 -8.16 -17.92 -24.93
N LYS A 237 -9.39 -17.60 -25.37
CA LYS A 237 -10.43 -18.61 -25.49
C LYS A 237 -10.08 -19.55 -26.64
N GLY A 238 -10.63 -20.75 -26.58
CA GLY A 238 -10.46 -21.77 -27.61
C GLY A 238 -9.08 -22.36 -27.73
N GLN A 239 -8.62 -22.49 -28.97
CA GLN A 239 -7.35 -23.16 -29.30
C GLN A 239 -6.64 -22.49 -30.50
N PRO A 240 -5.28 -22.60 -30.63
CA PRO A 240 -4.59 -21.99 -31.79
C PRO A 240 -5.19 -22.36 -33.16
N GLY A 241 -5.30 -21.36 -34.03
CA GLY A 241 -5.90 -21.52 -35.36
C GLY A 241 -7.34 -21.04 -35.44
N ASP A 242 -7.99 -20.81 -34.27
CA ASP A 242 -9.41 -20.42 -34.23
C ASP A 242 -9.62 -18.90 -34.30
N ILE A 243 -10.89 -18.44 -34.26
CA ILE A 243 -11.25 -17.05 -34.37
C ILE A 243 -10.55 -16.14 -33.31
N TYR A 244 -10.50 -16.59 -32.03
CA TYR A 244 -9.91 -15.83 -30.92
C TYR A 244 -8.41 -15.64 -31.12
N HIS A 245 -7.69 -16.71 -31.51
CA HIS A 245 -6.25 -16.68 -31.71
C HIS A 245 -5.87 -15.89 -32.96
N GLN A 246 -6.74 -15.94 -33.99
CA GLN A 246 -6.56 -15.21 -35.25
C GLN A 246 -6.77 -13.70 -35.04
N THR A 247 -7.76 -13.32 -34.20
CA THR A 247 -8.05 -11.92 -33.84
C THR A 247 -6.84 -11.38 -33.05
N TRP A 248 -6.37 -12.16 -32.06
CA TRP A 248 -5.23 -11.73 -31.25
C TRP A 248 -3.95 -11.50 -32.06
N ALA A 249 -3.64 -12.39 -33.02
CA ALA A 249 -2.47 -12.22 -33.90
C ALA A 249 -2.64 -10.96 -34.79
N ARG A 250 -3.89 -10.67 -35.24
CA ARG A 250 -4.21 -9.50 -36.07
C ARG A 250 -4.06 -8.20 -35.28
N TYR A 251 -4.29 -8.26 -33.96
CA TYR A 251 -4.16 -7.14 -33.03
C TYR A 251 -2.73 -6.66 -33.05
N PHE A 252 -1.76 -7.60 -33.19
CA PHE A 252 -0.33 -7.27 -33.26
C PHE A 252 -0.07 -6.49 -34.53
N VAL A 253 -0.69 -6.90 -35.68
CA VAL A 253 -0.54 -6.20 -36.96
C VAL A 253 -1.18 -4.80 -36.87
N LYS A 254 -2.36 -4.71 -36.23
CA LYS A 254 -3.04 -3.43 -35.99
C LYS A 254 -2.18 -2.50 -35.15
N PHE A 255 -1.52 -3.03 -34.10
CA PHE A 255 -0.63 -2.25 -33.25
C PHE A 255 0.52 -1.68 -34.07
N LEU A 256 1.18 -2.56 -34.85
CA LEU A 256 2.30 -2.21 -35.70
C LEU A 256 1.89 -1.22 -36.80
N ASP A 257 0.66 -1.36 -37.37
CA ASP A 257 0.10 -0.44 -38.37
C ASP A 257 -0.06 0.95 -37.76
N ALA A 258 -0.69 1.02 -36.57
CA ALA A 258 -0.96 2.27 -35.86
C ALA A 258 0.31 3.02 -35.49
N TYR A 259 1.37 2.29 -35.12
CA TYR A 259 2.67 2.91 -34.81
C TYR A 259 3.38 3.35 -36.08
N ALA A 260 3.21 2.61 -37.20
CA ALA A 260 3.79 2.94 -38.51
C ALA A 260 3.16 4.22 -39.07
N GLU A 261 1.87 4.47 -38.75
CA GLU A 261 1.15 5.70 -39.17
C GLU A 261 1.70 6.90 -38.40
N HIS A 262 2.36 6.62 -37.27
CA HIS A 262 3.03 7.62 -36.43
C HIS A 262 4.52 7.65 -36.66
N LYS A 263 4.99 7.06 -37.77
CA LYS A 263 6.39 7.03 -38.23
C LYS A 263 7.31 6.29 -37.25
N LEU A 264 6.78 5.26 -36.62
CA LEU A 264 7.58 4.43 -35.71
C LEU A 264 7.57 2.99 -36.23
N GLN A 265 8.77 2.41 -36.36
CA GLN A 265 9.00 1.04 -36.84
C GLN A 265 9.60 0.22 -35.73
N PHE A 266 9.13 -1.03 -35.56
CA PHE A 266 9.70 -1.87 -34.52
C PHE A 266 10.76 -2.79 -35.03
N TRP A 267 11.77 -3.05 -34.17
CA TRP A 267 12.83 -4.02 -34.41
C TRP A 267 12.27 -5.41 -34.10
N ALA A 268 11.58 -5.55 -32.97
CA ALA A 268 11.04 -6.83 -32.54
C ALA A 268 9.79 -6.69 -31.71
N VAL A 269 9.07 -7.82 -31.55
CA VAL A 269 7.92 -7.95 -30.66
C VAL A 269 8.14 -9.23 -29.87
N THR A 270 7.62 -9.30 -28.64
CA THR A 270 7.64 -10.54 -27.89
C THR A 270 6.26 -11.19 -28.05
N ALA A 271 6.20 -12.52 -27.98
CA ALA A 271 4.94 -13.28 -28.13
C ALA A 271 3.92 -13.04 -27.01
N GLU A 272 4.38 -12.51 -25.83
CA GLU A 272 3.59 -12.19 -24.65
C GLU A 272 4.54 -11.82 -23.52
N ASN A 273 4.22 -10.78 -22.74
CA ASN A 273 5.02 -10.49 -21.54
C ASN A 273 4.67 -11.56 -20.48
N GLU A 274 5.68 -12.18 -19.84
CA GLU A 274 5.50 -13.16 -18.74
C GLU A 274 4.30 -14.11 -18.94
N PRO A 275 4.28 -14.91 -20.03
CA PRO A 275 3.14 -15.80 -20.27
C PRO A 275 2.83 -16.74 -19.13
N SER A 276 3.84 -17.13 -18.32
CA SER A 276 3.62 -18.03 -17.17
C SER A 276 2.81 -17.35 -16.05
N ALA A 277 2.82 -16.00 -15.96
CA ALA A 277 2.05 -15.25 -14.98
C ALA A 277 0.55 -15.46 -15.13
N GLY A 278 0.06 -15.56 -16.37
CA GLY A 278 -1.36 -15.76 -16.65
C GLY A 278 -1.89 -17.14 -16.29
N LEU A 279 -0.98 -18.04 -15.84
CA LEU A 279 -1.37 -19.39 -15.41
C LEU A 279 -1.57 -19.42 -13.90
N LEU A 280 -1.29 -18.31 -13.20
CA LEU A 280 -1.40 -18.24 -11.73
C LEU A 280 -2.71 -17.63 -11.25
N SER A 281 -3.46 -18.35 -10.41
CA SER A 281 -4.71 -17.84 -9.85
C SER A 281 -4.38 -16.62 -8.98
N GLY A 282 -5.17 -15.57 -9.15
CA GLY A 282 -4.98 -14.32 -8.44
C GLY A 282 -3.85 -13.43 -8.93
N TYR A 283 -3.26 -13.72 -10.13
CA TYR A 283 -2.20 -12.84 -10.64
C TYR A 283 -2.71 -11.40 -10.75
N PRO A 284 -2.06 -10.43 -10.06
CA PRO A 284 -2.68 -9.10 -9.93
C PRO A 284 -2.52 -8.15 -11.10
N PHE A 285 -1.54 -8.38 -12.00
CA PHE A 285 -1.31 -7.42 -13.09
C PHE A 285 -1.91 -7.94 -14.39
N GLN A 286 -2.07 -7.03 -15.39
CA GLN A 286 -2.54 -7.42 -16.73
C GLN A 286 -1.66 -8.59 -17.20
N CYS A 287 -2.29 -9.66 -17.68
CA CYS A 287 -1.56 -10.86 -18.10
C CYS A 287 -2.39 -11.65 -19.10
N LEU A 288 -1.79 -12.65 -19.74
CA LEU A 288 -2.46 -13.53 -20.71
C LEU A 288 -1.64 -14.83 -20.68
N GLY A 289 -2.22 -15.84 -20.05
CA GLY A 289 -1.56 -17.10 -19.82
C GLY A 289 -1.34 -17.99 -21.01
N PHE A 290 -0.09 -18.50 -21.14
CA PHE A 290 0.30 -19.49 -22.15
C PHE A 290 1.21 -20.51 -21.48
N THR A 291 0.93 -21.80 -21.69
CA THR A 291 1.88 -22.84 -21.25
C THR A 291 2.93 -22.79 -22.40
N PRO A 292 4.12 -23.44 -22.30
CA PRO A 292 5.03 -23.46 -23.47
C PRO A 292 4.36 -24.11 -24.72
N GLU A 293 3.53 -25.16 -24.53
CA GLU A 293 2.85 -25.81 -25.67
C GLU A 293 1.88 -24.83 -26.36
N HIS A 294 1.14 -24.07 -25.56
CA HIS A 294 0.18 -23.07 -26.08
C HIS A 294 0.94 -21.96 -26.84
N GLN A 295 2.05 -21.46 -26.26
CA GLN A 295 2.87 -20.45 -26.93
C GLN A 295 3.39 -21.03 -28.24
N ARG A 296 3.98 -22.23 -28.20
CA ARG A 296 4.45 -22.95 -29.39
C ARG A 296 3.38 -23.00 -30.50
N ASP A 297 2.16 -23.46 -30.17
CA ASP A 297 1.08 -23.61 -31.16
C ASP A 297 0.51 -22.27 -31.67
N PHE A 298 0.39 -21.27 -30.80
CA PHE A 298 -0.07 -19.92 -31.17
C PHE A 298 0.90 -19.28 -32.16
N ILE A 299 2.23 -19.41 -31.93
CA ILE A 299 3.27 -18.88 -32.83
C ILE A 299 3.15 -19.58 -34.20
N ALA A 300 3.10 -20.94 -34.24
CA ALA A 300 3.05 -21.71 -35.47
C ALA A 300 1.81 -21.48 -36.32
N ARG A 301 0.63 -21.46 -35.68
CA ARG A 301 -0.66 -21.35 -36.37
C ARG A 301 -1.16 -19.93 -36.58
N ASP A 302 -0.84 -19.00 -35.66
CA ASP A 302 -1.42 -17.67 -35.72
C ASP A 302 -0.42 -16.53 -35.82
N LEU A 303 0.35 -16.25 -34.76
CA LEU A 303 1.26 -15.09 -34.75
C LEU A 303 2.31 -15.10 -35.86
N GLY A 304 3.03 -16.19 -35.99
CA GLY A 304 4.06 -16.35 -37.01
C GLY A 304 3.55 -16.10 -38.42
N PRO A 305 2.54 -16.87 -38.90
CA PRO A 305 2.01 -16.64 -40.26
C PRO A 305 1.35 -15.28 -40.47
N THR A 306 0.69 -14.72 -39.44
CA THR A 306 0.05 -13.40 -39.54
C THR A 306 1.12 -12.33 -39.71
N LEU A 307 2.23 -12.43 -38.94
CA LEU A 307 3.33 -11.48 -39.05
C LEU A 307 4.04 -11.58 -40.39
N ALA A 308 4.35 -12.81 -40.82
CA ALA A 308 5.02 -13.08 -42.11
C ALA A 308 4.21 -12.62 -43.32
N ASN A 309 2.87 -12.70 -43.26
CA ASN A 309 2.00 -12.30 -44.38
C ASN A 309 1.58 -10.82 -44.32
N SER A 310 2.21 -10.02 -43.45
CA SER A 310 1.95 -8.59 -43.31
C SER A 310 3.15 -7.78 -43.85
N THR A 311 2.97 -6.45 -43.96
CA THR A 311 4.03 -5.50 -44.38
C THR A 311 5.13 -5.40 -43.28
N HIS A 312 4.89 -6.00 -42.11
CA HIS A 312 5.80 -6.00 -40.95
C HIS A 312 6.52 -7.33 -40.78
N HIS A 313 6.68 -8.09 -41.88
CA HIS A 313 7.38 -9.38 -41.89
C HIS A 313 8.83 -9.29 -41.41
N ASN A 314 9.48 -8.10 -41.53
CA ASN A 314 10.88 -7.91 -41.06
C ASN A 314 10.99 -7.75 -39.54
N VAL A 315 9.86 -7.50 -38.85
CA VAL A 315 9.84 -7.36 -37.38
C VAL A 315 10.21 -8.73 -36.80
N ARG A 316 11.17 -8.77 -35.85
CA ARG A 316 11.62 -10.02 -35.23
C ARG A 316 10.64 -10.49 -34.17
N LEU A 317 10.49 -11.80 -34.00
CA LEU A 317 9.63 -12.34 -32.97
C LEU A 317 10.50 -12.98 -31.91
N LEU A 318 10.31 -12.55 -30.65
CA LEU A 318 11.01 -13.12 -29.51
C LEU A 318 10.01 -13.90 -28.69
N MET A 319 10.40 -15.12 -28.29
CA MET A 319 9.57 -15.97 -27.45
C MET A 319 9.97 -15.78 -25.96
N LEU A 320 9.22 -16.44 -25.06
CA LEU A 320 9.40 -16.49 -23.61
C LEU A 320 9.06 -15.16 -22.94
N ASP A 321 9.98 -14.17 -22.93
CA ASP A 321 9.81 -12.86 -22.27
C ASP A 321 9.37 -13.10 -20.79
N ASP A 322 10.10 -13.99 -20.12
CA ASP A 322 9.81 -14.46 -18.78
C ASP A 322 11.08 -14.90 -18.07
N GLN A 323 10.94 -15.44 -16.86
CA GLN A 323 12.07 -15.85 -16.00
C GLN A 323 12.94 -16.94 -16.62
N ARG A 324 14.28 -16.87 -16.43
CA ARG A 324 15.16 -17.86 -17.03
C ARG A 324 15.06 -19.24 -16.37
N LEU A 325 14.37 -19.34 -15.22
CA LEU A 325 14.09 -20.61 -14.54
C LEU A 325 13.22 -21.50 -15.48
N LEU A 326 12.52 -20.90 -16.45
CA LEU A 326 11.70 -21.63 -17.44
C LEU A 326 12.56 -22.20 -18.59
N LEU A 327 13.89 -22.01 -18.51
CA LEU A 327 14.85 -22.50 -19.50
C LEU A 327 15.70 -23.63 -18.97
N PRO A 328 16.14 -24.56 -19.83
CA PRO A 328 15.86 -24.64 -21.28
C PRO A 328 14.49 -25.22 -21.67
N HIS A 329 13.65 -25.64 -20.71
CA HIS A 329 12.39 -26.35 -21.06
C HIS A 329 11.51 -25.60 -22.07
N TRP A 330 11.26 -24.28 -21.87
CA TRP A 330 10.41 -23.52 -22.81
C TRP A 330 11.00 -23.44 -24.21
N ALA A 331 12.31 -23.27 -24.32
CA ALA A 331 12.97 -23.22 -25.61
C ALA A 331 12.84 -24.59 -26.30
N LYS A 332 13.05 -25.70 -25.57
CA LYS A 332 12.89 -27.05 -26.14
C LYS A 332 11.48 -27.30 -26.68
N VAL A 333 10.43 -26.92 -25.93
CA VAL A 333 9.04 -27.12 -26.38
C VAL A 333 8.75 -26.36 -27.67
N VAL A 334 9.13 -25.09 -27.73
CA VAL A 334 8.83 -24.23 -28.87
C VAL A 334 9.74 -24.53 -30.07
N LEU A 335 11.05 -24.55 -29.86
CA LEU A 335 12.05 -24.66 -30.91
C LEU A 335 12.29 -26.05 -31.48
N THR A 336 11.73 -27.13 -30.85
CA THR A 336 11.82 -28.46 -31.45
C THR A 336 10.67 -28.66 -32.45
N ASP A 337 9.70 -27.71 -32.49
CA ASP A 337 8.61 -27.76 -33.48
C ASP A 337 9.05 -26.85 -34.65
N PRO A 338 9.41 -27.40 -35.84
CA PRO A 338 9.88 -26.54 -36.95
C PRO A 338 8.88 -25.50 -37.47
N GLU A 339 7.57 -25.76 -37.34
CA GLU A 339 6.50 -24.85 -37.73
C GLU A 339 6.48 -23.61 -36.82
N ALA A 340 6.93 -23.76 -35.56
CA ALA A 340 7.03 -22.67 -34.59
C ALA A 340 8.40 -22.02 -34.69
N ALA A 341 9.48 -22.86 -34.68
CA ALA A 341 10.89 -22.46 -34.73
C ALA A 341 11.24 -21.54 -35.88
N LYS A 342 10.57 -21.73 -37.06
CA LYS A 342 10.82 -20.91 -38.24
C LYS A 342 10.42 -19.43 -38.10
N TYR A 343 9.59 -19.10 -37.09
CA TYR A 343 9.16 -17.73 -36.84
C TYR A 343 9.87 -17.07 -35.69
N VAL A 344 10.59 -17.86 -34.86
CA VAL A 344 11.25 -17.37 -33.63
C VAL A 344 12.73 -16.98 -33.86
N HIS A 345 13.02 -15.68 -33.69
CA HIS A 345 14.36 -15.12 -33.85
C HIS A 345 15.20 -15.23 -32.57
N GLY A 346 14.55 -15.05 -31.43
CA GLY A 346 15.23 -15.06 -30.14
C GLY A 346 14.35 -15.39 -28.97
N ILE A 347 15.00 -15.46 -27.79
CA ILE A 347 14.43 -15.78 -26.49
C ILE A 347 14.68 -14.62 -25.55
N ALA A 348 13.59 -14.00 -25.10
CA ALA A 348 13.60 -12.87 -24.19
C ALA A 348 13.50 -13.37 -22.74
N VAL A 349 14.41 -12.88 -21.86
CA VAL A 349 14.45 -13.28 -20.44
C VAL A 349 14.28 -12.08 -19.49
N HIS A 350 13.57 -12.31 -18.36
CA HIS A 350 13.38 -11.32 -17.29
C HIS A 350 14.28 -11.78 -16.14
N TRP A 351 14.79 -10.85 -15.33
CA TRP A 351 15.80 -11.20 -14.34
C TRP A 351 15.33 -11.66 -12.95
N TYR A 352 14.03 -11.66 -12.66
CA TYR A 352 13.53 -11.81 -11.28
C TYR A 352 13.96 -13.07 -10.54
N LEU A 353 14.19 -14.20 -11.26
CA LEU A 353 14.57 -15.44 -10.54
C LEU A 353 15.98 -15.86 -10.83
N ASP A 354 16.82 -14.91 -11.33
CA ASP A 354 18.21 -15.24 -11.68
C ASP A 354 18.97 -15.86 -10.53
N PHE A 355 18.74 -15.38 -9.30
CA PHE A 355 19.37 -15.91 -8.08
C PHE A 355 18.96 -17.36 -7.77
N LEU A 356 17.87 -17.85 -8.40
CA LEU A 356 17.40 -19.22 -8.19
C LEU A 356 17.64 -20.12 -9.42
N ALA A 357 18.18 -19.55 -10.51
CA ALA A 357 18.32 -20.24 -11.78
C ALA A 357 19.75 -20.06 -12.30
N PRO A 358 20.67 -21.00 -11.93
CA PRO A 358 22.08 -20.84 -12.33
C PRO A 358 22.22 -20.62 -13.82
N ALA A 359 22.98 -19.56 -14.18
CA ALA A 359 23.15 -19.17 -15.57
C ALA A 359 23.57 -20.32 -16.49
N LYS A 360 24.52 -21.15 -16.04
CA LYS A 360 25.03 -22.26 -16.84
C LYS A 360 23.95 -23.28 -17.24
N ALA A 361 23.05 -23.59 -16.29
CA ALA A 361 21.98 -24.57 -16.48
C ALA A 361 20.81 -24.02 -17.30
N THR A 362 20.67 -22.69 -17.35
CA THR A 362 19.54 -22.05 -18.02
C THR A 362 20.00 -21.43 -19.31
N LEU A 363 20.69 -20.28 -19.24
CA LEU A 363 21.20 -19.62 -20.46
C LEU A 363 22.22 -20.50 -21.21
N GLY A 364 23.19 -21.07 -20.49
CA GLY A 364 24.26 -21.85 -21.07
C GLY A 364 23.74 -23.07 -21.81
N GLU A 365 22.85 -23.82 -21.16
CA GLU A 365 22.27 -25.02 -21.76
C GLU A 365 21.35 -24.66 -22.95
N THR A 366 20.58 -23.56 -22.85
CA THR A 366 19.72 -23.08 -23.95
C THR A 366 20.56 -22.74 -25.17
N HIS A 367 21.70 -22.05 -24.95
CA HIS A 367 22.61 -21.71 -26.04
C HIS A 367 23.22 -22.97 -26.63
N ARG A 368 23.65 -23.93 -25.79
CA ARG A 368 24.25 -25.17 -26.30
C ARG A 368 23.30 -25.89 -27.25
N LEU A 369 22.01 -25.97 -26.84
CA LEU A 369 20.96 -26.63 -27.58
C LEU A 369 20.52 -25.86 -28.83
N PHE A 370 20.35 -24.53 -28.72
CA PHE A 370 19.89 -23.68 -29.82
C PHE A 370 20.89 -22.52 -30.02
N PRO A 371 22.08 -22.80 -30.56
CA PRO A 371 23.10 -21.74 -30.71
C PRO A 371 22.76 -20.62 -31.68
N ASN A 372 21.82 -20.87 -32.60
CA ASN A 372 21.43 -19.89 -33.60
C ASN A 372 20.27 -18.99 -33.18
N THR A 373 19.68 -19.23 -31.99
CA THR A 373 18.58 -18.45 -31.44
C THR A 373 19.13 -17.59 -30.34
N MET A 374 19.20 -16.28 -30.59
CA MET A 374 19.76 -15.32 -29.66
C MET A 374 18.98 -15.26 -28.31
N LEU A 375 19.71 -14.99 -27.23
CA LEU A 375 19.20 -14.78 -25.87
C LEU A 375 19.27 -13.27 -25.62
N PHE A 376 18.16 -12.67 -25.14
CA PHE A 376 18.06 -11.24 -24.91
C PHE A 376 17.37 -10.96 -23.55
N ALA A 377 17.99 -10.14 -22.67
CA ALA A 377 17.41 -9.78 -21.37
C ALA A 377 16.49 -8.57 -21.60
N SER A 378 15.17 -8.79 -21.48
CA SER A 378 14.17 -7.78 -21.84
C SER A 378 13.53 -7.01 -20.69
N GLU A 379 13.78 -7.39 -19.41
CA GLU A 379 13.19 -6.66 -18.27
C GLU A 379 13.89 -6.92 -16.98
N ALA A 380 14.11 -5.86 -16.20
CA ALA A 380 14.70 -5.89 -14.88
C ALA A 380 14.32 -4.64 -14.10
N CYS A 381 14.07 -4.79 -12.78
CA CYS A 381 13.89 -3.71 -11.83
C CYS A 381 14.13 -4.24 -10.41
N VAL A 382 14.53 -3.34 -9.51
CA VAL A 382 14.70 -3.67 -8.08
C VAL A 382 13.53 -3.02 -7.33
N GLY A 383 13.33 -3.44 -6.08
CA GLY A 383 12.35 -2.81 -5.22
C GLY A 383 10.99 -3.47 -5.12
N SER A 384 10.75 -4.58 -5.85
CA SER A 384 9.42 -5.24 -5.91
C SER A 384 9.14 -6.26 -4.80
N LYS A 385 10.17 -6.68 -4.06
CA LYS A 385 9.96 -7.68 -3.00
C LYS A 385 9.12 -7.08 -1.88
N PHE A 386 8.37 -7.91 -1.12
CA PHE A 386 7.33 -7.42 -0.20
C PHE A 386 7.80 -6.40 0.85
N TRP A 387 9.02 -6.51 1.34
CA TRP A 387 9.51 -5.65 2.42
C TRP A 387 10.32 -4.46 1.88
N GLU A 388 10.61 -4.46 0.55
CA GLU A 388 11.55 -3.48 -0.02
C GLU A 388 11.03 -2.07 -0.11
N GLN A 389 11.92 -1.14 0.16
CA GLN A 389 11.58 0.26 0.02
C GLN A 389 11.59 0.41 -1.49
N SER A 390 10.54 1.00 -2.03
CA SER A 390 10.38 1.14 -3.48
C SER A 390 11.56 1.88 -4.13
N VAL A 391 11.83 3.10 -3.67
CA VAL A 391 12.93 3.94 -4.16
C VAL A 391 13.91 4.14 -3.03
N ARG A 392 15.20 3.86 -3.29
CA ARG A 392 16.26 4.07 -2.30
C ARG A 392 17.23 4.98 -2.95
N LEU A 393 16.95 6.31 -2.87
CA LEU A 393 17.80 7.28 -3.56
C LEU A 393 19.31 7.18 -3.22
N GLY A 394 20.10 6.80 -4.19
CA GLY A 394 21.55 6.69 -4.02
C GLY A 394 22.02 5.31 -3.63
N SER A 395 21.15 4.29 -3.71
CA SER A 395 21.55 2.90 -3.37
C SER A 395 22.70 2.34 -4.26
N TRP A 396 23.90 2.10 -3.69
CA TRP A 396 25.00 1.49 -4.44
C TRP A 396 24.66 -0.01 -4.67
N ASP A 397 24.02 -0.63 -3.68
CA ASP A 397 23.59 -2.05 -3.76
C ASP A 397 22.74 -2.26 -5.02
N ARG A 398 21.77 -1.36 -5.29
CA ARG A 398 20.90 -1.52 -6.46
C ARG A 398 21.70 -1.33 -7.76
N GLY A 399 22.65 -0.39 -7.79
CA GLY A 399 23.52 -0.27 -8.96
C GLY A 399 24.31 -1.56 -9.18
N MET A 400 24.92 -2.10 -8.12
CA MET A 400 25.71 -3.34 -8.23
C MET A 400 24.87 -4.52 -8.72
N GLN A 401 23.61 -4.57 -8.32
CA GLN A 401 22.72 -5.65 -8.78
C GLN A 401 22.60 -5.58 -10.31
N TYR A 402 22.46 -4.34 -10.87
CA TYR A 402 22.37 -4.15 -12.33
C TYR A 402 23.62 -4.58 -13.05
N SER A 403 24.80 -4.09 -12.64
CA SER A 403 26.01 -4.45 -13.35
C SER A 403 26.39 -5.93 -13.15
N HIS A 404 26.13 -6.53 -11.98
CA HIS A 404 26.38 -7.96 -11.79
C HIS A 404 25.51 -8.76 -12.79
N SER A 405 24.25 -8.37 -12.95
CA SER A 405 23.30 -9.05 -13.85
C SER A 405 23.76 -8.95 -15.30
N ILE A 406 24.14 -7.73 -15.71
CA ILE A 406 24.56 -7.47 -17.09
C ILE A 406 25.81 -8.31 -17.40
N ILE A 407 26.79 -8.31 -16.48
CA ILE A 407 28.02 -9.09 -16.70
C ILE A 407 27.69 -10.59 -16.83
N THR A 408 26.96 -11.15 -15.87
CA THR A 408 26.64 -12.58 -15.94
C THR A 408 25.94 -12.94 -17.27
N ASN A 409 24.96 -12.12 -17.67
CA ASN A 409 24.23 -12.31 -18.92
C ASN A 409 25.20 -12.29 -20.11
N LEU A 410 26.10 -11.28 -20.15
CA LEU A 410 27.10 -11.23 -21.24
C LEU A 410 28.04 -12.45 -21.25
N LEU A 411 28.39 -13.00 -20.07
CA LEU A 411 29.26 -14.18 -19.95
C LEU A 411 28.55 -15.46 -20.36
N TYR A 412 27.20 -15.38 -20.47
CA TYR A 412 26.36 -16.49 -20.86
C TYR A 412 25.54 -16.21 -22.10
N HIS A 413 26.22 -15.62 -23.14
CA HIS A 413 25.74 -15.47 -24.54
C HIS A 413 24.60 -14.47 -24.78
N VAL A 414 24.20 -13.72 -23.76
CA VAL A 414 23.08 -12.78 -23.91
C VAL A 414 23.51 -11.57 -24.73
N VAL A 415 22.66 -11.16 -25.68
CA VAL A 415 23.04 -10.11 -26.63
C VAL A 415 22.61 -8.69 -26.22
N GLY A 416 21.82 -8.55 -25.18
CA GLY A 416 21.36 -7.22 -24.77
C GLY A 416 20.68 -7.26 -23.43
N TRP A 417 20.47 -6.09 -22.82
CA TRP A 417 19.90 -6.01 -21.47
C TRP A 417 19.02 -4.78 -21.44
N THR A 418 17.79 -4.96 -20.99
CA THR A 418 16.80 -3.90 -20.96
C THR A 418 16.27 -3.65 -19.58
N ASP A 419 16.37 -2.40 -19.16
CA ASP A 419 15.80 -2.00 -17.89
C ASP A 419 14.26 -1.90 -18.08
N TRP A 420 13.55 -1.73 -16.96
CA TRP A 420 12.11 -1.52 -16.95
C TRP A 420 11.89 0.00 -17.02
N ASN A 421 10.94 0.58 -16.26
CA ASN A 421 10.60 2.01 -16.31
C ASN A 421 11.82 2.90 -16.48
N LEU A 422 11.82 3.71 -17.53
CA LEU A 422 12.91 4.70 -17.74
C LEU A 422 12.93 5.76 -16.62
N ALA A 423 11.74 6.04 -16.02
CA ALA A 423 11.65 7.01 -14.92
C ALA A 423 10.47 6.75 -14.02
N LEU A 424 10.60 7.02 -12.73
CA LEU A 424 9.48 6.91 -11.78
C LEU A 424 9.55 8.09 -10.86
N ASN A 425 8.45 8.34 -10.11
CA ASN A 425 8.44 9.44 -9.15
C ASN A 425 9.13 8.97 -7.82
N PRO A 426 9.29 9.83 -6.78
CA PRO A 426 9.98 9.37 -5.55
C PRO A 426 9.30 8.24 -4.77
N GLU A 427 8.03 7.93 -5.08
CA GLU A 427 7.26 6.84 -4.45
C GLU A 427 7.42 5.54 -5.27
N GLY A 428 8.04 5.63 -6.45
CA GLY A 428 8.23 4.49 -7.32
C GLY A 428 7.00 4.19 -8.16
N GLY A 429 6.25 5.23 -8.50
CA GLY A 429 5.04 5.13 -9.30
C GLY A 429 4.95 6.18 -10.40
N PRO A 430 3.72 6.44 -10.92
CA PRO A 430 2.46 5.83 -10.50
C PRO A 430 2.29 4.41 -11.00
N ASN A 431 1.30 3.73 -10.46
CA ASN A 431 0.99 2.34 -10.80
C ASN A 431 -0.48 2.15 -10.37
N TRP A 432 -1.29 1.47 -11.18
CA TRP A 432 -2.71 1.28 -10.84
C TRP A 432 -2.91 0.19 -9.78
N VAL A 433 -1.85 -0.61 -9.47
CA VAL A 433 -1.95 -1.73 -8.50
C VAL A 433 -1.02 -1.65 -7.26
N ARG A 434 -0.43 -0.49 -6.97
CA ARG A 434 0.43 -0.27 -5.77
C ARG A 434 1.68 -1.14 -5.78
N ASN A 435 2.11 -1.46 -6.97
CA ASN A 435 3.34 -2.16 -7.07
C ASN A 435 4.32 -1.00 -7.35
N PHE A 436 5.08 -0.58 -6.35
CA PHE A 436 6.00 0.54 -6.55
C PHE A 436 7.40 0.00 -6.50
N VAL A 437 8.25 0.44 -7.46
CA VAL A 437 9.62 -0.10 -7.58
C VAL A 437 10.63 1.02 -7.82
N ASP A 438 11.92 0.66 -8.05
CA ASP A 438 12.94 1.69 -8.26
C ASP A 438 13.18 1.86 -9.75
N SER A 439 13.89 2.93 -10.10
CA SER A 439 14.22 3.23 -11.49
C SER A 439 15.54 4.01 -11.50
N PRO A 440 16.36 3.87 -12.56
CA PRO A 440 17.65 4.62 -12.64
C PRO A 440 17.46 6.14 -12.61
N ILE A 441 16.29 6.64 -13.04
CA ILE A 441 15.99 8.09 -12.95
C ILE A 441 14.73 8.31 -12.15
N ILE A 442 14.85 9.14 -11.11
CA ILE A 442 13.69 9.52 -10.27
C ILE A 442 13.33 10.98 -10.53
N VAL A 443 12.07 11.23 -10.88
CA VAL A 443 11.56 12.56 -11.21
C VAL A 443 10.85 13.12 -9.98
N ASP A 444 11.22 14.34 -9.58
CA ASP A 444 10.60 15.08 -8.48
C ASP A 444 9.88 16.28 -9.16
N ILE A 445 8.59 16.10 -9.54
CA ILE A 445 7.78 17.13 -10.24
C ILE A 445 7.69 18.44 -9.50
N THR A 446 7.42 18.42 -8.18
CA THR A 446 7.31 19.66 -7.40
C THR A 446 8.60 20.48 -7.43
N LYS A 447 9.75 19.81 -7.64
CA LYS A 447 11.02 20.54 -7.66
C LYS A 447 11.57 20.78 -9.06
N ASP A 448 10.86 20.31 -10.12
CA ASP A 448 11.37 20.35 -11.52
C ASP A 448 12.79 19.82 -11.58
N THR A 449 13.00 18.70 -10.90
CA THR A 449 14.30 18.07 -10.69
C THR A 449 14.19 16.56 -10.96
N PHE A 450 15.28 15.95 -11.43
CA PHE A 450 15.39 14.50 -11.56
C PHE A 450 16.74 14.03 -11.01
N TYR A 451 16.75 12.82 -10.43
CA TYR A 451 17.93 12.24 -9.79
C TYR A 451 18.42 11.02 -10.58
N LYS A 452 19.71 11.00 -10.87
CA LYS A 452 20.33 9.88 -11.59
C LYS A 452 21.01 9.01 -10.55
N GLN A 453 20.43 7.83 -10.37
CA GLN A 453 20.82 6.85 -9.37
C GLN A 453 22.09 6.09 -9.74
N PRO A 454 22.77 5.38 -8.79
CA PRO A 454 23.88 4.48 -9.17
C PRO A 454 23.51 3.48 -10.28
N MET A 455 22.24 2.99 -10.34
CA MET A 455 21.82 2.08 -11.44
C MET A 455 22.05 2.71 -12.82
N PHE A 456 21.80 4.04 -12.94
CA PHE A 456 21.98 4.77 -14.19
C PHE A 456 23.44 4.59 -14.66
N TYR A 457 24.39 4.89 -13.75
CA TYR A 457 25.82 4.82 -14.03
C TYR A 457 26.31 3.39 -14.21
N HIS A 458 25.81 2.44 -13.38
CA HIS A 458 26.19 1.04 -13.56
C HIS A 458 25.77 0.54 -14.93
N LEU A 459 24.53 0.89 -15.38
CA LEU A 459 24.06 0.57 -16.71
C LEU A 459 24.90 1.28 -17.82
N GLY A 460 25.20 2.56 -17.61
CA GLY A 460 26.00 3.34 -18.56
C GLY A 460 27.41 2.81 -18.76
N HIS A 461 28.02 2.18 -17.75
CA HIS A 461 29.35 1.56 -17.87
C HIS A 461 29.36 0.52 -19.00
N PHE A 462 28.16 0.00 -19.37
CA PHE A 462 27.95 -0.95 -20.48
C PHE A 462 27.39 -0.24 -21.69
N SER A 463 26.20 0.39 -21.57
CA SER A 463 25.51 1.03 -22.72
C SER A 463 26.34 2.04 -23.46
N LYS A 464 27.09 2.88 -22.74
CA LYS A 464 27.87 3.92 -23.42
C LYS A 464 29.03 3.37 -24.23
N PHE A 465 29.62 2.28 -23.76
CA PHE A 465 30.86 1.73 -24.32
C PHE A 465 30.76 0.44 -25.09
N ILE A 466 29.56 -0.12 -25.26
CA ILE A 466 29.42 -1.39 -25.99
C ILE A 466 28.36 -1.17 -27.07
N PRO A 467 28.76 -0.58 -28.22
CA PRO A 467 27.78 -0.34 -29.28
C PRO A 467 27.28 -1.63 -29.93
N GLU A 468 26.18 -1.53 -30.68
CA GLU A 468 25.60 -2.66 -31.39
C GLU A 468 26.65 -3.24 -32.36
N GLY A 469 26.79 -4.55 -32.38
CA GLY A 469 27.78 -5.18 -33.24
C GLY A 469 29.08 -5.48 -32.51
N SER A 470 29.23 -5.02 -31.24
CA SER A 470 30.41 -5.36 -30.41
C SER A 470 30.33 -6.89 -30.14
N GLN A 471 31.46 -7.53 -30.00
CA GLN A 471 31.46 -8.97 -29.79
C GLN A 471 32.17 -9.33 -28.54
N ARG A 472 31.53 -10.16 -27.74
CA ARG A 472 32.14 -10.66 -26.52
C ARG A 472 33.32 -11.57 -26.89
N VAL A 473 34.43 -11.40 -26.19
CA VAL A 473 35.65 -12.20 -26.46
C VAL A 473 36.11 -12.88 -25.18
N GLY A 474 37.05 -13.82 -25.31
CA GLY A 474 37.59 -14.53 -24.17
C GLY A 474 38.34 -13.62 -23.19
N LEU A 475 38.24 -13.93 -21.90
CA LEU A 475 38.96 -13.20 -20.85
C LEU A 475 39.15 -14.19 -19.72
N VAL A 476 40.37 -14.65 -19.48
CA VAL A 476 40.64 -15.68 -18.47
C VAL A 476 41.35 -15.12 -17.25
N ALA A 477 41.03 -15.61 -16.06
CA ALA A 477 41.69 -15.14 -14.85
C ALA A 477 42.82 -16.09 -14.47
N SER A 478 43.94 -15.56 -13.94
CA SER A 478 45.08 -16.38 -13.52
C SER A 478 44.78 -17.14 -12.20
N GLN A 479 43.85 -16.63 -11.39
CA GLN A 479 43.48 -17.23 -10.11
C GLN A 479 42.07 -16.87 -9.73
N LYS A 480 41.50 -17.59 -8.73
CA LYS A 480 40.15 -17.30 -8.20
C LYS A 480 40.16 -15.90 -7.63
N ASN A 481 39.09 -15.15 -7.88
CA ASN A 481 38.96 -13.77 -7.46
C ASN A 481 37.50 -13.39 -7.24
N ASP A 482 37.29 -12.24 -6.58
CA ASP A 482 35.98 -11.71 -6.23
C ASP A 482 35.42 -10.71 -7.23
N LEU A 483 36.11 -10.52 -8.36
CA LEU A 483 35.65 -9.55 -9.36
C LEU A 483 34.69 -10.15 -10.38
N ASP A 484 33.84 -9.31 -11.00
CA ASP A 484 33.02 -9.69 -12.13
C ASP A 484 33.59 -8.94 -13.32
N ALA A 485 33.97 -9.62 -14.38
CA ALA A 485 34.56 -8.93 -15.53
C ALA A 485 34.13 -9.54 -16.83
N VAL A 486 34.05 -8.71 -17.86
CA VAL A 486 33.74 -9.18 -19.20
C VAL A 486 34.53 -8.33 -20.21
N ALA A 487 34.95 -8.96 -21.31
CA ALA A 487 35.71 -8.29 -22.37
C ALA A 487 34.96 -8.37 -23.67
N LEU A 488 34.98 -7.27 -24.43
CA LEU A 488 34.38 -7.26 -25.76
C LEU A 488 35.25 -6.48 -26.71
N MET A 489 35.00 -6.72 -27.98
CA MET A 489 35.68 -6.01 -29.05
C MET A 489 34.66 -5.19 -29.82
N HIS A 490 34.94 -3.89 -30.02
CA HIS A 490 34.08 -2.99 -30.80
C HIS A 490 34.15 -3.39 -32.25
N PRO A 491 33.12 -3.04 -33.06
CA PRO A 491 33.20 -3.35 -34.51
C PRO A 491 34.52 -2.87 -35.15
N ASP A 492 35.09 -1.73 -34.66
CA ASP A 492 36.35 -1.19 -35.19
C ASP A 492 37.64 -1.93 -34.71
N GLY A 493 37.51 -2.93 -33.82
CA GLY A 493 38.65 -3.71 -33.36
C GLY A 493 39.19 -3.28 -32.00
N SER A 494 38.69 -2.15 -31.46
CA SER A 494 39.13 -1.68 -30.13
C SER A 494 38.52 -2.55 -29.03
N ALA A 495 39.17 -2.55 -27.85
CA ALA A 495 38.80 -3.39 -26.72
C ALA A 495 38.04 -2.64 -25.66
N VAL A 496 37.12 -3.36 -25.00
CA VAL A 496 36.38 -2.86 -23.87
C VAL A 496 36.33 -3.92 -22.80
N VAL A 497 36.73 -3.57 -21.57
CA VAL A 497 36.69 -4.46 -20.42
C VAL A 497 35.95 -3.76 -19.29
N VAL A 498 34.91 -4.43 -18.77
CA VAL A 498 34.19 -3.91 -17.62
C VAL A 498 34.60 -4.75 -16.43
N VAL A 499 34.96 -4.10 -15.33
CA VAL A 499 35.38 -4.73 -14.08
C VAL A 499 34.52 -4.22 -12.95
N LEU A 500 33.77 -5.12 -12.32
CA LEU A 500 32.96 -4.77 -11.16
C LEU A 500 33.57 -5.41 -9.89
N ASN A 501 33.71 -4.61 -8.82
CA ASN A 501 34.19 -5.09 -7.55
C ASN A 501 33.07 -4.88 -6.51
N ARG A 502 32.39 -5.96 -6.16
CA ARG A 502 31.29 -5.97 -5.18
C ARG A 502 31.76 -6.23 -3.73
N SER A 503 33.09 -6.39 -3.56
CA SER A 503 33.72 -6.60 -2.24
C SER A 503 34.20 -5.26 -1.68
N SER A 504 34.45 -5.22 -0.37
CA SER A 504 34.95 -4.03 0.29
C SER A 504 36.45 -3.79 0.05
N LYS A 505 37.18 -4.78 -0.50
CA LYS A 505 38.64 -4.70 -0.64
C LYS A 505 39.10 -4.28 -2.02
N ASP A 506 40.14 -3.41 -2.08
CA ASP A 506 40.78 -2.99 -3.33
C ASP A 506 41.50 -4.22 -3.85
N VAL A 507 41.37 -4.49 -5.15
CA VAL A 507 41.98 -5.65 -5.78
C VAL A 507 42.98 -5.16 -6.83
N PRO A 508 44.31 -5.32 -6.57
CA PRO A 508 45.28 -4.99 -7.64
C PRO A 508 45.08 -5.99 -8.78
N LEU A 509 45.14 -5.50 -10.00
CA LEU A 509 44.75 -6.27 -11.18
C LEU A 509 45.65 -5.90 -12.37
N THR A 510 45.91 -6.88 -13.25
CA THR A 510 46.60 -6.60 -14.52
C THR A 510 45.72 -7.16 -15.64
N ILE A 511 45.52 -6.39 -16.71
CA ILE A 511 44.79 -6.87 -17.86
C ILE A 511 45.82 -7.05 -18.96
N LYS A 512 45.89 -8.23 -19.58
CA LYS A 512 46.85 -8.47 -20.65
C LYS A 512 46.15 -8.57 -22.00
N ASP A 513 46.60 -7.75 -22.95
CA ASP A 513 46.21 -7.82 -24.35
C ASP A 513 47.45 -8.42 -25.02
N PRO A 514 47.35 -9.63 -25.63
CA PRO A 514 48.53 -10.29 -26.24
C PRO A 514 49.22 -9.54 -27.37
N ALA A 515 48.55 -8.56 -27.98
CA ALA A 515 49.11 -7.72 -29.03
C ALA A 515 49.54 -6.31 -28.55
N VAL A 516 49.09 -5.84 -27.39
CA VAL A 516 49.38 -4.45 -26.94
C VAL A 516 50.21 -4.40 -25.65
N GLY A 517 49.92 -5.29 -24.71
CA GLY A 517 50.63 -5.35 -23.45
C GLY A 517 49.79 -5.48 -22.20
N PHE A 518 50.33 -5.00 -21.10
CA PHE A 518 49.75 -5.10 -19.77
C PHE A 518 49.22 -3.77 -19.24
N LEU A 519 47.96 -3.78 -18.87
CA LEU A 519 47.28 -2.64 -18.28
C LEU A 519 47.35 -2.89 -16.74
N GLU A 520 48.20 -2.14 -16.03
CA GLU A 520 48.40 -2.30 -14.58
C GLU A 520 47.41 -1.42 -13.87
N THR A 521 46.57 -1.98 -13.00
CA THR A 521 45.53 -1.16 -12.36
C THR A 521 45.15 -1.67 -10.97
N ILE A 522 44.15 -1.02 -10.33
CA ILE A 522 43.58 -1.43 -9.04
C ILE A 522 42.09 -1.29 -9.21
N SER A 523 41.34 -2.31 -8.78
CA SER A 523 39.90 -2.27 -8.78
C SER A 523 39.53 -1.95 -7.33
N PRO A 524 39.19 -0.70 -6.98
CA PRO A 524 38.85 -0.38 -5.58
C PRO A 524 37.60 -1.09 -5.11
N GLY A 525 37.53 -1.31 -3.80
CA GLY A 525 36.34 -1.90 -3.20
C GLY A 525 35.11 -1.10 -3.60
N TYR A 526 34.02 -1.78 -3.92
CA TYR A 526 32.76 -1.10 -4.31
C TYR A 526 32.94 -0.08 -5.48
N SER A 527 33.52 -0.59 -6.58
CA SER A 527 33.72 0.23 -7.75
C SER A 527 33.27 -0.55 -8.98
N ILE A 528 33.13 0.18 -10.05
CA ILE A 528 32.92 -0.37 -11.37
C ILE A 528 33.79 0.48 -12.28
N HIS A 529 34.50 -0.19 -13.19
CA HIS A 529 35.39 0.45 -14.15
C HIS A 529 35.06 -0.04 -15.53
N THR A 530 35.17 0.85 -16.51
CA THR A 530 35.15 0.44 -17.91
C THR A 530 36.52 0.86 -18.50
N TYR A 531 37.28 -0.10 -19.06
CA TYR A 531 38.58 0.12 -19.72
C TYR A 531 38.39 0.06 -21.21
N LEU A 532 38.98 1.03 -21.93
CA LEU A 532 38.91 1.09 -23.39
C LEU A 532 40.31 1.24 -23.90
N TRP A 533 40.65 0.58 -25.02
CA TRP A 533 41.96 0.81 -25.63
C TRP A 533 41.96 0.44 -27.10
N HIS A 534 42.76 1.18 -27.87
CA HIS A 534 42.94 0.89 -29.28
C HIS A 534 43.82 -0.33 -29.46
N ARG A 535 43.60 -1.06 -30.55
CA ARG A 535 44.43 -2.20 -30.92
C ARG A 535 45.03 -1.86 -32.29
N GLN A 536 45.96 -2.66 -32.82
CA GLN A 536 46.65 -2.37 -34.10
C GLN A 536 45.72 -2.22 -35.31
N ALA B 40 27.84 16.99 28.21
CA ALA B 40 26.68 16.29 27.65
C ALA B 40 27.12 15.53 26.43
N ARG B 41 26.38 14.49 26.02
CA ARG B 41 26.75 13.72 24.83
C ARG B 41 26.08 14.35 23.63
N PRO B 42 26.84 14.90 22.65
CA PRO B 42 26.17 15.55 21.52
C PRO B 42 25.53 14.58 20.51
N CYS B 43 24.64 15.13 19.67
CA CYS B 43 23.99 14.47 18.53
C CYS B 43 25.10 13.96 17.57
N ILE B 44 24.92 12.75 17.02
CA ILE B 44 25.74 12.22 15.91
C ILE B 44 24.82 12.48 14.74
N PRO B 45 25.06 13.57 13.98
CA PRO B 45 24.09 13.95 12.93
C PRO B 45 24.20 13.07 11.68
N LYS B 46 23.08 12.85 11.00
CA LYS B 46 23.05 12.16 9.72
C LYS B 46 21.95 12.79 8.88
N SER B 47 22.30 13.13 7.64
CA SER B 47 21.35 13.66 6.73
C SER B 47 20.78 12.52 5.88
N PHE B 48 19.47 12.60 5.62
CA PHE B 48 18.76 11.71 4.75
C PHE B 48 18.23 12.52 3.56
N GLY B 49 18.88 13.65 3.25
CA GLY B 49 18.49 14.45 2.10
C GLY B 49 17.31 15.39 2.27
N TYR B 50 16.75 15.45 3.49
CA TYR B 50 15.66 16.35 3.83
C TYR B 50 16.21 17.64 4.49
N SER B 51 15.35 18.53 5.03
CA SER B 51 15.76 19.88 5.49
C SER B 51 16.74 19.91 6.65
N SER B 52 16.76 18.87 7.46
CA SER B 52 17.69 18.81 8.60
C SER B 52 18.21 17.38 8.83
N VAL B 53 18.93 17.19 9.92
CA VAL B 53 19.53 15.89 10.27
C VAL B 53 18.74 15.18 11.35
N VAL B 54 19.00 13.88 11.46
CA VAL B 54 18.55 13.08 12.58
C VAL B 54 19.77 12.87 13.47
N CYS B 55 19.53 12.45 14.70
CA CYS B 55 20.58 12.07 15.62
C CYS B 55 20.57 10.55 15.71
N VAL B 56 21.72 9.94 15.40
CA VAL B 56 21.92 8.49 15.33
C VAL B 56 22.28 7.94 16.67
N CYS B 57 21.54 6.91 17.07
CA CYS B 57 21.77 6.24 18.34
C CYS B 57 21.83 4.74 18.10
N ASN B 58 22.57 4.02 18.94
CA ASN B 58 22.62 2.56 18.83
C ASN B 58 22.98 1.97 20.18
N ALA B 59 23.44 0.69 20.27
CA ALA B 59 23.69 0.07 21.58
C ALA B 59 24.83 0.72 22.37
N THR B 60 25.76 1.40 21.69
CA THR B 60 26.94 1.97 22.37
C THR B 60 26.92 3.48 22.51
N TYR B 61 25.97 4.20 21.89
CA TYR B 61 25.95 5.65 22.01
C TYR B 61 24.61 6.24 21.67
N CYS B 62 24.23 7.29 22.39
CA CYS B 62 23.08 8.11 22.06
C CYS B 62 23.34 9.46 22.68
N ASP B 63 22.88 10.52 22.06
CA ASP B 63 23.02 11.88 22.60
C ASP B 63 22.14 12.02 23.84
N SER B 64 22.62 12.77 24.84
CA SER B 64 21.88 12.93 26.10
C SER B 64 22.31 14.20 26.82
N PHE B 65 21.57 14.60 27.86
CA PHE B 65 21.90 15.80 28.61
C PHE B 65 22.68 15.51 29.90
N ASP B 66 23.39 16.52 30.44
CA ASP B 66 24.05 16.41 31.73
C ASP B 66 22.94 16.53 32.81
N PRO B 67 23.17 16.14 34.09
CA PRO B 67 22.11 16.28 35.10
C PRO B 67 21.56 17.71 35.19
N PRO B 68 20.23 17.85 35.37
CA PRO B 68 19.63 19.19 35.50
C PRO B 68 20.37 20.09 36.48
N THR B 69 20.77 21.29 36.00
CA THR B 69 21.51 22.31 36.75
C THR B 69 20.62 23.56 36.95
N PHE B 70 20.87 24.29 38.05
CA PHE B 70 20.13 25.49 38.43
C PHE B 70 20.99 26.75 38.26
N PRO B 71 20.72 27.59 37.21
CA PRO B 71 21.50 28.84 37.06
C PRO B 71 21.10 29.84 38.14
N ALA B 72 22.08 30.56 38.72
CA ALA B 72 21.85 31.52 39.80
C ALA B 72 21.07 32.73 39.31
N LEU B 73 20.35 33.40 40.25
CA LEU B 73 19.59 34.62 39.99
C LEU B 73 20.52 35.62 39.25
N GLY B 74 19.99 36.20 38.17
CA GLY B 74 20.72 37.14 37.33
C GLY B 74 21.34 36.46 36.13
N THR B 75 21.15 35.12 36.03
CA THR B 75 21.65 34.29 34.95
C THR B 75 20.47 33.58 34.33
N PHE B 76 20.52 33.38 33.03
CA PHE B 76 19.50 32.59 32.34
C PHE B 76 20.19 31.44 31.60
N SER B 77 19.43 30.41 31.28
CA SER B 77 19.87 29.27 30.48
C SER B 77 19.09 29.30 29.20
N ARG B 78 19.74 28.93 28.11
CA ARG B 78 19.13 28.86 26.81
C ARG B 78 19.42 27.50 26.20
N TYR B 79 18.36 26.81 25.74
CA TYR B 79 18.50 25.56 24.99
C TYR B 79 18.10 25.89 23.58
N GLU B 80 18.96 25.58 22.62
CA GLU B 80 18.69 25.92 21.23
C GLU B 80 18.76 24.73 20.27
N SER B 81 17.78 24.65 19.36
CA SER B 81 17.80 23.69 18.26
C SER B 81 17.67 24.43 16.96
N THR B 82 18.42 24.03 15.94
CA THR B 82 18.33 24.74 14.66
C THR B 82 18.23 23.74 13.53
N ARG B 83 17.60 24.18 12.42
CA ARG B 83 17.58 23.35 11.21
C ARG B 83 19.04 23.09 10.76
N SER B 84 19.96 24.05 11.03
CA SER B 84 21.37 23.90 10.66
C SER B 84 22.07 22.78 11.44
N GLY B 85 21.43 22.23 12.50
CA GLY B 85 21.97 21.06 13.20
C GLY B 85 22.13 21.14 14.69
N ARG B 86 21.94 22.31 15.31
CA ARG B 86 22.03 22.40 16.78
C ARG B 86 20.89 21.59 17.40
N ARG B 87 21.18 20.84 18.46
CA ARG B 87 20.17 19.99 19.10
C ARG B 87 20.12 20.21 20.58
N MET B 88 19.17 21.07 21.01
CA MET B 88 18.97 21.44 22.43
C MET B 88 20.32 21.77 23.12
N GLU B 89 21.13 22.58 22.42
CA GLU B 89 22.46 23.01 22.90
C GLU B 89 22.25 24.02 24.01
N LEU B 90 22.95 23.83 25.12
CA LEU B 90 22.88 24.69 26.28
C LEU B 90 23.92 25.81 26.27
N SER B 91 23.46 27.04 26.53
CA SER B 91 24.29 28.22 26.73
C SER B 91 23.66 29.01 27.87
N MET B 92 24.42 29.93 28.44
CA MET B 92 23.98 30.75 29.55
C MET B 92 24.38 32.17 29.31
N GLY B 93 23.65 33.08 29.90
CA GLY B 93 23.90 34.51 29.72
C GLY B 93 23.39 35.32 30.90
N PRO B 94 23.73 36.62 30.96
CA PRO B 94 23.30 37.41 32.10
C PRO B 94 21.95 38.05 31.85
N ILE B 95 21.19 38.25 32.91
CA ILE B 95 19.97 39.03 32.83
C ILE B 95 20.42 40.47 33.12
N GLN B 96 20.08 41.39 32.21
CA GLN B 96 20.48 42.80 32.32
C GLN B 96 19.46 43.64 33.08
N ALA B 97 19.92 44.62 33.87
CA ALA B 97 18.98 45.49 34.61
C ALA B 97 18.38 46.56 33.68
N ASN B 98 19.18 47.02 32.71
CA ASN B 98 18.84 48.09 31.78
C ASN B 98 18.76 47.59 30.34
N HIS B 99 17.87 48.21 29.53
CA HIS B 99 17.68 47.94 28.09
C HIS B 99 17.38 49.29 27.42
N THR B 100 18.13 49.63 26.35
CA THR B 100 17.98 50.96 25.73
C THR B 100 17.42 50.98 24.28
N GLY B 101 17.39 49.84 23.59
CA GLY B 101 16.92 49.74 22.21
C GLY B 101 15.42 49.91 21.95
N THR B 102 15.03 49.82 20.66
CA THR B 102 13.65 49.94 20.13
C THR B 102 13.10 48.62 19.53
N GLY B 103 13.96 47.60 19.43
CA GLY B 103 13.64 46.30 18.86
C GLY B 103 12.52 45.54 19.55
N LEU B 104 12.21 44.35 19.02
CA LEU B 104 11.12 43.52 19.56
C LEU B 104 11.32 43.17 21.02
N LEU B 105 10.30 43.41 21.81
CA LEU B 105 10.32 43.15 23.24
C LEU B 105 9.14 42.26 23.58
N LEU B 106 9.41 41.18 24.31
CA LEU B 106 8.39 40.27 24.80
C LEU B 106 8.39 40.48 26.30
N THR B 107 7.27 40.98 26.84
CA THR B 107 7.16 41.29 28.25
C THR B 107 6.33 40.25 28.96
N LEU B 108 6.93 39.64 30.01
CA LEU B 108 6.29 38.66 30.88
C LEU B 108 5.28 39.41 31.72
N GLN B 109 4.10 38.82 31.88
CA GLN B 109 3.06 39.39 32.74
C GLN B 109 2.81 38.29 33.75
N PRO B 110 3.65 38.19 34.81
CA PRO B 110 3.52 37.06 35.75
C PRO B 110 2.22 36.99 36.53
N GLU B 111 1.51 38.12 36.69
CA GLU B 111 0.25 38.19 37.44
C GLU B 111 -0.96 37.80 36.61
N GLN B 112 -0.81 37.67 35.28
CA GLN B 112 -1.86 37.22 34.39
C GLN B 112 -1.67 35.70 34.27
N LYS B 113 -2.41 34.93 35.11
CA LYS B 113 -2.31 33.47 35.21
C LYS B 113 -3.36 32.78 34.37
N PHE B 114 -2.99 31.67 33.74
CA PHE B 114 -3.93 30.91 32.92
C PHE B 114 -3.99 29.47 33.42
N GLN B 115 -3.89 28.47 32.53
CA GLN B 115 -4.04 27.09 32.95
C GLN B 115 -2.81 26.51 33.62
N LYS B 116 -3.01 25.41 34.37
CA LYS B 116 -1.91 24.63 34.94
C LYS B 116 -1.65 23.37 34.06
N VAL B 117 -0.40 23.11 33.75
CA VAL B 117 0.02 22.02 32.88
C VAL B 117 -0.07 20.64 33.52
N LYS B 118 -0.66 19.71 32.79
CA LYS B 118 -0.72 18.31 33.18
C LYS B 118 0.60 17.64 32.73
N GLY B 119 0.95 17.82 31.47
CA GLY B 119 2.15 17.18 30.96
C GLY B 119 2.23 16.93 29.47
N PHE B 120 3.26 16.15 29.08
CA PHE B 120 3.62 15.87 27.70
C PHE B 120 4.05 14.42 27.59
N GLY B 121 3.75 13.80 26.48
CA GLY B 121 4.14 12.41 26.25
C GLY B 121 3.77 11.88 24.89
N GLY B 122 3.55 10.58 24.84
CA GLY B 122 3.32 9.87 23.58
C GLY B 122 2.68 8.53 23.81
N ALA B 123 2.43 7.80 22.73
CA ALA B 123 1.68 6.57 22.84
C ALA B 123 2.49 5.27 22.73
N MET B 124 2.25 4.38 23.71
CA MET B 124 2.85 3.05 23.75
C MET B 124 1.89 2.13 22.99
N THR B 125 1.90 2.25 21.66
CA THR B 125 1.10 1.39 20.78
C THR B 125 1.78 0.02 20.69
N ASP B 126 1.08 -0.96 20.10
CA ASP B 126 1.67 -2.27 19.81
C ASP B 126 2.87 -2.06 18.87
N ALA B 127 2.72 -1.16 17.85
CA ALA B 127 3.78 -0.89 16.87
C ALA B 127 5.02 -0.34 17.56
N ALA B 128 4.83 0.66 18.45
CA ALA B 128 5.93 1.28 19.20
C ALA B 128 6.68 0.24 20.06
N ALA B 129 5.94 -0.55 20.83
CA ALA B 129 6.53 -1.53 21.74
C ALA B 129 7.25 -2.65 21.00
N LEU B 130 6.67 -3.10 19.86
CA LEU B 130 7.27 -4.15 19.04
C LEU B 130 8.65 -3.65 18.50
N ASN B 131 8.69 -2.45 17.98
CA ASN B 131 9.91 -1.85 17.46
C ASN B 131 10.97 -1.68 18.50
N ILE B 132 10.61 -1.14 19.68
CA ILE B 132 11.54 -0.86 20.77
C ILE B 132 12.15 -2.15 21.26
N LEU B 133 11.31 -3.18 21.43
CA LEU B 133 11.81 -4.45 21.96
C LEU B 133 12.58 -5.29 20.93
N ALA B 134 12.61 -4.85 19.66
CA ALA B 134 13.37 -5.57 18.63
C ALA B 134 14.81 -5.07 18.57
N LEU B 135 15.12 -4.02 19.35
CA LEU B 135 16.50 -3.51 19.48
C LEU B 135 17.19 -4.35 20.54
N SER B 136 18.55 -4.31 20.57
CA SER B 136 19.29 -4.99 21.63
C SER B 136 19.00 -4.30 22.97
N PRO B 137 19.09 -5.00 24.11
CA PRO B 137 18.81 -4.34 25.40
C PRO B 137 19.52 -2.98 25.64
N PRO B 138 20.86 -2.77 25.41
CA PRO B 138 21.43 -1.42 25.66
C PRO B 138 20.79 -0.34 24.78
N ALA B 139 20.46 -0.65 23.52
CA ALA B 139 19.78 0.30 22.62
C ALA B 139 18.32 0.58 23.10
N GLN B 140 17.59 -0.45 23.61
CA GLN B 140 16.25 -0.21 24.18
C GLN B 140 16.35 0.79 25.37
N ASN B 141 17.38 0.63 26.24
CA ASN B 141 17.53 1.49 27.41
C ASN B 141 17.85 2.93 27.03
N LEU B 142 18.65 3.13 25.98
CA LEU B 142 18.96 4.48 25.48
C LEU B 142 17.74 5.14 24.85
N LEU B 143 16.92 4.34 24.16
CA LEU B 143 15.68 4.89 23.56
C LEU B 143 14.71 5.30 24.70
N LEU B 144 14.51 4.44 25.70
CA LEU B 144 13.61 4.73 26.81
C LEU B 144 14.12 5.91 27.65
N LYS B 145 15.45 5.98 27.90
CA LYS B 145 16.02 7.13 28.62
C LYS B 145 15.85 8.43 27.83
N SER B 146 15.91 8.38 26.49
CA SER B 146 15.75 9.57 25.64
C SER B 146 14.42 10.25 25.95
N TYR B 147 13.35 9.43 26.12
CA TYR B 147 12.06 9.96 26.41
C TYR B 147 11.78 10.25 27.87
N PHE B 148 12.10 9.28 28.74
CA PHE B 148 11.59 9.29 30.10
C PHE B 148 12.54 9.74 31.19
N SER B 149 13.85 9.75 30.97
CA SER B 149 14.71 10.23 32.06
C SER B 149 14.99 11.75 32.01
N GLU B 150 15.60 12.26 33.11
CA GLU B 150 16.03 13.67 33.23
C GLU B 150 17.17 14.02 32.30
N GLU B 151 17.90 13.01 31.80
CA GLU B 151 18.99 13.15 30.85
C GLU B 151 18.44 13.02 29.41
N GLY B 152 17.14 12.82 29.34
CA GLY B 152 16.34 12.78 28.13
C GLY B 152 15.42 13.99 28.14
N ILE B 153 14.21 13.86 27.59
CA ILE B 153 13.28 14.98 27.50
C ILE B 153 12.09 14.91 28.53
N GLY B 154 12.19 14.03 29.52
CA GLY B 154 11.28 13.95 30.64
C GLY B 154 9.78 13.86 30.40
N TYR B 155 9.37 12.92 29.53
CA TYR B 155 7.95 12.65 29.28
C TYR B 155 7.26 12.26 30.58
N ASN B 156 6.03 12.70 30.76
CA ASN B 156 5.33 12.35 32.00
C ASN B 156 3.93 11.83 31.69
N ILE B 157 3.67 11.55 30.42
CA ILE B 157 2.39 11.00 29.96
C ILE B 157 2.64 9.84 29.01
N ILE B 158 1.91 8.73 29.20
CA ILE B 158 1.92 7.60 28.28
C ILE B 158 0.47 7.27 27.91
N ARG B 159 0.14 7.35 26.62
CA ARG B 159 -1.18 6.97 26.13
C ARG B 159 -1.13 5.49 25.77
N VAL B 160 -2.10 4.71 26.28
CA VAL B 160 -2.15 3.26 26.16
C VAL B 160 -3.41 2.82 25.43
N PRO B 161 -3.34 2.31 24.17
CA PRO B 161 -4.58 1.84 23.54
C PRO B 161 -5.13 0.62 24.28
N MET B 162 -6.45 0.58 24.46
CA MET B 162 -7.15 -0.56 25.07
C MET B 162 -7.43 -1.53 23.90
N ALA B 163 -6.58 -2.55 23.81
CA ALA B 163 -6.56 -3.58 22.75
C ALA B 163 -6.10 -2.97 21.43
N SER B 164 -6.44 -3.57 20.29
CA SER B 164 -5.85 -3.20 19.00
C SER B 164 -6.32 -1.87 18.40
N CYS B 165 -5.43 -1.26 17.59
CA CYS B 165 -5.74 -0.09 16.78
C CYS B 165 -5.07 -0.26 15.44
N ASP B 166 -5.00 0.78 14.59
CA ASP B 166 -4.33 0.58 13.28
C ASP B 166 -2.81 0.28 13.42
N PHE B 167 -2.20 0.80 14.48
CA PHE B 167 -0.78 0.61 14.81
C PHE B 167 -0.59 -0.65 15.68
N SER B 168 -1.13 -1.71 15.13
CA SER B 168 -1.13 -3.07 15.65
C SER B 168 -0.82 -3.94 14.43
N ILE B 169 -0.19 -5.09 14.64
CA ILE B 169 0.11 -6.02 13.54
C ILE B 169 -1.12 -6.84 13.15
N ARG B 170 -2.13 -6.92 14.06
CA ARG B 170 -3.35 -7.70 13.90
C ARG B 170 -4.51 -7.06 14.66
N THR B 171 -5.73 -7.55 14.39
CA THR B 171 -6.92 -7.09 15.07
C THR B 171 -7.22 -8.06 16.20
N TYR B 172 -7.65 -7.52 17.37
CA TYR B 172 -8.04 -8.29 18.55
C TYR B 172 -8.63 -7.29 19.57
N THR B 173 -9.41 -7.81 20.52
CA THR B 173 -9.92 -7.04 21.66
C THR B 173 -9.58 -7.91 22.85
N TYR B 174 -9.95 -7.49 24.06
CA TYR B 174 -9.68 -8.28 25.27
C TYR B 174 -10.76 -9.35 25.52
N ALA B 175 -11.85 -9.34 24.74
CA ALA B 175 -12.96 -10.28 24.95
C ALA B 175 -13.57 -10.68 23.60
N ASP B 176 -12.82 -11.46 22.82
CA ASP B 176 -13.27 -11.86 21.49
C ASP B 176 -14.16 -13.10 21.49
N THR B 177 -14.25 -13.83 22.64
CA THR B 177 -15.15 -14.98 22.78
C THR B 177 -16.60 -14.47 22.62
N PRO B 178 -17.32 -14.91 21.55
CA PRO B 178 -18.68 -14.38 21.30
C PRO B 178 -19.66 -14.43 22.43
N ASP B 179 -20.46 -13.34 22.53
CA ASP B 179 -21.58 -13.11 23.43
C ASP B 179 -21.24 -13.37 24.92
N ASP B 180 -20.04 -12.95 25.35
CA ASP B 180 -19.59 -13.11 26.73
C ASP B 180 -19.92 -11.81 27.51
N PHE B 181 -21.21 -11.60 27.77
CA PHE B 181 -21.70 -10.40 28.45
C PHE B 181 -21.18 -10.20 29.87
N GLN B 182 -20.84 -11.29 30.58
CA GLN B 182 -20.27 -11.17 31.92
C GLN B 182 -18.74 -11.01 31.88
N LEU B 183 -18.16 -11.02 30.66
CA LEU B 183 -16.73 -10.84 30.39
C LEU B 183 -15.88 -11.83 31.18
N HIS B 184 -16.35 -13.09 31.25
CA HIS B 184 -15.65 -14.18 31.93
C HIS B 184 -14.35 -14.53 31.21
N ASN B 185 -14.30 -14.32 29.88
CA ASN B 185 -13.12 -14.61 29.07
C ASN B 185 -12.33 -13.36 28.69
N PHE B 186 -12.47 -12.27 29.48
CA PHE B 186 -11.70 -11.04 29.29
C PHE B 186 -10.23 -11.35 29.66
N SER B 187 -9.29 -11.06 28.77
CA SER B 187 -7.90 -11.30 29.10
C SER B 187 -6.95 -10.48 28.26
N LEU B 188 -5.83 -10.10 28.85
CA LEU B 188 -4.81 -9.34 28.15
C LEU B 188 -3.96 -10.31 27.30
N PRO B 189 -3.80 -10.04 26.00
CA PRO B 189 -2.92 -10.90 25.17
C PRO B 189 -1.44 -10.48 25.37
N GLU B 190 -0.53 -11.06 24.58
CA GLU B 190 0.90 -10.76 24.68
C GLU B 190 1.26 -9.35 24.33
N GLU B 191 0.46 -8.69 23.48
CA GLU B 191 0.73 -7.28 23.14
C GLU B 191 0.83 -6.43 24.41
N ASP B 192 -0.02 -6.72 25.41
CA ASP B 192 0.02 -6.03 26.69
C ASP B 192 1.07 -6.65 27.61
N THR B 193 0.97 -7.95 27.91
CA THR B 193 1.80 -8.63 28.92
C THR B 193 3.29 -8.74 28.57
N LYS B 194 3.63 -8.80 27.28
CA LYS B 194 5.03 -8.98 26.88
C LYS B 194 5.65 -7.78 26.16
N LEU B 195 4.82 -6.86 25.67
CA LEU B 195 5.29 -5.67 24.95
C LEU B 195 5.04 -4.37 25.72
N LYS B 196 3.77 -3.92 25.77
CA LYS B 196 3.41 -2.65 26.36
C LYS B 196 3.70 -2.53 27.86
N ILE B 197 3.20 -3.47 28.68
CA ILE B 197 3.33 -3.43 30.16
C ILE B 197 4.80 -3.46 30.59
N PRO B 198 5.68 -4.39 30.10
CA PRO B 198 7.10 -4.34 30.51
C PRO B 198 7.80 -3.00 30.18
N LEU B 199 7.53 -2.42 28.97
CA LEU B 199 8.10 -1.12 28.60
C LEU B 199 7.54 0.03 29.43
N ILE B 200 6.25 -0.02 29.81
CA ILE B 200 5.66 1.03 30.66
C ILE B 200 6.34 0.94 32.02
N HIS B 201 6.55 -0.28 32.57
CA HIS B 201 7.27 -0.42 33.86
C HIS B 201 8.68 0.18 33.77
N ARG B 202 9.39 -0.10 32.68
CA ARG B 202 10.76 0.39 32.48
C ARG B 202 10.77 1.90 32.33
N ALA B 203 9.75 2.47 31.66
CA ALA B 203 9.63 3.93 31.51
C ALA B 203 9.42 4.62 32.88
N LEU B 204 8.56 4.03 33.76
CA LEU B 204 8.30 4.62 35.07
C LEU B 204 9.51 4.52 35.98
N GLN B 205 10.31 3.46 35.86
CA GLN B 205 11.54 3.33 36.67
C GLN B 205 12.60 4.40 36.29
N LEU B 206 12.64 4.78 35.01
CA LEU B 206 13.60 5.75 34.48
C LEU B 206 13.22 7.18 34.80
N ALA B 207 11.90 7.45 34.89
CA ALA B 207 11.39 8.78 35.13
C ALA B 207 11.59 9.25 36.57
N GLN B 208 12.00 10.51 36.76
CA GLN B 208 12.09 11.08 38.12
C GLN B 208 10.77 11.73 38.48
N ARG B 209 10.06 12.23 37.45
CA ARG B 209 8.77 12.87 37.64
C ARG B 209 7.69 11.79 37.64
N PRO B 210 6.59 11.95 38.40
CA PRO B 210 5.49 10.95 38.31
C PRO B 210 4.94 10.91 36.88
N VAL B 211 4.68 9.69 36.35
CA VAL B 211 4.16 9.54 34.99
C VAL B 211 2.67 9.18 35.08
N SER B 212 1.86 9.83 34.26
CA SER B 212 0.42 9.62 34.20
C SER B 212 0.07 8.79 32.98
N LEU B 213 -0.63 7.68 33.20
CA LEU B 213 -1.07 6.82 32.11
C LEU B 213 -2.48 7.22 31.69
N LEU B 214 -2.72 7.27 30.36
CA LEU B 214 -4.01 7.58 29.76
C LEU B 214 -4.45 6.42 28.85
N ALA B 215 -5.65 5.84 29.06
CA ALA B 215 -6.13 4.74 28.23
C ALA B 215 -7.24 5.19 27.29
N SER B 216 -7.26 4.62 26.05
CA SER B 216 -8.27 4.88 25.03
C SER B 216 -8.63 3.62 24.28
N PRO B 217 -9.94 3.27 24.12
CA PRO B 217 -10.29 2.09 23.29
C PRO B 217 -10.60 2.55 21.84
N TRP B 218 -10.32 1.69 20.85
CA TRP B 218 -10.66 1.99 19.47
C TRP B 218 -11.94 1.26 19.16
N THR B 219 -11.96 -0.07 19.35
CA THR B 219 -13.21 -0.84 19.14
C THR B 219 -13.60 -1.67 20.36
N SER B 220 -14.86 -2.02 20.41
CA SER B 220 -15.32 -2.98 21.38
C SER B 220 -15.20 -4.38 20.72
N PRO B 221 -15.34 -5.49 21.48
CA PRO B 221 -15.61 -6.78 20.83
C PRO B 221 -16.75 -6.63 19.77
N THR B 222 -16.61 -7.30 18.61
CA THR B 222 -17.54 -7.22 17.47
C THR B 222 -18.99 -7.60 17.79
N TRP B 223 -19.19 -8.49 18.76
CA TRP B 223 -20.51 -8.97 19.17
C TRP B 223 -21.32 -7.92 19.94
N LEU B 224 -20.70 -6.79 20.30
CA LEU B 224 -21.38 -5.69 20.98
C LEU B 224 -21.73 -4.59 19.96
N LYS B 225 -21.32 -4.78 18.69
CA LYS B 225 -21.50 -3.79 17.61
C LYS B 225 -22.60 -4.15 16.62
N THR B 226 -23.26 -3.10 16.09
CA THR B 226 -24.35 -3.19 15.09
C THR B 226 -23.88 -3.79 13.74
N ASN B 227 -22.58 -3.63 13.40
CA ASN B 227 -22.03 -4.12 12.13
C ASN B 227 -21.21 -5.42 12.24
N GLY B 228 -21.01 -5.92 13.48
CA GLY B 228 -20.25 -7.15 13.73
C GLY B 228 -18.85 -7.15 13.14
N ALA B 229 -18.18 -5.99 13.09
CA ALA B 229 -16.82 -5.91 12.52
C ALA B 229 -16.00 -4.87 13.31
N VAL B 230 -14.67 -5.00 13.35
CA VAL B 230 -13.84 -4.08 14.16
C VAL B 230 -13.80 -2.66 13.62
N ASN B 231 -14.06 -2.49 12.31
CA ASN B 231 -13.99 -1.20 11.61
C ASN B 231 -15.28 -0.96 10.86
N GLY B 232 -15.30 0.08 10.02
CA GLY B 232 -16.49 0.46 9.26
C GLY B 232 -17.51 1.13 10.16
N LYS B 233 -18.63 1.58 9.57
CA LYS B 233 -19.69 2.27 10.32
C LYS B 233 -20.42 1.28 11.22
N GLY B 234 -20.39 1.54 12.53
CA GLY B 234 -21.04 0.68 13.50
C GLY B 234 -20.85 1.20 14.90
N SER B 235 -21.91 1.17 15.69
CA SER B 235 -21.89 1.66 17.06
C SER B 235 -22.23 0.47 17.96
N LEU B 236 -22.35 0.69 19.27
CA LEU B 236 -22.82 -0.35 20.20
C LEU B 236 -24.26 -0.66 19.84
N LYS B 237 -24.66 -1.94 19.99
CA LYS B 237 -26.02 -2.38 19.74
C LYS B 237 -26.93 -1.83 20.86
N GLY B 238 -28.19 -1.64 20.51
CA GLY B 238 -29.24 -1.17 21.42
C GLY B 238 -29.14 0.28 21.85
N GLN B 239 -29.31 0.52 23.16
CA GLN B 239 -29.37 1.86 23.74
C GLN B 239 -28.64 1.97 25.08
N PRO B 240 -28.16 3.16 25.48
CA PRO B 240 -27.54 3.30 26.81
C PRO B 240 -28.44 2.73 27.93
N GLY B 241 -27.79 2.09 28.90
CA GLY B 241 -28.44 1.41 30.02
C GLY B 241 -28.65 -0.08 29.78
N ASP B 242 -28.63 -0.52 28.49
CA ASP B 242 -28.92 -1.93 28.16
C ASP B 242 -27.69 -2.83 28.38
N ILE B 243 -27.84 -4.15 28.12
CA ILE B 243 -26.74 -5.11 28.32
C ILE B 243 -25.51 -4.79 27.45
N TYR B 244 -25.71 -4.27 26.23
CA TYR B 244 -24.56 -3.97 25.36
C TYR B 244 -23.74 -2.81 25.89
N HIS B 245 -24.43 -1.79 26.40
CA HIS B 245 -23.77 -0.62 26.95
C HIS B 245 -23.13 -0.90 28.30
N GLN B 246 -23.79 -1.71 29.14
CA GLN B 246 -23.27 -2.08 30.46
C GLN B 246 -22.03 -2.97 30.35
N THR B 247 -22.04 -3.97 29.44
CA THR B 247 -20.87 -4.86 29.17
C THR B 247 -19.68 -4.00 28.72
N TRP B 248 -19.93 -3.03 27.81
CA TRP B 248 -18.88 -2.15 27.33
C TRP B 248 -18.29 -1.29 28.45
N ALA B 249 -19.14 -0.72 29.35
CA ALA B 249 -18.65 0.06 30.50
C ALA B 249 -17.85 -0.85 31.48
N ARG B 250 -18.30 -2.09 31.68
CA ARG B 250 -17.63 -3.09 32.54
C ARG B 250 -16.29 -3.55 31.93
N TYR B 251 -16.15 -3.50 30.58
CA TYR B 251 -14.91 -3.82 29.87
C TYR B 251 -13.80 -2.81 30.28
N PHE B 252 -14.17 -1.52 30.49
CA PHE B 252 -13.23 -0.50 30.96
C PHE B 252 -12.70 -0.87 32.34
N VAL B 253 -13.62 -1.33 33.25
CA VAL B 253 -13.27 -1.74 34.62
C VAL B 253 -12.35 -2.97 34.57
N LYS B 254 -12.68 -3.97 33.71
CA LYS B 254 -11.86 -5.18 33.51
C LYS B 254 -10.47 -4.79 32.98
N PHE B 255 -10.40 -3.78 32.09
CA PHE B 255 -9.12 -3.28 31.59
C PHE B 255 -8.29 -2.69 32.75
N LEU B 256 -8.92 -1.84 33.56
CA LEU B 256 -8.27 -1.20 34.71
C LEU B 256 -7.87 -2.22 35.77
N ASP B 257 -8.72 -3.23 36.03
CA ASP B 257 -8.45 -4.37 36.92
C ASP B 257 -7.18 -5.13 36.47
N ALA B 258 -7.11 -5.55 35.19
CA ALA B 258 -6.00 -6.33 34.64
C ALA B 258 -4.68 -5.54 34.67
N TYR B 259 -4.72 -4.23 34.36
CA TYR B 259 -3.51 -3.42 34.45
C TYR B 259 -3.08 -3.21 35.90
N ALA B 260 -4.05 -3.06 36.83
CA ALA B 260 -3.80 -2.91 38.28
C ALA B 260 -3.12 -4.17 38.86
N GLU B 261 -3.48 -5.36 38.33
CA GLU B 261 -2.86 -6.65 38.68
C GLU B 261 -1.38 -6.63 38.25
N HIS B 262 -1.09 -5.89 37.16
CA HIS B 262 0.27 -5.74 36.65
C HIS B 262 0.94 -4.51 37.28
N LYS B 263 0.41 -4.03 38.46
CA LYS B 263 0.94 -2.90 39.23
C LYS B 263 0.98 -1.57 38.42
N LEU B 264 0.01 -1.38 37.52
CA LEU B 264 -0.10 -0.15 36.74
C LEU B 264 -1.45 0.51 37.01
N GLN B 265 -1.42 1.78 37.45
CA GLN B 265 -2.59 2.60 37.74
C GLN B 265 -2.72 3.71 36.69
N PHE B 266 -3.97 4.00 36.30
CA PHE B 266 -4.24 5.01 35.27
C PHE B 266 -4.65 6.34 35.85
N TRP B 267 -4.14 7.42 35.22
CA TRP B 267 -4.56 8.76 35.59
C TRP B 267 -5.95 9.00 34.98
N ALA B 268 -6.11 8.73 33.66
CA ALA B 268 -7.38 8.99 32.98
C ALA B 268 -7.68 7.94 31.90
N VAL B 269 -8.94 7.91 31.43
CA VAL B 269 -9.38 7.08 30.29
C VAL B 269 -10.18 8.03 29.39
N THR B 270 -10.20 7.77 28.08
CA THR B 270 -11.09 8.52 27.19
C THR B 270 -12.34 7.67 26.95
N ALA B 271 -13.47 8.31 26.67
CA ALA B 271 -14.77 7.64 26.48
C ALA B 271 -14.81 6.78 25.21
N GLU B 272 -13.94 7.09 24.24
CA GLU B 272 -13.76 6.38 22.95
C GLU B 272 -12.73 7.15 22.16
N ASN B 273 -11.85 6.44 21.40
CA ASN B 273 -10.94 7.12 20.51
C ASN B 273 -11.75 7.56 19.27
N GLU B 274 -11.70 8.85 18.90
CA GLU B 274 -12.36 9.37 17.68
C GLU B 274 -13.76 8.77 17.44
N PRO B 275 -14.70 9.02 18.38
CA PRO B 275 -16.05 8.46 18.26
C PRO B 275 -16.78 8.83 16.96
N SER B 276 -16.45 9.98 16.32
CA SER B 276 -17.09 10.41 15.07
C SER B 276 -16.68 9.48 13.89
N ALA B 277 -15.50 8.85 13.98
CA ALA B 277 -14.96 7.96 12.95
C ALA B 277 -15.90 6.76 12.69
N GLY B 278 -16.44 6.17 13.76
CA GLY B 278 -17.36 5.04 13.66
C GLY B 278 -18.73 5.34 13.09
N LEU B 279 -18.97 6.63 12.73
CA LEU B 279 -20.21 7.08 12.11
C LEU B 279 -20.06 7.10 10.56
N LEU B 280 -18.82 6.87 10.06
CA LEU B 280 -18.52 6.93 8.64
C LEU B 280 -18.48 5.56 7.96
N SER B 281 -19.20 5.40 6.84
CA SER B 281 -19.16 4.12 6.11
C SER B 281 -17.76 3.94 5.51
N GLY B 282 -17.25 2.71 5.57
CA GLY B 282 -15.90 2.35 5.10
C GLY B 282 -14.76 2.82 5.96
N TYR B 283 -15.03 3.32 7.22
CA TYR B 283 -13.93 3.76 8.12
C TYR B 283 -12.93 2.61 8.24
N PRO B 284 -11.67 2.82 7.80
CA PRO B 284 -10.73 1.70 7.67
C PRO B 284 -10.16 1.08 8.94
N PHE B 285 -10.04 1.87 10.03
CA PHE B 285 -9.42 1.42 11.28
C PHE B 285 -10.44 0.98 12.30
N GLN B 286 -9.99 0.28 13.37
CA GLN B 286 -10.86 -0.11 14.49
C GLN B 286 -11.50 1.16 15.04
N CYS B 287 -12.83 1.12 15.19
CA CYS B 287 -13.63 2.25 15.62
C CYS B 287 -14.88 1.79 16.36
N LEU B 288 -15.57 2.76 17.00
CA LEU B 288 -16.84 2.54 17.70
C LEU B 288 -17.56 3.87 17.68
N GLY B 289 -18.53 3.98 16.79
CA GLY B 289 -19.29 5.19 16.54
C GLY B 289 -20.19 5.66 17.66
N PHE B 290 -20.11 6.96 17.94
CA PHE B 290 -20.99 7.62 18.91
C PHE B 290 -21.25 9.00 18.40
N THR B 291 -22.52 9.41 18.39
CA THR B 291 -22.86 10.80 18.12
C THR B 291 -22.60 11.50 19.49
N PRO B 292 -22.56 12.86 19.59
CA PRO B 292 -22.33 13.47 20.92
C PRO B 292 -23.45 13.12 21.89
N GLU B 293 -24.70 12.97 21.40
CA GLU B 293 -25.88 12.55 22.20
C GLU B 293 -25.70 11.11 22.73
N HIS B 294 -25.22 10.21 21.89
CA HIS B 294 -24.99 8.81 22.28
C HIS B 294 -23.84 8.76 23.31
N GLN B 295 -22.78 9.59 23.13
CA GLN B 295 -21.67 9.64 24.09
C GLN B 295 -22.18 10.21 25.41
N ARG B 296 -22.97 11.30 25.33
CA ARG B 296 -23.56 11.93 26.52
C ARG B 296 -24.34 10.89 27.32
N ASP B 297 -25.20 10.09 26.64
CA ASP B 297 -26.05 9.13 27.31
C ASP B 297 -25.27 7.92 27.82
N PHE B 298 -24.33 7.41 27.04
CA PHE B 298 -23.47 6.31 27.46
C PHE B 298 -22.68 6.68 28.73
N ILE B 299 -22.10 7.90 28.79
CA ILE B 299 -21.37 8.39 30.00
C ILE B 299 -22.34 8.48 31.20
N ALA B 300 -23.50 9.17 31.04
CA ALA B 300 -24.49 9.39 32.09
C ALA B 300 -25.10 8.09 32.61
N ARG B 301 -25.47 7.16 31.71
CA ARG B 301 -26.16 5.94 32.08
C ARG B 301 -25.29 4.77 32.40
N ASP B 302 -24.16 4.64 31.69
CA ASP B 302 -23.31 3.46 31.80
C ASP B 302 -21.88 3.68 32.26
N LEU B 303 -21.08 4.43 31.52
CA LEU B 303 -19.64 4.52 31.82
C LEU B 303 -19.33 5.24 33.13
N GLY B 304 -19.95 6.40 33.36
CA GLY B 304 -19.75 7.15 34.58
C GLY B 304 -20.14 6.35 35.81
N PRO B 305 -21.42 5.90 35.94
CA PRO B 305 -21.81 5.11 37.13
C PRO B 305 -20.96 3.85 37.35
N THR B 306 -20.61 3.15 36.25
CA THR B 306 -19.82 1.91 36.33
C THR B 306 -18.43 2.17 36.88
N LEU B 307 -17.75 3.22 36.38
CA LEU B 307 -16.43 3.60 36.87
C LEU B 307 -16.52 4.14 38.30
N ALA B 308 -17.50 5.03 38.61
CA ALA B 308 -17.65 5.62 39.94
C ALA B 308 -17.93 4.56 41.03
N ASN B 309 -18.60 3.44 40.66
CA ASN B 309 -18.90 2.36 41.61
C ASN B 309 -17.76 1.34 41.72
N SER B 310 -16.74 1.49 40.90
CA SER B 310 -15.60 0.57 40.90
C SER B 310 -14.49 1.03 41.87
N THR B 311 -13.44 0.20 42.03
CA THR B 311 -12.24 0.50 42.82
C THR B 311 -11.38 1.56 42.10
N HIS B 312 -11.69 1.83 40.81
CA HIS B 312 -11.00 2.81 39.97
C HIS B 312 -11.80 4.11 39.83
N HIS B 313 -12.63 4.45 40.86
CA HIS B 313 -13.43 5.68 40.90
C HIS B 313 -12.60 6.98 40.76
N ASN B 314 -11.31 6.95 41.15
CA ASN B 314 -10.40 8.10 41.07
C ASN B 314 -9.83 8.35 39.66
N VAL B 315 -9.96 7.38 38.76
CA VAL B 315 -9.48 7.54 37.37
C VAL B 315 -10.35 8.64 36.69
N ARG B 316 -9.71 9.62 36.05
CA ARG B 316 -10.46 10.68 35.39
C ARG B 316 -11.09 10.20 34.09
N LEU B 317 -12.22 10.81 33.70
CA LEU B 317 -12.83 10.48 32.42
C LEU B 317 -12.73 11.71 31.51
N LEU B 318 -12.19 11.49 30.30
CA LEU B 318 -12.07 12.54 29.31
C LEU B 318 -13.02 12.23 28.15
N MET B 319 -13.80 13.23 27.72
CA MET B 319 -14.71 13.06 26.60
C MET B 319 -14.06 13.47 25.29
N LEU B 320 -14.77 13.24 24.18
CA LEU B 320 -14.39 13.62 22.82
C LEU B 320 -13.27 12.77 22.26
N ASP B 321 -12.00 13.06 22.60
CA ASP B 321 -10.82 12.33 22.05
C ASP B 321 -10.89 12.30 20.51
N ASP B 322 -11.14 13.47 19.94
CA ASP B 322 -11.38 13.64 18.52
C ASP B 322 -11.02 15.05 18.08
N GLN B 323 -11.23 15.35 16.78
CA GLN B 323 -10.87 16.61 16.13
C GLN B 323 -11.52 17.82 16.79
N ARG B 324 -10.75 18.91 16.95
CA ARG B 324 -11.28 20.10 17.61
C ARG B 324 -12.37 20.79 16.80
N LEU B 325 -12.53 20.38 15.51
CA LEU B 325 -13.58 20.89 14.64
C LEU B 325 -14.99 20.54 15.21
N LEU B 326 -15.04 19.55 16.12
CA LEU B 326 -16.27 19.08 16.77
C LEU B 326 -16.66 19.94 17.98
N LEU B 327 -15.82 20.94 18.29
CA LEU B 327 -15.99 21.88 19.39
C LEU B 327 -16.45 23.27 18.94
N PRO B 328 -17.27 24.00 19.75
CA PRO B 328 -17.77 23.62 21.08
C PRO B 328 -18.97 22.67 21.10
N HIS B 329 -19.58 22.31 19.94
CA HIS B 329 -20.83 21.50 19.87
C HIS B 329 -20.85 20.27 20.78
N TRP B 330 -19.84 19.38 20.68
CA TRP B 330 -19.74 18.15 21.48
C TRP B 330 -19.74 18.42 22.95
N ALA B 331 -18.96 19.43 23.38
CA ALA B 331 -18.85 19.85 24.78
C ALA B 331 -20.21 20.38 25.25
N LYS B 332 -20.93 21.17 24.41
CA LYS B 332 -22.27 21.68 24.77
C LYS B 332 -23.22 20.51 24.97
N VAL B 333 -23.24 19.54 24.03
CA VAL B 333 -24.14 18.37 24.10
C VAL B 333 -23.91 17.53 25.40
N VAL B 334 -22.67 17.19 25.72
CA VAL B 334 -22.36 16.37 26.89
C VAL B 334 -22.40 17.15 28.23
N LEU B 335 -21.79 18.34 28.27
CA LEU B 335 -21.61 19.05 29.52
C LEU B 335 -22.81 19.88 30.00
N THR B 336 -23.85 20.09 29.16
CA THR B 336 -25.05 20.82 29.59
C THR B 336 -26.04 19.86 30.25
N ASP B 337 -25.73 18.54 30.18
CA ASP B 337 -26.51 17.49 30.83
C ASP B 337 -25.78 17.24 32.18
N PRO B 338 -26.41 17.64 33.32
CA PRO B 338 -25.74 17.46 34.62
C PRO B 338 -25.40 16.00 34.95
N GLU B 339 -26.27 15.04 34.51
CA GLU B 339 -26.05 13.59 34.72
C GLU B 339 -24.80 13.06 34.02
N ALA B 340 -24.39 13.66 32.88
CA ALA B 340 -23.17 13.32 32.16
C ALA B 340 -22.00 14.17 32.67
N ALA B 341 -22.21 15.51 32.85
CA ALA B 341 -21.16 16.44 33.28
C ALA B 341 -20.47 16.07 34.61
N LYS B 342 -21.22 15.47 35.55
CA LYS B 342 -20.68 15.10 36.87
C LYS B 342 -19.58 14.03 36.82
N TYR B 343 -19.50 13.29 35.71
CA TYR B 343 -18.49 12.27 35.49
C TYR B 343 -17.32 12.70 34.58
N VAL B 344 -17.45 13.88 33.89
CA VAL B 344 -16.44 14.30 32.92
C VAL B 344 -15.43 15.30 33.50
N HIS B 345 -14.15 14.86 33.56
CA HIS B 345 -13.02 15.67 34.05
C HIS B 345 -12.46 16.63 32.98
N GLY B 346 -12.46 16.21 31.72
CA GLY B 346 -11.91 17.01 30.65
C GLY B 346 -12.32 16.57 29.25
N ILE B 347 -11.81 17.30 28.25
CA ILE B 347 -12.09 17.15 26.83
C ILE B 347 -10.76 16.91 26.13
N ALA B 348 -10.63 15.74 25.49
CA ALA B 348 -9.40 15.37 24.77
C ALA B 348 -9.55 15.72 23.30
N VAL B 349 -8.52 16.34 22.70
CA VAL B 349 -8.56 16.75 21.30
C VAL B 349 -7.43 16.15 20.46
N HIS B 350 -7.75 15.81 19.20
CA HIS B 350 -6.76 15.33 18.21
C HIS B 350 -6.48 16.46 17.21
N TRP B 351 -5.25 16.54 16.67
CA TRP B 351 -4.81 17.72 15.92
C TRP B 351 -5.09 17.79 14.41
N TYR B 352 -5.65 16.73 13.84
CA TYR B 352 -5.71 16.56 12.38
C TYR B 352 -6.46 17.62 11.59
N LEU B 353 -7.49 18.24 12.18
CA LEU B 353 -8.24 19.27 11.48
C LEU B 353 -7.99 20.68 12.03
N ASP B 354 -6.92 20.86 12.84
CA ASP B 354 -6.58 22.16 13.45
C ASP B 354 -6.44 23.27 12.42
N PHE B 355 -5.78 22.95 11.28
CA PHE B 355 -5.61 23.86 10.14
C PHE B 355 -6.95 24.32 9.52
N LEU B 356 -8.09 23.61 9.81
CA LEU B 356 -9.43 23.96 9.32
C LEU B 356 -10.39 24.36 10.46
N ALA B 357 -9.89 24.42 11.71
CA ALA B 357 -10.70 24.74 12.89
C ALA B 357 -9.99 25.77 13.76
N PRO B 358 -10.23 27.09 13.50
CA PRO B 358 -9.56 28.14 14.31
C PRO B 358 -9.62 27.88 15.80
N ALA B 359 -8.45 27.91 16.48
CA ALA B 359 -8.35 27.69 17.92
C ALA B 359 -9.32 28.56 18.74
N LYS B 360 -9.47 29.87 18.38
CA LYS B 360 -10.36 30.78 19.09
C LYS B 360 -11.83 30.30 19.09
N ALA B 361 -12.35 29.84 17.94
CA ALA B 361 -13.74 29.40 17.78
C ALA B 361 -14.04 27.98 18.35
N THR B 362 -12.97 27.21 18.62
CA THR B 362 -13.07 25.83 19.11
C THR B 362 -12.61 25.75 20.54
N LEU B 363 -11.28 25.84 20.78
CA LEU B 363 -10.70 25.78 22.12
C LEU B 363 -11.14 26.97 22.96
N GLY B 364 -11.02 28.17 22.41
CA GLY B 364 -11.37 29.40 23.10
C GLY B 364 -12.81 29.46 23.54
N GLU B 365 -13.73 29.10 22.62
CA GLU B 365 -15.16 29.12 22.91
C GLU B 365 -15.54 28.02 23.90
N THR B 366 -14.89 26.84 23.81
CA THR B 366 -15.15 25.71 24.73
C THR B 366 -14.72 26.11 26.15
N HIS B 367 -13.52 26.72 26.26
CA HIS B 367 -13.00 27.23 27.53
C HIS B 367 -13.94 28.26 28.13
N ARG B 368 -14.41 29.23 27.31
CA ARG B 368 -15.32 30.26 27.77
C ARG B 368 -16.65 29.69 28.32
N LEU B 369 -17.21 28.67 27.64
CA LEU B 369 -18.48 28.04 28.06
C LEU B 369 -18.29 27.06 29.21
N PHE B 370 -17.13 26.36 29.27
CA PHE B 370 -16.87 25.36 30.31
C PHE B 370 -15.47 25.58 30.88
N PRO B 371 -15.23 26.65 31.68
CA PRO B 371 -13.84 26.92 32.16
C PRO B 371 -13.29 25.93 33.18
N ASN B 372 -14.14 25.16 33.85
CA ASN B 372 -13.72 24.20 34.88
C ASN B 372 -13.46 22.81 34.32
N THR B 373 -13.67 22.63 32.99
CA THR B 373 -13.45 21.37 32.28
C THR B 373 -12.19 21.54 31.43
N MET B 374 -11.10 20.92 31.86
CA MET B 374 -9.81 21.05 31.18
C MET B 374 -9.83 20.54 29.71
N LEU B 375 -9.01 21.17 28.87
CA LEU B 375 -8.79 20.80 27.47
C LEU B 375 -7.41 20.16 27.42
N PHE B 376 -7.31 18.98 26.79
CA PHE B 376 -6.08 18.22 26.73
C PHE B 376 -5.85 17.66 25.31
N ALA B 377 -4.66 17.89 24.71
CA ALA B 377 -4.37 17.36 23.36
C ALA B 377 -3.81 15.94 23.51
N SER B 378 -4.59 14.93 23.08
CA SER B 378 -4.32 13.52 23.29
C SER B 378 -3.70 12.75 22.12
N GLU B 379 -3.64 13.33 20.91
CA GLU B 379 -3.04 12.62 19.76
C GLU B 379 -2.66 13.54 18.60
N ALA B 380 -1.46 13.31 18.05
CA ALA B 380 -0.99 14.03 16.86
C ALA B 380 0.05 13.21 16.13
N CYS B 381 0.11 13.28 14.79
CA CYS B 381 1.16 12.70 13.95
C CYS B 381 1.15 13.34 12.60
N VAL B 382 2.30 13.32 11.94
CA VAL B 382 2.46 13.84 10.59
C VAL B 382 2.60 12.64 9.65
N GLY B 383 2.34 12.88 8.37
CA GLY B 383 2.60 11.89 7.33
C GLY B 383 1.45 11.04 6.87
N SER B 384 0.25 11.23 7.45
CA SER B 384 -0.91 10.40 7.11
C SER B 384 -1.64 10.80 5.83
N LYS B 385 -1.42 12.04 5.30
CA LYS B 385 -2.15 12.50 4.10
C LYS B 385 -1.79 11.61 2.89
N PHE B 386 -2.74 11.46 1.92
CA PHE B 386 -2.61 10.49 0.81
C PHE B 386 -1.29 10.58 0.03
N TRP B 387 -0.79 11.79 -0.23
CA TRP B 387 0.44 11.93 -1.02
C TRP B 387 1.71 11.93 -0.14
N GLU B 388 1.56 12.14 1.15
CA GLU B 388 2.71 12.32 2.03
C GLU B 388 3.62 11.13 2.17
N GLN B 389 4.95 11.38 2.22
CA GLN B 389 5.89 10.29 2.51
C GLN B 389 5.64 10.03 3.98
N SER B 390 5.50 8.76 4.35
CA SER B 390 5.22 8.40 5.73
C SER B 390 6.32 8.85 6.68
N VAL B 391 7.58 8.53 6.36
CA VAL B 391 8.71 8.91 7.19
C VAL B 391 9.63 9.78 6.34
N ARG B 392 9.93 10.99 6.84
CA ARG B 392 10.86 11.91 6.17
C ARG B 392 11.97 12.18 7.14
N LEU B 393 12.95 11.28 7.20
CA LEU B 393 14.05 11.39 8.17
C LEU B 393 14.77 12.74 8.15
N GLY B 394 14.68 13.44 9.26
CA GLY B 394 15.32 14.73 9.44
C GLY B 394 14.52 15.92 8.99
N SER B 395 13.20 15.74 8.73
CA SER B 395 12.31 16.87 8.38
C SER B 395 12.21 17.96 9.47
N TRP B 396 12.76 19.14 9.19
CA TRP B 396 12.61 20.28 10.11
C TRP B 396 11.14 20.76 10.04
N ASP B 397 10.51 20.69 8.87
CA ASP B 397 9.11 21.11 8.75
C ASP B 397 8.21 20.32 9.74
N ARG B 398 8.43 18.99 9.84
CA ARG B 398 7.63 18.16 10.76
C ARG B 398 7.87 18.53 12.22
N GLY B 399 9.13 18.86 12.56
CA GLY B 399 9.47 19.36 13.89
C GLY B 399 8.71 20.65 14.19
N MET B 400 8.78 21.63 13.23
CA MET B 400 8.07 22.91 13.41
C MET B 400 6.57 22.73 13.55
N GLN B 401 5.99 21.71 12.87
CA GLN B 401 4.54 21.43 12.97
C GLN B 401 4.19 21.10 14.41
N TYR B 402 5.01 20.28 15.06
CA TYR B 402 4.84 19.89 16.46
C TYR B 402 4.89 21.08 17.42
N SER B 403 5.99 21.86 17.37
CA SER B 403 6.16 22.97 18.30
C SER B 403 5.12 24.09 18.08
N HIS B 404 4.70 24.32 16.82
CA HIS B 404 3.69 25.32 16.50
C HIS B 404 2.33 24.88 17.07
N SER B 405 1.98 23.58 16.96
CA SER B 405 0.75 23.02 17.54
C SER B 405 0.79 23.15 19.07
N ILE B 406 1.90 22.74 19.70
CA ILE B 406 2.04 22.84 21.15
C ILE B 406 1.83 24.30 21.65
N ILE B 407 2.52 25.27 21.01
CA ILE B 407 2.40 26.68 21.36
C ILE B 407 0.94 27.16 21.19
N THR B 408 0.32 26.92 20.03
CA THR B 408 -1.10 27.33 19.84
C THR B 408 -2.02 26.73 20.92
N ASN B 409 -1.86 25.42 21.22
CA ASN B 409 -2.67 24.73 22.24
C ASN B 409 -2.49 25.43 23.60
N LEU B 410 -1.22 25.67 24.00
CA LEU B 410 -0.95 26.33 25.27
C LEU B 410 -1.54 27.73 25.37
N LEU B 411 -1.55 28.47 24.24
CA LEU B 411 -2.13 29.82 24.21
C LEU B 411 -3.66 29.78 24.24
N TYR B 412 -4.24 28.57 24.04
CA TYR B 412 -5.69 28.41 24.07
C TYR B 412 -6.14 27.39 25.12
N HIS B 413 -5.58 27.55 26.33
CA HIS B 413 -5.97 26.89 27.59
C HIS B 413 -5.71 25.39 27.69
N VAL B 414 -5.12 24.78 26.68
CA VAL B 414 -4.83 23.33 26.67
C VAL B 414 -3.77 22.97 27.71
N VAL B 415 -4.02 21.94 28.51
CA VAL B 415 -3.17 21.58 29.66
C VAL B 415 -2.06 20.56 29.35
N GLY B 416 -2.06 19.98 28.17
CA GLY B 416 -1.06 18.99 27.82
C GLY B 416 -1.13 18.60 26.38
N TRP B 417 -0.07 17.98 25.90
CA TRP B 417 0.03 17.60 24.49
C TRP B 417 0.69 16.24 24.38
N THR B 418 0.03 15.32 23.66
CA THR B 418 0.44 13.93 23.51
C THR B 418 0.67 13.56 22.07
N ASP B 419 1.87 13.05 21.84
CA ASP B 419 2.23 12.52 20.54
C ASP B 419 1.57 11.14 20.38
N TRP B 420 1.58 10.64 19.14
CA TRP B 420 1.06 9.32 18.80
C TRP B 420 2.22 8.31 19.02
N ASN B 421 2.44 7.31 18.12
CA ASN B 421 3.50 6.29 18.29
C ASN B 421 4.83 6.85 18.82
N LEU B 422 5.28 6.32 19.97
CA LEU B 422 6.58 6.69 20.55
C LEU B 422 7.73 6.27 19.58
N ALA B 423 7.52 5.18 18.80
CA ALA B 423 8.57 4.75 17.85
C ALA B 423 7.95 4.03 16.68
N LEU B 424 8.52 4.20 15.47
CA LEU B 424 8.04 3.42 14.30
C LEU B 424 9.24 2.92 13.53
N ASN B 425 9.04 1.95 12.62
CA ASN B 425 10.14 1.47 11.80
C ASN B 425 10.36 2.45 10.57
N PRO B 426 11.35 2.24 9.66
CA PRO B 426 11.59 3.23 8.59
C PRO B 426 10.48 3.37 7.56
N GLU B 427 9.54 2.42 7.50
CA GLU B 427 8.38 2.47 6.62
C GLU B 427 7.25 3.29 7.28
N GLY B 428 7.31 3.47 8.60
CA GLY B 428 6.31 4.17 9.39
C GLY B 428 5.29 3.22 9.98
N GLY B 429 5.74 1.99 10.21
CA GLY B 429 4.91 0.92 10.74
C GLY B 429 5.53 0.18 11.91
N PRO B 430 5.02 -1.01 12.27
CA PRO B 430 3.89 -1.76 11.62
C PRO B 430 2.51 -1.10 11.69
N ASN B 431 1.65 -1.37 10.68
CA ASN B 431 0.29 -0.87 10.64
C ASN B 431 -0.51 -1.84 9.77
N TRP B 432 -1.46 -2.61 10.37
CA TRP B 432 -2.21 -3.63 9.62
C TRP B 432 -3.04 -3.07 8.42
N VAL B 433 -3.32 -1.78 8.41
CA VAL B 433 -4.09 -1.12 7.33
C VAL B 433 -3.15 -0.38 6.36
N ARG B 434 -1.83 -0.44 6.61
CA ARG B 434 -0.84 0.27 5.80
C ARG B 434 -1.01 1.77 5.90
N ASN B 435 -1.54 2.22 7.03
CA ASN B 435 -1.61 3.64 7.30
C ASN B 435 -0.24 4.03 7.93
N PHE B 436 0.80 4.13 7.10
CA PHE B 436 2.16 4.44 7.57
C PHE B 436 2.33 5.92 7.81
N VAL B 437 2.88 6.27 9.00
CA VAL B 437 3.02 7.69 9.40
C VAL B 437 4.42 7.92 9.96
N ASP B 438 4.68 9.13 10.44
CA ASP B 438 5.99 9.46 11.00
C ASP B 438 5.98 9.38 12.51
N SER B 439 7.17 9.32 13.13
CA SER B 439 7.30 9.28 14.58
C SER B 439 8.58 10.04 14.96
N PRO B 440 8.64 10.69 16.15
CA PRO B 440 9.91 11.34 16.57
C PRO B 440 11.14 10.43 16.62
N ILE B 441 10.93 9.12 16.86
CA ILE B 441 11.99 8.11 16.90
C ILE B 441 11.68 7.03 15.87
N ILE B 442 12.63 6.81 14.95
CA ILE B 442 12.53 5.76 13.94
C ILE B 442 13.53 4.68 14.28
N VAL B 443 13.07 3.43 14.38
CA VAL B 443 13.91 2.28 14.75
C VAL B 443 14.24 1.49 13.49
N ASP B 444 15.51 1.24 13.23
CA ASP B 444 15.90 0.35 12.16
C ASP B 444 16.45 -0.95 12.83
N ILE B 445 15.58 -1.96 12.92
CA ILE B 445 15.92 -3.22 13.56
C ILE B 445 17.13 -3.91 12.93
N THR B 446 17.27 -3.90 11.60
CA THR B 446 18.40 -4.54 10.90
C THR B 446 19.74 -3.95 11.31
N LYS B 447 19.78 -2.67 11.69
CA LYS B 447 21.03 -1.99 12.05
C LYS B 447 21.17 -1.79 13.55
N ASP B 448 20.21 -2.30 14.35
CA ASP B 448 20.13 -2.10 15.80
C ASP B 448 20.37 -0.60 16.11
N THR B 449 19.67 0.25 15.34
CA THR B 449 19.92 1.68 15.37
C THR B 449 18.57 2.40 15.47
N PHE B 450 18.57 3.58 16.09
CA PHE B 450 17.39 4.43 16.14
C PHE B 450 17.77 5.88 15.86
N TYR B 451 16.84 6.63 15.22
CA TYR B 451 17.07 8.00 14.80
C TYR B 451 16.12 8.89 15.53
N LYS B 452 16.64 9.93 16.15
CA LYS B 452 15.82 10.91 16.84
C LYS B 452 15.68 12.07 15.86
N GLN B 453 14.45 12.29 15.45
CA GLN B 453 14.07 13.30 14.47
C GLN B 453 13.91 14.72 15.04
N PRO B 454 13.79 15.74 14.16
CA PRO B 454 13.53 17.10 14.67
C PRO B 454 12.26 17.16 15.56
N MET B 455 11.20 16.33 15.28
CA MET B 455 10.00 16.27 16.15
C MET B 455 10.32 15.92 17.61
N PHE B 456 11.30 15.02 17.82
CA PHE B 456 11.73 14.65 19.18
C PHE B 456 12.21 15.89 19.95
N TYR B 457 13.11 16.67 19.34
CA TYR B 457 13.71 17.84 19.97
C TYR B 457 12.67 18.99 20.12
N HIS B 458 11.85 19.24 19.09
CA HIS B 458 10.77 20.25 19.16
C HIS B 458 9.83 19.95 20.33
N LEU B 459 9.44 18.66 20.52
CA LEU B 459 8.63 18.24 21.67
C LEU B 459 9.41 18.44 22.97
N GLY B 460 10.67 18.05 22.95
CA GLY B 460 11.55 18.16 24.11
C GLY B 460 11.69 19.59 24.64
N HIS B 461 11.71 20.60 23.73
CA HIS B 461 11.80 22.00 24.12
C HIS B 461 10.65 22.40 25.10
N PHE B 462 9.56 21.58 25.14
CA PHE B 462 8.44 21.77 26.06
C PHE B 462 8.49 20.74 27.17
N SER B 463 8.48 19.46 26.81
CA SER B 463 8.39 18.36 27.77
C SER B 463 9.47 18.41 28.83
N LYS B 464 10.71 18.69 28.45
CA LYS B 464 11.81 18.70 29.41
C LYS B 464 11.73 19.84 30.41
N PHE B 465 11.12 20.97 30.01
CA PHE B 465 11.20 22.20 30.77
C PHE B 465 9.91 22.75 31.33
N ILE B 466 8.81 22.04 31.17
CA ILE B 466 7.48 22.48 31.63
C ILE B 466 6.94 21.34 32.47
N PRO B 467 7.38 21.21 33.73
CA PRO B 467 6.87 20.11 34.57
C PRO B 467 5.36 20.28 34.91
N GLU B 468 4.72 19.20 35.33
CA GLU B 468 3.34 19.19 35.80
C GLU B 468 3.15 20.25 36.92
N GLY B 469 2.06 21.04 36.85
CA GLY B 469 1.81 22.12 37.80
C GLY B 469 2.30 23.48 37.31
N SER B 470 3.13 23.52 36.22
CA SER B 470 3.61 24.80 35.65
C SER B 470 2.37 25.58 35.20
N GLN B 471 2.42 26.89 35.30
CA GLN B 471 1.26 27.69 34.93
C GLN B 471 1.58 28.64 33.82
N ARG B 472 0.74 28.64 32.77
CA ARG B 472 0.91 29.57 31.66
C ARG B 472 0.60 30.99 32.15
N VAL B 473 1.51 31.92 31.83
CA VAL B 473 1.39 33.33 32.24
C VAL B 473 1.36 34.21 30.98
N GLY B 474 1.01 35.47 31.12
CA GLY B 474 0.97 36.41 29.99
C GLY B 474 2.34 36.70 29.41
N LEU B 475 2.37 36.94 28.10
CA LEU B 475 3.57 37.32 27.35
C LEU B 475 3.09 38.21 26.21
N VAL B 476 3.55 39.47 26.21
CA VAL B 476 3.10 40.47 25.24
C VAL B 476 4.24 40.99 24.35
N ALA B 477 3.96 41.15 23.05
CA ALA B 477 4.91 41.65 22.07
C ALA B 477 4.79 43.16 21.89
N SER B 478 5.95 43.84 21.81
CA SER B 478 6.00 45.29 21.64
C SER B 478 5.64 45.72 20.21
N GLN B 479 5.77 44.78 19.25
CA GLN B 479 5.45 45.05 17.84
C GLN B 479 5.02 43.77 17.14
N LYS B 480 4.44 43.90 15.93
CA LYS B 480 4.03 42.73 15.13
C LYS B 480 5.27 41.91 14.76
N ASN B 481 5.17 40.57 14.90
CA ASN B 481 6.30 39.67 14.62
C ASN B 481 5.87 38.31 14.10
N ASP B 482 6.86 37.56 13.59
CA ASP B 482 6.71 36.22 13.01
C ASP B 482 7.04 35.09 13.99
N LEU B 483 7.33 35.39 15.25
CA LEU B 483 7.66 34.35 16.24
C LEU B 483 6.42 33.77 16.90
N ASP B 484 6.52 32.52 17.36
CA ASP B 484 5.49 31.83 18.16
C ASP B 484 6.15 31.69 19.51
N ALA B 485 5.53 32.19 20.57
CA ALA B 485 6.15 32.17 21.88
C ALA B 485 5.14 31.95 22.94
N VAL B 486 5.56 31.34 24.05
CA VAL B 486 4.69 31.08 25.20
C VAL B 486 5.54 31.20 26.45
N ALA B 487 4.98 31.74 27.53
CA ALA B 487 5.67 31.86 28.80
C ALA B 487 4.91 31.12 29.87
N LEU B 488 5.64 30.43 30.74
CA LEU B 488 5.05 29.72 31.86
C LEU B 488 5.92 29.94 33.11
N MET B 489 5.33 29.67 34.25
CA MET B 489 5.98 29.76 35.52
C MET B 489 5.95 28.36 36.11
N HIS B 490 7.12 27.85 36.47
CA HIS B 490 7.26 26.57 37.14
C HIS B 490 6.59 26.62 38.54
N PRO B 491 6.23 25.46 39.12
CA PRO B 491 5.67 25.45 40.48
C PRO B 491 6.59 26.17 41.50
N ASP B 492 7.94 26.12 41.31
CA ASP B 492 8.87 26.79 42.22
C ASP B 492 9.00 28.32 41.98
N GLY B 493 8.25 28.85 41.02
CA GLY B 493 8.28 30.28 40.72
C GLY B 493 9.21 30.72 39.62
N SER B 494 10.07 29.82 39.13
CA SER B 494 10.99 30.17 38.04
C SER B 494 10.25 30.23 36.70
N ALA B 495 10.83 30.93 35.73
CA ALA B 495 10.25 31.18 34.42
C ALA B 495 10.80 30.30 33.32
N VAL B 496 9.93 30.03 32.36
CA VAL B 496 10.25 29.28 31.16
C VAL B 496 9.53 29.93 29.99
N VAL B 497 10.28 30.25 28.93
CA VAL B 497 9.74 30.85 27.73
C VAL B 497 10.23 30.05 26.55
N VAL B 498 9.29 29.61 25.67
CA VAL B 498 9.65 28.90 24.45
C VAL B 498 9.45 29.86 23.28
N VAL B 499 10.48 29.98 22.42
CA VAL B 499 10.46 30.86 21.26
C VAL B 499 10.75 30.05 20.00
N LEU B 500 9.77 29.99 19.12
CA LEU B 500 9.88 29.26 17.86
C LEU B 500 9.91 30.29 16.72
N ASN B 501 10.88 30.15 15.81
CA ASN B 501 11.01 31.03 14.66
C ASN B 501 10.86 30.12 13.43
N ARG B 502 9.70 30.16 12.76
CA ARG B 502 9.44 29.37 11.56
C ARG B 502 9.79 30.16 10.29
N SER B 503 10.33 31.38 10.45
CA SER B 503 10.71 32.20 9.31
C SER B 503 12.19 31.94 8.97
N SER B 504 12.66 32.45 7.84
CA SER B 504 14.06 32.32 7.43
C SER B 504 14.96 33.48 8.01
N LYS B 505 14.38 34.45 8.71
CA LYS B 505 15.17 35.58 9.18
C LYS B 505 15.47 35.52 10.67
N ASP B 506 16.69 35.89 11.05
CA ASP B 506 17.12 36.00 12.45
C ASP B 506 16.37 37.17 13.02
N VAL B 507 15.77 37.00 14.21
CA VAL B 507 14.98 38.05 14.85
C VAL B 507 15.64 38.47 16.16
N PRO B 508 16.28 39.68 16.21
CA PRO B 508 16.83 40.16 17.49
C PRO B 508 15.64 40.34 18.42
N LEU B 509 15.82 39.95 19.67
CA LEU B 509 14.73 39.89 20.63
C LEU B 509 15.18 40.20 22.05
N THR B 510 14.27 40.80 22.84
CA THR B 510 14.54 41.04 24.25
C THR B 510 13.33 40.55 25.03
N ILE B 511 13.59 39.79 26.08
CA ILE B 511 12.52 39.32 26.97
C ILE B 511 12.64 40.14 28.26
N LYS B 512 11.55 40.78 28.66
CA LYS B 512 11.55 41.57 29.88
C LYS B 512 10.74 40.82 30.93
N ASP B 513 11.37 40.63 32.08
CA ASP B 513 10.70 40.09 33.26
C ASP B 513 10.77 41.26 34.26
N PRO B 514 9.61 41.83 34.70
CA PRO B 514 9.65 42.99 35.61
C PRO B 514 10.41 42.81 36.93
N ALA B 515 10.47 41.58 37.46
CA ALA B 515 11.14 41.27 38.72
C ALA B 515 12.67 41.11 38.63
N VAL B 516 13.19 40.70 37.47
CA VAL B 516 14.59 40.34 37.28
C VAL B 516 15.35 41.22 36.28
N GLY B 517 14.71 41.62 35.19
CA GLY B 517 15.38 42.42 34.18
C GLY B 517 15.14 41.96 32.74
N PHE B 518 16.15 42.16 31.87
CA PHE B 518 16.11 41.92 30.43
C PHE B 518 17.02 40.82 29.93
N LEU B 519 16.45 39.93 29.07
CA LEU B 519 17.17 38.84 28.43
C LEU B 519 17.36 39.27 26.99
N GLU B 520 18.60 39.66 26.64
CA GLU B 520 18.95 40.11 25.30
C GLU B 520 19.38 38.91 24.50
N THR B 521 18.72 38.70 23.36
CA THR B 521 18.99 37.49 22.56
C THR B 521 18.64 37.67 21.09
N ILE B 522 18.80 36.61 20.30
CA ILE B 522 18.50 36.56 18.86
C ILE B 522 17.84 35.21 18.62
N SER B 523 16.68 35.22 17.97
CA SER B 523 16.02 33.98 17.59
C SER B 523 16.44 33.70 16.13
N PRO B 524 17.41 32.79 15.83
CA PRO B 524 17.79 32.55 14.42
C PRO B 524 16.64 32.02 13.58
N GLY B 525 16.66 32.27 12.28
CA GLY B 525 15.63 31.73 11.38
C GLY B 525 15.68 30.21 11.46
N TYR B 526 14.53 29.52 11.41
CA TYR B 526 14.46 28.04 11.53
C TYR B 526 15.16 27.53 12.81
N SER B 527 14.69 28.07 13.96
CA SER B 527 15.20 27.64 15.25
C SER B 527 14.06 27.51 16.25
N ILE B 528 14.37 26.89 17.37
CA ILE B 528 13.49 26.84 18.54
C ILE B 528 14.39 27.01 19.76
N HIS B 529 14.00 27.90 20.67
CA HIS B 529 14.71 28.12 21.90
C HIS B 529 13.82 27.92 23.09
N THR B 530 14.41 27.38 24.17
CA THR B 530 13.74 27.40 25.48
C THR B 530 14.66 28.19 26.40
N TYR B 531 14.10 29.24 27.09
CA TYR B 531 14.81 30.07 28.07
C TYR B 531 14.31 29.74 29.46
N LEU B 532 15.23 29.64 30.43
CA LEU B 532 14.88 29.37 31.82
C LEU B 532 15.63 30.35 32.70
N TRP B 533 14.97 30.84 33.77
CA TRP B 533 15.63 31.71 34.74
C TRP B 533 14.93 31.72 36.07
N HIS B 534 15.72 31.76 37.15
CA HIS B 534 15.19 31.90 38.50
C HIS B 534 14.67 33.34 38.61
N ARG B 535 13.61 33.55 39.40
CA ARG B 535 13.06 34.88 39.60
C ARG B 535 13.42 35.40 40.99
N GLN B 536 14.07 34.54 41.80
CA GLN B 536 14.58 34.83 43.16
C GLN B 536 15.69 33.85 43.56
N ALA C 40 -40.45 5.03 -17.63
CA ALA C 40 -40.99 3.89 -18.35
C ALA C 40 -40.20 2.60 -18.11
N ARG C 41 -38.92 2.70 -17.73
CA ARG C 41 -38.06 1.53 -17.50
C ARG C 41 -37.57 1.41 -16.05
N PRO C 42 -37.87 0.27 -15.38
CA PRO C 42 -37.43 0.11 -13.97
C PRO C 42 -35.93 -0.10 -13.82
N CYS C 43 -35.43 0.04 -12.57
CA CYS C 43 -34.04 -0.19 -12.21
C CYS C 43 -33.71 -1.69 -12.29
N ILE C 44 -32.55 -2.02 -12.89
CA ILE C 44 -32.06 -3.41 -12.94
C ILE C 44 -31.08 -3.55 -11.76
N PRO C 45 -31.47 -4.20 -10.65
CA PRO C 45 -30.57 -4.23 -9.48
C PRO C 45 -29.40 -5.20 -9.57
N LYS C 46 -28.29 -4.81 -8.96
CA LYS C 46 -27.09 -5.63 -8.80
C LYS C 46 -26.39 -5.22 -7.52
N SER C 47 -26.06 -6.22 -6.67
CA SER C 47 -25.37 -6.04 -5.40
C SER C 47 -23.88 -6.36 -5.56
N PHE C 48 -23.04 -5.62 -4.86
CA PHE C 48 -21.60 -5.82 -4.84
C PHE C 48 -21.10 -6.03 -3.42
N GLY C 49 -22.01 -6.42 -2.53
CA GLY C 49 -21.69 -6.68 -1.13
C GLY C 49 -21.83 -5.49 -0.21
N TYR C 50 -22.31 -4.34 -0.73
CA TYR C 50 -22.53 -3.13 0.06
C TYR C 50 -24.01 -3.03 0.50
N SER C 51 -24.38 -1.97 1.26
CA SER C 51 -25.73 -1.79 1.85
C SER C 51 -26.90 -1.83 0.86
N SER C 52 -26.70 -1.40 -0.39
CA SER C 52 -27.79 -1.40 -1.37
C SER C 52 -27.26 -1.82 -2.74
N VAL C 53 -28.12 -1.74 -3.76
CA VAL C 53 -27.81 -2.11 -5.13
C VAL C 53 -27.47 -0.91 -6.01
N VAL C 54 -26.83 -1.21 -7.15
CA VAL C 54 -26.59 -0.26 -8.22
C VAL C 54 -27.67 -0.59 -9.28
N CYS C 55 -27.98 0.36 -10.16
CA CYS C 55 -28.90 0.07 -11.26
C CYS C 55 -28.02 -0.13 -12.47
N VAL C 56 -28.17 -1.30 -13.10
CA VAL C 56 -27.35 -1.71 -14.23
C VAL C 56 -27.92 -1.14 -15.53
N CYS C 57 -27.04 -0.44 -16.25
CA CYS C 57 -27.31 0.18 -17.54
C CYS C 57 -26.25 -0.30 -18.53
N ASN C 58 -26.66 -0.55 -19.78
CA ASN C 58 -25.76 -1.00 -20.85
C ASN C 58 -26.12 -0.33 -22.19
N ALA C 59 -25.69 -0.89 -23.35
CA ALA C 59 -25.96 -0.29 -24.65
C ALA C 59 -27.42 -0.38 -25.06
N THR C 60 -28.09 -1.47 -24.63
CA THR C 60 -29.45 -1.93 -24.92
C THR C 60 -30.51 -1.49 -23.88
N TYR C 61 -30.07 -1.08 -22.66
CA TYR C 61 -31.01 -0.75 -21.59
C TYR C 61 -30.46 0.22 -20.56
N CYS C 62 -31.35 1.04 -20.01
CA CYS C 62 -31.14 1.90 -18.85
C CYS C 62 -32.48 2.31 -18.26
N ASP C 63 -32.54 2.46 -16.93
CA ASP C 63 -33.75 2.84 -16.21
C ASP C 63 -34.09 4.30 -16.50
N SER C 64 -35.24 4.50 -17.14
CA SER C 64 -35.71 5.82 -17.53
C SER C 64 -37.10 6.14 -17.01
N PHE C 65 -37.41 7.44 -16.94
CA PHE C 65 -38.72 7.94 -16.50
C PHE C 65 -39.58 8.20 -17.73
N ASP C 66 -40.89 8.42 -17.51
CA ASP C 66 -41.84 8.80 -18.56
C ASP C 66 -41.69 10.32 -18.75
N PRO C 67 -42.21 10.96 -19.84
CA PRO C 67 -42.10 12.43 -19.95
C PRO C 67 -42.82 13.08 -18.76
N PRO C 68 -42.13 13.97 -17.97
CA PRO C 68 -42.74 14.53 -16.75
C PRO C 68 -44.19 15.03 -16.90
N THR C 69 -45.12 14.19 -16.42
CA THR C 69 -46.56 14.44 -16.44
C THR C 69 -46.93 15.26 -15.19
N PHE C 70 -47.76 16.28 -15.37
CA PHE C 70 -48.19 17.17 -14.29
C PHE C 70 -49.65 16.94 -13.94
N PRO C 71 -49.96 16.32 -12.76
CA PRO C 71 -51.36 16.01 -12.43
C PRO C 71 -52.21 17.21 -11.99
N ALA C 72 -53.53 16.99 -11.84
CA ALA C 72 -54.51 18.00 -11.46
C ALA C 72 -54.56 18.29 -9.95
N LEU C 73 -55.20 19.42 -9.57
CA LEU C 73 -55.40 19.90 -8.18
C LEU C 73 -56.11 18.84 -7.30
N GLY C 74 -55.57 18.65 -6.10
CA GLY C 74 -56.07 17.67 -5.14
C GLY C 74 -55.35 16.33 -5.24
N THR C 75 -54.29 16.26 -6.07
CA THR C 75 -53.47 15.07 -6.31
C THR C 75 -51.99 15.38 -6.17
N PHE C 76 -51.28 14.57 -5.37
CA PHE C 76 -49.84 14.72 -5.19
C PHE C 76 -49.06 13.52 -5.73
N SER C 77 -47.93 13.81 -6.41
CA SER C 77 -47.00 12.81 -6.96
C SER C 77 -45.86 12.62 -5.97
N ARG C 78 -45.46 11.36 -5.72
CA ARG C 78 -44.37 11.03 -4.81
C ARG C 78 -43.35 10.09 -5.45
N TYR C 79 -42.07 10.50 -5.43
CA TYR C 79 -40.95 9.71 -5.97
C TYR C 79 -40.18 9.15 -4.77
N GLU C 80 -40.06 7.81 -4.70
CA GLU C 80 -39.42 7.08 -3.59
C GLU C 80 -38.24 6.21 -3.99
N SER C 81 -37.15 6.32 -3.21
CA SER C 81 -35.97 5.49 -3.32
C SER C 81 -35.72 4.94 -1.92
N THR C 82 -35.33 3.65 -1.85
CA THR C 82 -35.08 2.96 -0.58
C THR C 82 -33.85 2.09 -0.71
N ARG C 83 -33.20 1.81 0.43
CA ARG C 83 -32.03 0.93 0.54
C ARG C 83 -32.41 -0.49 0.06
N SER C 84 -33.69 -0.88 0.25
CA SER C 84 -34.22 -2.18 -0.18
C SER C 84 -34.23 -2.38 -1.71
N GLY C 85 -34.03 -1.32 -2.48
CA GLY C 85 -33.93 -1.41 -3.93
C GLY C 85 -34.84 -0.55 -4.78
N ARG C 86 -35.78 0.20 -4.16
CA ARG C 86 -36.71 1.06 -4.91
C ARG C 86 -35.95 2.28 -5.42
N ARG C 87 -36.14 2.64 -6.70
CA ARG C 87 -35.40 3.74 -7.33
C ARG C 87 -36.29 4.79 -8.00
N MET C 88 -36.54 5.90 -7.27
CA MET C 88 -37.35 7.05 -7.68
C MET C 88 -38.70 6.62 -8.27
N GLU C 89 -39.28 5.56 -7.68
CA GLU C 89 -40.57 4.97 -8.06
C GLU C 89 -41.69 5.98 -7.90
N LEU C 90 -42.56 6.11 -8.91
CA LEU C 90 -43.66 7.07 -8.89
C LEU C 90 -44.98 6.46 -8.41
N SER C 91 -45.70 7.22 -7.58
CA SER C 91 -47.02 6.89 -7.02
C SER C 91 -47.80 8.17 -6.78
N MET C 92 -49.12 8.09 -6.98
CA MET C 92 -50.05 9.19 -6.78
C MET C 92 -50.80 8.98 -5.47
N GLY C 93 -51.27 10.08 -4.88
CA GLY C 93 -52.04 10.12 -3.65
C GLY C 93 -52.89 11.37 -3.52
N PRO C 94 -53.87 11.40 -2.60
CA PRO C 94 -54.71 12.60 -2.47
C PRO C 94 -54.27 13.59 -1.38
N ILE C 95 -54.69 14.86 -1.53
CA ILE C 95 -54.44 15.90 -0.53
C ILE C 95 -55.78 16.13 0.19
N GLN C 96 -55.98 15.43 1.33
N GLN C 96 -55.99 15.42 1.31
CA GLN C 96 -57.20 15.50 2.14
CA GLN C 96 -57.22 15.51 2.10
C GLN C 96 -57.35 16.83 2.88
C GLN C 96 -57.35 16.82 2.88
N ALA C 97 -58.59 17.35 2.95
CA ALA C 97 -58.91 18.62 3.63
C ALA C 97 -58.91 18.49 5.16
N ASN C 98 -59.13 17.26 5.68
CA ASN C 98 -59.24 16.97 7.11
C ASN C 98 -57.94 16.55 7.81
N HIS C 99 -57.88 16.78 9.13
CA HIS C 99 -56.77 16.42 10.03
C HIS C 99 -57.18 15.36 11.05
N THR C 100 -56.28 14.39 11.32
CA THR C 100 -56.48 13.29 12.28
C THR C 100 -55.22 12.98 13.10
N GLY C 101 -54.08 12.84 12.43
CA GLY C 101 -52.79 12.53 13.05
C GLY C 101 -52.21 13.64 13.91
N THR C 102 -52.33 13.49 15.25
CA THR C 102 -51.84 14.44 16.26
C THR C 102 -50.30 14.45 16.44
N GLY C 103 -49.61 13.49 15.82
CA GLY C 103 -48.16 13.35 15.91
C GLY C 103 -47.37 14.39 15.13
N LEU C 104 -46.25 13.95 14.52
CA LEU C 104 -45.34 14.80 13.74
C LEU C 104 -46.02 15.41 12.51
N LEU C 105 -46.03 16.74 12.45
CA LEU C 105 -46.62 17.55 11.38
C LEU C 105 -45.60 18.55 10.82
N LEU C 106 -45.43 18.58 9.50
CA LEU C 106 -44.55 19.51 8.80
C LEU C 106 -45.41 20.59 8.15
N THR C 107 -45.52 21.74 8.83
CA THR C 107 -46.34 22.86 8.39
C THR C 107 -45.55 23.75 7.41
N LEU C 108 -45.98 23.75 6.14
CA LEU C 108 -45.40 24.56 5.06
C LEU C 108 -45.76 26.04 5.27
N GLN C 109 -44.76 26.92 5.10
CA GLN C 109 -44.87 28.37 5.25
C GLN C 109 -44.56 29.00 3.88
N PRO C 110 -45.58 29.11 2.97
CA PRO C 110 -45.31 29.68 1.64
C PRO C 110 -44.96 31.17 1.69
N GLU C 111 -45.59 31.92 2.64
CA GLU C 111 -45.40 33.35 2.88
C GLU C 111 -43.96 33.71 3.23
N GLN C 112 -43.28 32.87 4.03
N GLN C 112 -43.27 32.83 4.01
CA GLN C 112 -41.89 33.10 4.46
CA GLN C 112 -41.89 32.98 4.44
C GLN C 112 -40.90 32.50 3.45
C GLN C 112 -40.95 32.44 3.35
N LYS C 113 -40.39 33.36 2.55
CA LYS C 113 -39.47 33.01 1.44
C LYS C 113 -38.00 33.10 1.86
N PHE C 114 -37.12 32.35 1.16
CA PHE C 114 -35.68 32.34 1.41
C PHE C 114 -34.88 32.62 0.13
N GLN C 115 -34.05 31.68 -0.35
CA GLN C 115 -33.25 31.91 -1.56
C GLN C 115 -33.82 31.25 -2.82
N LYS C 116 -33.42 31.75 -4.00
CA LYS C 116 -33.81 31.20 -5.30
C LYS C 116 -32.71 30.23 -5.77
N VAL C 117 -33.11 29.11 -6.40
CA VAL C 117 -32.21 28.06 -6.88
C VAL C 117 -31.64 28.35 -8.27
N LYS C 118 -30.32 28.18 -8.40
CA LYS C 118 -29.55 28.30 -9.64
C LYS C 118 -29.64 27.00 -10.42
N GLY C 119 -29.36 25.89 -9.73
CA GLY C 119 -29.40 24.57 -10.35
C GLY C 119 -28.52 23.53 -9.70
N PHE C 120 -28.40 22.37 -10.37
CA PHE C 120 -27.69 21.19 -9.90
C PHE C 120 -26.99 20.52 -11.06
N GLY C 121 -25.82 19.96 -10.80
CA GLY C 121 -25.06 19.26 -11.84
C GLY C 121 -23.84 18.53 -11.35
N GLY C 122 -22.86 18.45 -12.23
CA GLY C 122 -21.60 17.77 -11.96
C GLY C 122 -20.49 18.25 -12.83
N ALA C 123 -19.30 17.65 -12.69
CA ALA C 123 -18.11 18.06 -13.41
C ALA C 123 -17.76 17.22 -14.62
N MET C 124 -17.50 17.89 -15.75
CA MET C 124 -17.03 17.21 -16.95
C MET C 124 -15.51 17.33 -16.93
N THR C 125 -14.88 16.50 -16.11
CA THR C 125 -13.44 16.40 -16.01
C THR C 125 -12.98 15.54 -17.18
N ASP C 126 -11.64 15.50 -17.43
CA ASP C 126 -11.07 14.59 -18.43
C ASP C 126 -11.39 13.14 -18.07
N ALA C 127 -11.31 12.79 -16.75
CA ALA C 127 -11.62 11.41 -16.31
C ALA C 127 -13.06 11.03 -16.65
N ALA C 128 -14.03 11.94 -16.40
CA ALA C 128 -15.44 11.70 -16.70
C ALA C 128 -15.64 11.50 -18.21
N ALA C 129 -15.11 12.44 -19.03
CA ALA C 129 -15.19 12.37 -20.50
C ALA C 129 -14.58 11.08 -21.10
N LEU C 130 -13.42 10.62 -20.59
CA LEU C 130 -12.76 9.39 -21.05
C LEU C 130 -13.58 8.14 -20.73
N ASN C 131 -14.16 8.08 -19.51
CA ASN C 131 -15.00 6.96 -19.10
C ASN C 131 -16.27 6.91 -19.90
N ILE C 132 -16.97 8.09 -20.06
CA ILE C 132 -18.20 8.16 -20.84
C ILE C 132 -17.91 7.71 -22.28
N LEU C 133 -16.81 8.22 -22.88
CA LEU C 133 -16.48 7.92 -24.28
C LEU C 133 -15.92 6.51 -24.51
N ALA C 134 -15.63 5.77 -23.44
CA ALA C 134 -15.15 4.39 -23.49
C ALA C 134 -16.29 3.44 -23.78
N LEU C 135 -17.55 3.87 -23.52
CA LEU C 135 -18.77 3.08 -23.81
C LEU C 135 -19.15 3.25 -25.28
N SER C 136 -20.01 2.34 -25.80
CA SER C 136 -20.50 2.43 -27.19
C SER C 136 -21.43 3.64 -27.29
N PRO C 137 -21.52 4.34 -28.44
CA PRO C 137 -22.43 5.52 -28.52
C PRO C 137 -23.85 5.29 -27.96
N PRO C 138 -24.61 4.19 -28.22
CA PRO C 138 -25.94 4.05 -27.57
C PRO C 138 -25.85 4.07 -26.03
N ALA C 139 -24.83 3.40 -25.45
CA ALA C 139 -24.61 3.39 -24.00
C ALA C 139 -24.25 4.78 -23.50
N GLN C 140 -23.43 5.55 -24.26
CA GLN C 140 -23.04 6.94 -23.95
C GLN C 140 -24.29 7.84 -23.89
N ASN C 141 -25.16 7.76 -24.92
CA ASN C 141 -26.42 8.52 -25.01
C ASN C 141 -27.34 8.28 -23.82
N LEU C 142 -27.47 7.00 -23.37
CA LEU C 142 -28.29 6.63 -22.21
C LEU C 142 -27.73 7.23 -20.92
N LEU C 143 -26.39 7.26 -20.75
CA LEU C 143 -25.73 7.87 -19.59
C LEU C 143 -26.03 9.37 -19.58
N LEU C 144 -25.86 10.04 -20.74
CA LEU C 144 -26.10 11.47 -20.93
C LEU C 144 -27.57 11.81 -20.68
N LYS C 145 -28.51 10.98 -21.19
CA LYS C 145 -29.94 11.13 -20.95
C LYS C 145 -30.24 11.01 -19.45
N SER C 146 -29.63 10.00 -18.79
CA SER C 146 -29.80 9.74 -17.36
C SER C 146 -29.50 10.99 -16.53
N TYR C 147 -28.50 11.78 -16.94
CA TYR C 147 -28.14 13.00 -16.24
C TYR C 147 -28.91 14.23 -16.71
N PHE C 148 -29.00 14.46 -18.04
CA PHE C 148 -29.50 15.70 -18.60
C PHE C 148 -30.89 15.70 -19.21
N SER C 149 -31.37 14.56 -19.76
CA SER C 149 -32.70 14.48 -20.40
C SER C 149 -33.85 14.38 -19.42
N GLU C 150 -35.06 14.60 -19.95
CA GLU C 150 -36.37 14.50 -19.31
C GLU C 150 -36.55 13.10 -18.73
N GLU C 151 -36.06 12.08 -19.48
CA GLU C 151 -36.10 10.64 -19.15
C GLU C 151 -35.10 10.33 -18.02
N GLY C 152 -34.27 11.30 -17.66
CA GLY C 152 -33.29 11.17 -16.60
C GLY C 152 -33.56 12.14 -15.46
N ILE C 153 -32.49 12.61 -14.81
CA ILE C 153 -32.57 13.58 -13.72
C ILE C 153 -32.40 14.98 -14.35
N GLY C 154 -32.49 16.05 -13.55
CA GLY C 154 -32.58 17.38 -14.13
C GLY C 154 -31.39 18.30 -14.09
N TYR C 155 -30.19 17.78 -14.46
CA TYR C 155 -28.95 18.54 -14.49
C TYR C 155 -29.00 19.73 -15.43
N ASN C 156 -28.70 20.90 -14.89
CA ASN C 156 -28.68 22.14 -15.65
C ASN C 156 -27.38 22.89 -15.37
N ILE C 157 -26.41 22.23 -14.70
CA ILE C 157 -25.08 22.76 -14.40
C ILE C 157 -24.01 21.76 -14.80
N ILE C 158 -22.97 22.27 -15.49
CA ILE C 158 -21.80 21.48 -15.85
C ILE C 158 -20.57 22.32 -15.46
N ARG C 159 -19.76 21.80 -14.54
CA ARG C 159 -18.51 22.46 -14.16
C ARG C 159 -17.41 21.90 -15.10
N VAL C 160 -16.71 22.81 -15.76
CA VAL C 160 -15.65 22.48 -16.71
C VAL C 160 -14.28 22.91 -16.13
N PRO C 161 -13.35 21.97 -15.83
CA PRO C 161 -12.03 22.42 -15.38
C PRO C 161 -11.31 23.15 -16.52
N MET C 162 -10.56 24.20 -16.19
CA MET C 162 -9.75 24.91 -17.20
C MET C 162 -8.39 24.21 -17.25
N ALA C 163 -8.21 23.33 -18.23
CA ALA C 163 -7.02 22.49 -18.45
C ALA C 163 -6.98 21.31 -17.46
N SER C 164 -5.77 20.78 -17.17
CA SER C 164 -5.66 19.55 -16.39
C SER C 164 -5.85 19.69 -14.89
N CYS C 165 -6.34 18.59 -14.28
CA CYS C 165 -6.44 18.51 -12.83
C CYS C 165 -6.01 17.08 -12.40
N ASP C 166 -6.26 16.63 -11.16
CA ASP C 166 -5.86 15.28 -10.76
C ASP C 166 -6.63 14.25 -11.57
N PHE C 167 -7.90 14.55 -11.91
CA PHE C 167 -8.72 13.64 -12.72
C PHE C 167 -8.52 13.86 -14.21
N SER C 168 -7.24 13.71 -14.62
CA SER C 168 -6.70 13.82 -15.97
C SER C 168 -5.70 12.69 -16.11
N ILE C 169 -5.35 12.32 -17.35
CA ILE C 169 -4.36 11.24 -17.54
C ILE C 169 -2.97 11.79 -17.81
N ARG C 170 -2.82 13.13 -17.82
CA ARG C 170 -1.53 13.78 -18.08
C ARG C 170 -1.53 15.22 -17.58
N THR C 171 -0.38 15.85 -17.51
CA THR C 171 -0.31 17.24 -17.09
C THR C 171 -0.30 18.06 -18.37
N TYR C 172 -0.95 19.23 -18.33
CA TYR C 172 -1.02 20.18 -19.44
C TYR C 172 -1.78 21.42 -19.02
N THR C 173 -1.48 22.53 -19.67
CA THR C 173 -2.24 23.78 -19.56
C THR C 173 -2.53 24.19 -21.00
N TYR C 174 -3.26 25.29 -21.16
CA TYR C 174 -3.58 25.80 -22.48
C TYR C 174 -2.43 26.62 -23.07
N ALA C 175 -1.44 26.97 -22.24
CA ALA C 175 -0.34 27.77 -22.76
C ALA C 175 0.99 27.32 -22.17
N ASP C 176 1.41 26.09 -22.50
CA ASP C 176 2.64 25.48 -22.01
C ASP C 176 3.92 26.03 -22.65
N THR C 177 3.85 26.58 -23.89
CA THR C 177 5.01 27.19 -24.55
C THR C 177 5.51 28.33 -23.64
N PRO C 178 6.76 28.22 -23.13
CA PRO C 178 7.26 29.22 -22.17
C PRO C 178 7.32 30.65 -22.67
N ASP C 179 7.09 31.60 -21.74
CA ASP C 179 7.23 33.06 -21.90
C ASP C 179 6.41 33.66 -23.07
N ASP C 180 5.16 33.18 -23.19
CA ASP C 180 4.20 33.60 -24.21
C ASP C 180 3.18 34.50 -23.49
N PHE C 181 3.66 35.67 -23.04
CA PHE C 181 2.88 36.62 -22.23
C PHE C 181 1.65 37.20 -22.93
N GLN C 182 1.63 37.26 -24.28
CA GLN C 182 0.43 37.74 -25.00
C GLN C 182 -0.49 36.54 -25.32
N LEU C 183 -0.08 35.34 -24.87
CA LEU C 183 -0.79 34.07 -25.05
C LEU C 183 -1.16 33.78 -26.51
N HIS C 184 -0.16 33.98 -27.41
CA HIS C 184 -0.26 33.77 -28.85
C HIS C 184 -0.45 32.28 -29.17
N ASN C 185 0.30 31.41 -28.47
CA ASN C 185 0.24 29.97 -28.69
C ASN C 185 -0.75 29.26 -27.74
N PHE C 186 -1.73 30.01 -27.16
CA PHE C 186 -2.80 29.44 -26.32
C PHE C 186 -3.67 28.59 -27.24
N SER C 187 -3.93 27.34 -26.83
CA SER C 187 -4.79 26.45 -27.62
C SER C 187 -5.44 25.39 -26.77
N LEU C 188 -6.56 24.85 -27.27
CA LEU C 188 -7.28 23.77 -26.60
C LEU C 188 -6.78 22.44 -27.16
N PRO C 189 -6.35 21.52 -26.27
CA PRO C 189 -5.93 20.18 -26.72
C PRO C 189 -7.14 19.24 -26.92
N GLU C 190 -6.87 17.95 -27.22
CA GLU C 190 -7.86 16.88 -27.44
C GLU C 190 -8.81 16.66 -26.25
N GLU C 191 -8.34 16.87 -25.01
CA GLU C 191 -9.23 16.69 -23.86
C GLU C 191 -10.45 17.60 -23.96
N ASP C 192 -10.25 18.83 -24.44
CA ASP C 192 -11.35 19.78 -24.67
C ASP C 192 -12.06 19.53 -26.01
N THR C 193 -11.32 19.55 -27.14
CA THR C 193 -11.92 19.45 -28.48
C THR C 193 -12.49 18.09 -28.81
N LYS C 194 -11.89 17.00 -28.32
CA LYS C 194 -12.35 15.65 -28.70
C LYS C 194 -13.23 14.99 -27.64
N LEU C 195 -13.02 15.33 -26.38
CA LEU C 195 -13.74 14.69 -25.28
C LEU C 195 -14.81 15.55 -24.65
N LYS C 196 -14.39 16.65 -23.98
CA LYS C 196 -15.23 17.54 -23.18
C LYS C 196 -16.29 18.32 -23.96
N ILE C 197 -15.87 19.16 -24.92
CA ILE C 197 -16.76 19.98 -25.74
C ILE C 197 -17.82 19.13 -26.50
N PRO C 198 -17.46 18.03 -27.21
CA PRO C 198 -18.52 17.25 -27.89
C PRO C 198 -19.54 16.67 -26.90
N LEU C 199 -19.09 16.27 -25.68
CA LEU C 199 -19.98 15.72 -24.66
C LEU C 199 -20.90 16.78 -24.07
N ILE C 200 -20.39 18.01 -23.84
CA ILE C 200 -21.17 19.16 -23.33
C ILE C 200 -22.23 19.50 -24.38
N HIS C 201 -21.84 19.51 -25.68
CA HIS C 201 -22.77 19.73 -26.78
C HIS C 201 -23.94 18.74 -26.75
N ARG C 202 -23.64 17.45 -26.64
CA ARG C 202 -24.66 16.39 -26.61
C ARG C 202 -25.55 16.47 -25.37
N ALA C 203 -24.95 16.82 -24.21
CA ALA C 203 -25.63 17.02 -22.94
C ALA C 203 -26.69 18.13 -23.06
N LEU C 204 -26.31 19.26 -23.71
CA LEU C 204 -27.16 20.43 -23.94
C LEU C 204 -28.26 20.17 -24.97
N GLN C 205 -28.02 19.28 -25.96
CA GLN C 205 -29.02 18.94 -26.98
C GLN C 205 -30.13 18.10 -26.32
N LEU C 206 -29.74 17.22 -25.37
CA LEU C 206 -30.65 16.36 -24.62
C LEU C 206 -31.32 17.10 -23.46
N ALA C 207 -30.69 18.21 -23.01
CA ALA C 207 -31.10 19.03 -21.87
C ALA C 207 -32.56 19.51 -21.88
N GLN C 208 -33.23 19.22 -20.75
CA GLN C 208 -34.59 19.58 -20.38
C GLN C 208 -34.67 21.11 -20.12
N ARG C 209 -33.77 21.62 -19.25
CA ARG C 209 -33.65 23.01 -18.80
C ARG C 209 -32.42 23.69 -19.43
N PRO C 210 -32.38 25.04 -19.58
CA PRO C 210 -31.15 25.70 -20.06
C PRO C 210 -29.95 25.35 -19.16
N VAL C 211 -28.83 24.88 -19.75
CA VAL C 211 -27.65 24.44 -18.97
C VAL C 211 -26.60 25.55 -18.81
N SER C 212 -26.26 25.83 -17.55
CA SER C 212 -25.25 26.80 -17.14
C SER C 212 -23.91 26.09 -17.03
N LEU C 213 -22.88 26.70 -17.59
CA LEU C 213 -21.52 26.18 -17.50
C LEU C 213 -20.72 27.05 -16.54
N LEU C 214 -19.88 26.41 -15.73
CA LEU C 214 -19.03 27.00 -14.71
C LEU C 214 -17.59 26.56 -14.97
N ALA C 215 -16.62 27.51 -15.07
CA ALA C 215 -15.21 27.12 -15.27
C ALA C 215 -14.35 27.38 -14.04
N SER C 216 -13.32 26.53 -13.83
CA SER C 216 -12.41 26.64 -12.70
C SER C 216 -11.01 26.22 -13.12
N PRO C 217 -9.96 27.05 -12.92
CA PRO C 217 -8.61 26.58 -13.25
C PRO C 217 -7.97 25.85 -12.06
N TRP C 218 -7.11 24.85 -12.32
CA TRP C 218 -6.35 24.19 -11.24
C TRP C 218 -4.96 24.82 -11.22
N THR C 219 -4.25 24.77 -12.34
CA THR C 219 -2.94 25.44 -12.41
C THR C 219 -2.91 26.37 -13.59
N SER C 220 -2.05 27.36 -13.48
CA SER C 220 -1.70 28.27 -14.55
C SER C 220 -0.53 27.60 -15.29
N PRO C 221 -0.09 28.09 -16.49
CA PRO C 221 1.18 27.59 -17.08
C PRO C 221 2.32 27.82 -16.07
N THR C 222 3.18 26.81 -15.86
CA THR C 222 4.28 26.80 -14.87
C THR C 222 5.25 27.99 -14.98
N TRP C 223 5.44 28.55 -16.20
CA TRP C 223 6.31 29.71 -16.43
C TRP C 223 5.72 31.04 -15.87
N LEU C 224 4.52 30.97 -15.23
CA LEU C 224 3.90 32.12 -14.57
C LEU C 224 3.99 31.93 -13.04
N LYS C 225 4.48 30.75 -12.59
CA LYS C 225 4.51 30.37 -11.18
C LYS C 225 5.83 30.52 -10.52
N THR C 226 5.80 30.89 -9.21
CA THR C 226 7.01 31.08 -8.39
C THR C 226 7.90 29.81 -8.31
N ASN C 227 7.27 28.63 -8.33
CA ASN C 227 7.96 27.34 -8.23
C ASN C 227 8.25 26.64 -9.57
N GLY C 228 7.72 27.16 -10.67
CA GLY C 228 7.94 26.63 -12.02
C GLY C 228 7.53 25.17 -12.18
N ALA C 229 6.43 24.77 -11.51
CA ALA C 229 5.92 23.39 -11.53
C ALA C 229 4.39 23.40 -11.49
N VAL C 230 3.72 22.33 -12.00
CA VAL C 230 2.25 22.23 -12.05
C VAL C 230 1.61 22.13 -10.65
N ASN C 231 2.29 21.49 -9.72
CA ASN C 231 1.85 21.21 -8.35
C ASN C 231 2.82 21.86 -7.32
N GLY C 232 2.79 21.39 -6.08
CA GLY C 232 3.62 21.94 -5.01
C GLY C 232 3.21 23.33 -4.55
N LYS C 233 3.92 23.86 -3.58
CA LYS C 233 3.67 25.20 -3.05
C LYS C 233 4.16 26.27 -4.03
N GLY C 234 3.22 26.99 -4.61
CA GLY C 234 3.54 28.06 -5.54
C GLY C 234 2.31 28.87 -5.90
N SER C 235 2.52 30.17 -6.07
CA SER C 235 1.52 31.16 -6.47
C SER C 235 2.01 31.77 -7.80
N LEU C 236 1.29 32.78 -8.31
CA LEU C 236 1.72 33.50 -9.51
C LEU C 236 2.96 34.31 -9.15
N LYS C 237 3.85 34.58 -10.13
CA LYS C 237 5.06 35.37 -9.88
C LYS C 237 4.67 36.84 -9.64
N GLY C 238 5.51 37.55 -8.88
CA GLY C 238 5.32 38.96 -8.56
C GLY C 238 4.11 39.28 -7.70
N GLN C 239 3.42 40.39 -8.02
CA GLN C 239 2.23 40.83 -7.28
C GLN C 239 1.09 41.30 -8.20
N PRO C 240 -0.19 41.24 -7.76
CA PRO C 240 -1.30 41.69 -8.63
C PRO C 240 -1.10 43.07 -9.26
N GLY C 241 -1.35 43.13 -10.58
CA GLY C 241 -1.18 44.30 -11.43
C GLY C 241 -0.06 44.20 -12.43
N ASP C 242 0.90 43.27 -12.22
CA ASP C 242 2.07 43.09 -13.09
C ASP C 242 1.77 42.17 -14.31
N ILE C 243 2.75 42.03 -15.21
CA ILE C 243 2.71 41.19 -16.43
C ILE C 243 2.19 39.77 -16.17
N TYR C 244 2.64 39.10 -15.09
CA TYR C 244 2.24 37.73 -14.74
C TYR C 244 0.76 37.64 -14.37
N HIS C 245 0.30 38.57 -13.52
CA HIS C 245 -1.09 38.60 -13.09
C HIS C 245 -2.02 39.02 -14.24
N GLN C 246 -1.57 40.01 -15.07
CA GLN C 246 -2.31 40.44 -16.27
C GLN C 246 -2.41 39.27 -17.29
N THR C 247 -1.29 38.55 -17.55
CA THR C 247 -1.28 37.39 -18.44
C THR C 247 -2.24 36.30 -17.94
N TRP C 248 -2.25 36.02 -16.62
CA TRP C 248 -3.14 35.01 -16.03
C TRP C 248 -4.61 35.44 -16.11
N ALA C 249 -4.89 36.76 -15.94
CA ALA C 249 -6.24 37.31 -16.07
C ALA C 249 -6.66 37.11 -17.54
N ARG C 250 -5.75 37.41 -18.51
CA ARG C 250 -5.93 37.25 -19.96
C ARG C 250 -6.22 35.79 -20.36
N TYR C 251 -5.61 34.81 -19.64
CA TYR C 251 -5.81 33.36 -19.86
C TYR C 251 -7.29 32.99 -19.71
N PHE C 252 -7.99 33.58 -18.70
CA PHE C 252 -9.42 33.36 -18.46
C PHE C 252 -10.23 33.82 -19.67
N VAL C 253 -9.89 35.00 -20.23
CA VAL C 253 -10.52 35.62 -21.40
C VAL C 253 -10.26 34.75 -22.64
N LYS C 254 -9.01 34.28 -22.80
CA LYS C 254 -8.58 33.42 -23.90
C LYS C 254 -9.28 32.05 -23.86
N PHE C 255 -9.61 31.57 -22.64
CA PHE C 255 -10.32 30.30 -22.43
C PHE C 255 -11.76 30.47 -22.90
N LEU C 256 -12.41 31.53 -22.40
CA LEU C 256 -13.79 31.85 -22.72
C LEU C 256 -13.94 32.06 -24.24
N ASP C 257 -12.95 32.73 -24.88
CA ASP C 257 -12.88 32.95 -26.35
C ASP C 257 -12.85 31.58 -27.07
N ALA C 258 -11.95 30.67 -26.65
CA ALA C 258 -11.76 29.33 -27.21
C ALA C 258 -13.05 28.49 -27.21
N TYR C 259 -13.77 28.50 -26.06
CA TYR C 259 -15.03 27.77 -25.89
C TYR C 259 -16.17 28.48 -26.63
N ALA C 260 -16.09 29.81 -26.78
CA ALA C 260 -17.08 30.58 -27.53
C ALA C 260 -16.96 30.28 -29.03
N GLU C 261 -15.73 29.97 -29.51
CA GLU C 261 -15.47 29.57 -30.90
C GLU C 261 -16.13 28.22 -31.16
N HIS C 262 -16.26 27.40 -30.09
CA HIS C 262 -16.92 26.10 -30.13
C HIS C 262 -18.42 26.15 -29.78
N LYS C 263 -19.04 27.33 -29.91
CA LYS C 263 -20.47 27.58 -29.64
C LYS C 263 -20.89 27.20 -28.18
N LEU C 264 -20.01 27.50 -27.21
CA LEU C 264 -20.25 27.25 -25.79
C LEU C 264 -20.00 28.53 -25.00
N GLN C 265 -21.00 28.92 -24.20
CA GLN C 265 -20.96 30.13 -23.39
C GLN C 265 -21.03 29.77 -21.89
N PHE C 266 -20.33 30.53 -21.07
CA PHE C 266 -20.25 30.29 -19.63
C PHE C 266 -21.11 31.20 -18.78
N TRP C 267 -21.78 30.59 -17.80
CA TRP C 267 -22.57 31.34 -16.83
C TRP C 267 -21.62 32.04 -15.83
N ALA C 268 -20.63 31.28 -15.32
CA ALA C 268 -19.66 31.76 -14.33
C ALA C 268 -18.27 31.13 -14.43
N VAL C 269 -17.30 31.77 -13.79
CA VAL C 269 -15.93 31.26 -13.64
C VAL C 269 -15.58 31.48 -12.18
N THR C 270 -14.76 30.57 -11.61
CA THR C 270 -14.26 30.72 -10.25
C THR C 270 -12.86 31.33 -10.34
N ALA C 271 -12.46 32.12 -9.31
CA ALA C 271 -11.17 32.80 -9.26
C ALA C 271 -10.00 31.83 -9.27
N GLU C 272 -10.21 30.57 -8.80
CA GLU C 272 -9.21 29.48 -8.74
C GLU C 272 -9.81 28.27 -8.01
N ASN C 273 -9.58 27.05 -8.50
CA ASN C 273 -10.03 25.90 -7.74
C ASN C 273 -9.09 25.75 -6.52
N GLU C 274 -9.67 25.60 -5.32
CA GLU C 274 -8.98 25.39 -4.05
C GLU C 274 -7.65 26.15 -3.94
N PRO C 275 -7.72 27.51 -3.88
CA PRO C 275 -6.49 28.31 -3.79
C PRO C 275 -5.64 28.05 -2.54
N SER C 276 -6.23 27.45 -1.47
CA SER C 276 -5.45 27.12 -0.26
C SER C 276 -4.43 25.98 -0.52
N ALA C 277 -4.70 25.14 -1.55
CA ALA C 277 -3.88 23.99 -1.94
C ALA C 277 -2.47 24.37 -2.35
N GLY C 278 -2.33 25.41 -3.17
CA GLY C 278 -1.04 25.90 -3.64
C GLY C 278 -0.19 26.58 -2.59
N LEU C 279 -0.72 26.67 -1.35
CA LEU C 279 -0.02 27.29 -0.22
C LEU C 279 0.62 26.18 0.63
N LEU C 280 0.34 24.90 0.28
CA LEU C 280 0.82 23.70 0.97
C LEU C 280 2.05 23.11 0.30
N SER C 281 3.13 22.99 1.08
CA SER C 281 4.38 22.39 0.62
C SER C 281 4.11 20.97 0.14
N GLY C 282 4.60 20.64 -1.06
CA GLY C 282 4.43 19.32 -1.65
C GLY C 282 3.02 18.96 -2.09
N TYR C 283 2.13 19.98 -2.34
CA TYR C 283 0.78 19.71 -2.82
C TYR C 283 0.90 18.81 -4.07
N PRO C 284 0.25 17.62 -4.10
CA PRO C 284 0.61 16.61 -5.14
C PRO C 284 0.15 16.85 -6.57
N PHE C 285 -0.86 17.65 -6.76
CA PHE C 285 -1.38 17.84 -8.10
C PHE C 285 -1.60 19.30 -8.43
N GLN C 286 -2.07 19.57 -9.67
CA GLN C 286 -2.31 20.90 -10.23
C GLN C 286 -2.98 21.81 -9.21
N CYS C 287 -2.33 22.94 -8.95
CA CYS C 287 -2.78 23.93 -7.98
C CYS C 287 -2.15 25.28 -8.27
N LEU C 288 -2.71 26.31 -7.67
CA LEU C 288 -2.19 27.68 -7.77
C LEU C 288 -2.60 28.37 -6.49
N GLY C 289 -1.60 28.67 -5.68
CA GLY C 289 -1.78 29.25 -4.36
C GLY C 289 -2.12 30.73 -4.28
N PHE C 290 -3.19 31.04 -3.54
CA PHE C 290 -3.59 32.40 -3.23
C PHE C 290 -4.04 32.41 -1.79
N THR C 291 -3.47 33.33 -0.99
CA THR C 291 -3.94 33.59 0.37
C THR C 291 -5.26 34.38 0.12
N PRO C 292 -6.20 34.55 1.09
CA PRO C 292 -7.40 35.37 0.80
C PRO C 292 -7.04 36.78 0.30
N GLU C 293 -5.95 37.38 0.84
CA GLU C 293 -5.43 38.70 0.49
C GLU C 293 -4.99 38.81 -0.97
N HIS C 294 -4.19 37.83 -1.44
CA HIS C 294 -3.69 37.74 -2.82
C HIS C 294 -4.86 37.56 -3.83
N GLN C 295 -5.87 36.72 -3.47
CA GLN C 295 -7.06 36.49 -4.29
C GLN C 295 -7.83 37.79 -4.46
N ARG C 296 -8.11 38.47 -3.32
CA ARG C 296 -8.81 39.75 -3.19
C ARG C 296 -8.14 40.78 -4.12
N ASP C 297 -6.81 40.91 -4.02
CA ASP C 297 -6.03 41.85 -4.83
C ASP C 297 -5.94 41.43 -6.31
N PHE C 298 -5.94 40.12 -6.62
CA PHE C 298 -5.92 39.61 -8.00
C PHE C 298 -7.25 39.89 -8.69
N ILE C 299 -8.38 39.74 -7.96
CA ILE C 299 -9.72 40.03 -8.47
C ILE C 299 -9.82 41.55 -8.76
N ALA C 300 -9.50 42.39 -7.77
CA ALA C 300 -9.58 43.85 -7.88
C ALA C 300 -8.65 44.48 -8.91
N ARG C 301 -7.40 43.98 -9.05
CA ARG C 301 -6.43 44.57 -9.97
C ARG C 301 -6.35 43.93 -11.37
N ASP C 302 -6.57 42.62 -11.46
CA ASP C 302 -6.40 41.93 -12.73
C ASP C 302 -7.63 41.22 -13.28
N LEU C 303 -8.14 40.19 -12.59
CA LEU C 303 -9.25 39.37 -13.06
C LEU C 303 -10.54 40.14 -13.31
N GLY C 304 -11.05 40.82 -12.29
CA GLY C 304 -12.26 41.62 -12.38
C GLY C 304 -12.26 42.62 -13.51
N PRO C 305 -11.26 43.55 -13.59
CA PRO C 305 -11.26 44.52 -14.70
C PRO C 305 -11.01 43.92 -16.09
N THR C 306 -10.24 42.82 -16.21
CA THR C 306 -9.99 42.15 -17.49
C THR C 306 -11.29 41.55 -18.06
N LEU C 307 -12.06 40.81 -17.22
CA LEU C 307 -13.34 40.21 -17.62
C LEU C 307 -14.41 41.27 -17.94
N ALA C 308 -14.45 42.36 -17.15
CA ALA C 308 -15.40 43.47 -17.34
C ALA C 308 -15.16 44.28 -18.62
N ASN C 309 -13.91 44.33 -19.09
CA ASN C 309 -13.53 45.05 -20.31
C ASN C 309 -13.48 44.10 -21.54
N SER C 310 -13.98 42.87 -21.40
CA SER C 310 -14.01 41.88 -22.47
C SER C 310 -15.41 41.68 -23.04
N THR C 311 -15.52 40.84 -24.10
CA THR C 311 -16.79 40.48 -24.74
C THR C 311 -17.56 39.47 -23.83
N HIS C 312 -16.93 39.02 -22.74
CA HIS C 312 -17.48 38.08 -21.76
C HIS C 312 -17.75 38.77 -20.40
N HIS C 313 -18.16 40.04 -20.43
CA HIS C 313 -18.48 40.82 -19.22
C HIS C 313 -19.68 40.26 -18.46
N ASN C 314 -20.61 39.59 -19.18
CA ASN C 314 -21.81 38.98 -18.60
C ASN C 314 -21.52 37.76 -17.76
N VAL C 315 -20.32 37.17 -17.93
CA VAL C 315 -19.88 35.99 -17.17
C VAL C 315 -19.68 36.39 -15.69
N ARG C 316 -20.24 35.59 -14.77
CA ARG C 316 -20.16 35.84 -13.32
C ARG C 316 -18.84 35.38 -12.72
N LEU C 317 -18.38 36.07 -11.63
CA LEU C 317 -17.14 35.71 -10.94
C LEU C 317 -17.41 35.23 -9.51
N LEU C 318 -17.00 33.98 -9.21
CA LEU C 318 -17.17 33.38 -7.89
C LEU C 318 -15.85 33.26 -7.13
N MET C 319 -15.85 33.77 -5.88
CA MET C 319 -14.68 33.70 -5.01
C MET C 319 -14.62 32.37 -4.23
N LEU C 320 -13.49 32.13 -3.53
CA LEU C 320 -13.18 30.97 -2.71
C LEU C 320 -12.98 29.68 -3.51
N ASP C 321 -14.09 29.03 -3.96
CA ASP C 321 -14.08 27.75 -4.69
C ASP C 321 -13.23 26.72 -3.90
N ASP C 322 -13.40 26.72 -2.57
CA ASP C 322 -12.65 25.88 -1.64
C ASP C 322 -13.57 25.43 -0.50
N GLN C 323 -13.05 24.60 0.41
CA GLN C 323 -13.78 24.05 1.54
C GLN C 323 -14.53 25.12 2.31
N ARG C 324 -15.81 24.86 2.63
CA ARG C 324 -16.65 25.79 3.38
C ARG C 324 -16.06 26.08 4.78
N LEU C 325 -15.19 25.18 5.28
CA LEU C 325 -14.52 25.30 6.58
C LEU C 325 -13.58 26.51 6.70
N LEU C 326 -13.22 27.14 5.56
CA LEU C 326 -12.38 28.33 5.48
C LEU C 326 -13.21 29.61 5.63
N LEU C 327 -14.53 29.45 5.82
CA LEU C 327 -15.48 30.54 6.01
C LEU C 327 -15.76 30.77 7.49
N PRO C 328 -16.02 32.03 7.94
CA PRO C 328 -16.16 33.28 7.16
C PRO C 328 -14.88 34.07 6.90
N HIS C 329 -13.71 33.60 7.41
CA HIS C 329 -12.44 34.33 7.29
C HIS C 329 -12.11 34.80 5.87
N TRP C 330 -12.26 33.89 4.87
CA TRP C 330 -11.97 34.18 3.46
C TRP C 330 -12.89 35.24 2.87
N ALA C 331 -14.21 35.12 3.15
CA ALA C 331 -15.21 36.08 2.69
C ALA C 331 -14.91 37.44 3.28
N LYS C 332 -14.60 37.49 4.60
CA LYS C 332 -14.24 38.70 5.32
C LYS C 332 -13.02 39.43 4.73
N VAL C 333 -12.05 38.71 4.16
CA VAL C 333 -10.87 39.36 3.56
C VAL C 333 -11.22 40.01 2.20
N VAL C 334 -11.85 39.24 1.29
CA VAL C 334 -12.20 39.64 -0.08
C VAL C 334 -13.38 40.63 -0.14
N LEU C 335 -14.48 40.35 0.57
CA LEU C 335 -15.71 41.16 0.49
C LEU C 335 -15.68 42.49 1.26
N THR C 336 -14.74 42.68 2.23
CA THR C 336 -14.67 43.96 2.94
C THR C 336 -14.00 45.01 2.06
N ASP C 337 -13.14 44.59 1.11
CA ASP C 337 -12.48 45.47 0.15
C ASP C 337 -13.48 45.75 -0.98
N PRO C 338 -13.96 47.01 -1.16
CA PRO C 338 -14.96 47.29 -2.19
C PRO C 338 -14.46 47.11 -3.62
N GLU C 339 -13.17 47.40 -3.89
CA GLU C 339 -12.51 47.26 -5.20
C GLU C 339 -12.61 45.84 -5.75
N ALA C 340 -12.61 44.83 -4.85
CA ALA C 340 -12.73 43.41 -5.19
C ALA C 340 -14.19 42.96 -5.21
N ALA C 341 -14.98 43.36 -4.17
CA ALA C 341 -16.40 43.04 -3.99
C ALA C 341 -17.28 43.34 -5.21
N LYS C 342 -16.98 44.45 -5.94
CA LYS C 342 -17.73 44.88 -7.13
C LYS C 342 -17.69 43.87 -8.30
N TYR C 343 -16.64 43.05 -8.38
CA TYR C 343 -16.49 42.05 -9.44
C TYR C 343 -16.98 40.65 -9.01
N VAL C 344 -17.09 40.42 -7.69
CA VAL C 344 -17.50 39.13 -7.11
C VAL C 344 -19.04 39.01 -7.01
N HIS C 345 -19.61 37.99 -7.69
CA HIS C 345 -21.04 37.69 -7.68
C HIS C 345 -21.43 36.75 -6.52
N GLY C 346 -20.55 35.82 -6.18
CA GLY C 346 -20.82 34.86 -5.10
C GLY C 346 -19.61 34.19 -4.49
N ILE C 347 -19.88 33.34 -3.48
CA ILE C 347 -18.86 32.57 -2.77
C ILE C 347 -19.10 31.12 -3.15
N ALA C 348 -18.15 30.49 -3.87
CA ALA C 348 -18.26 29.08 -4.25
C ALA C 348 -17.61 28.25 -3.16
N VAL C 349 -18.35 27.25 -2.67
CA VAL C 349 -17.89 26.39 -1.59
C VAL C 349 -17.75 24.95 -2.06
N HIS C 350 -16.81 24.22 -1.48
CA HIS C 350 -16.59 22.81 -1.73
C HIS C 350 -17.10 22.05 -0.53
N TRP C 351 -17.56 20.85 -0.74
CA TRP C 351 -18.11 20.03 0.30
C TRP C 351 -17.50 18.64 0.27
N TYR C 352 -16.68 18.35 1.27
CA TYR C 352 -16.08 17.04 1.47
C TYR C 352 -16.95 16.48 2.56
N LEU C 353 -17.71 15.46 2.18
CA LEU C 353 -18.84 14.93 2.96
C LEU C 353 -18.49 14.23 4.26
N ASP C 354 -17.24 13.89 4.50
CA ASP C 354 -16.88 13.23 5.76
C ASP C 354 -16.81 14.20 6.95
N PHE C 355 -16.60 15.50 6.69
CA PHE C 355 -16.55 16.52 7.73
C PHE C 355 -17.88 16.68 8.46
N LEU C 356 -17.84 16.53 9.80
CA LEU C 356 -18.96 16.68 10.73
C LEU C 356 -18.75 18.04 11.43
N ALA C 357 -19.40 19.10 10.89
CA ALA C 357 -19.27 20.48 11.38
C ALA C 357 -20.62 21.23 11.31
N PRO C 358 -20.85 22.27 12.14
CA PRO C 358 -22.14 22.98 12.05
C PRO C 358 -22.14 23.99 10.91
N ALA C 359 -23.13 23.89 10.00
CA ALA C 359 -23.27 24.78 8.86
C ALA C 359 -23.49 26.26 9.28
N LYS C 360 -24.05 26.51 10.49
CA LYS C 360 -24.27 27.85 11.05
C LYS C 360 -22.94 28.62 11.26
N ALA C 361 -21.86 27.91 11.66
CA ALA C 361 -20.52 28.46 11.89
C ALA C 361 -19.81 28.92 10.60
N THR C 362 -20.12 28.27 9.46
CA THR C 362 -19.51 28.55 8.16
C THR C 362 -20.47 29.27 7.23
N LEU C 363 -21.52 28.57 6.72
CA LEU C 363 -22.56 29.12 5.82
C LEU C 363 -23.45 30.13 6.50
N GLY C 364 -23.81 29.86 7.76
CA GLY C 364 -24.67 30.72 8.55
C GLY C 364 -24.03 32.06 8.84
N GLU C 365 -22.79 32.04 9.36
CA GLU C 365 -21.98 33.21 9.70
C GLU C 365 -21.62 34.04 8.46
N THR C 366 -21.42 33.39 7.29
CA THR C 366 -21.11 34.06 6.03
C THR C 366 -22.34 34.78 5.48
N HIS C 367 -23.50 34.10 5.45
CA HIS C 367 -24.77 34.68 5.02
C HIS C 367 -25.21 35.78 6.01
N ARG C 368 -24.79 35.67 7.30
CA ARG C 368 -25.10 36.69 8.32
C ARG C 368 -24.28 37.96 8.03
N LEU C 369 -22.94 37.82 7.89
CA LEU C 369 -22.03 38.94 7.61
C LEU C 369 -22.22 39.56 6.21
N PHE C 370 -22.46 38.74 5.18
CA PHE C 370 -22.63 39.20 3.79
C PHE C 370 -23.87 38.58 3.11
N PRO C 371 -25.11 39.06 3.42
CA PRO C 371 -26.31 38.45 2.80
C PRO C 371 -26.52 38.76 1.31
N ASN C 372 -25.96 39.89 0.82
CA ASN C 372 -26.08 40.33 -0.57
C ASN C 372 -25.27 39.53 -1.59
N THR C 373 -24.41 38.59 -1.14
CA THR C 373 -23.56 37.81 -2.03
C THR C 373 -23.80 36.30 -1.85
N MET C 374 -24.50 35.67 -2.84
CA MET C 374 -24.91 34.26 -2.89
C MET C 374 -23.83 33.23 -2.49
N LEU C 375 -24.30 32.11 -1.92
CA LEU C 375 -23.47 30.97 -1.56
C LEU C 375 -23.90 29.83 -2.49
N PHE C 376 -22.93 29.21 -3.16
CA PHE C 376 -23.10 28.15 -4.15
C PHE C 376 -22.11 27.01 -3.92
N ALA C 377 -22.57 25.76 -4.01
CA ALA C 377 -21.69 24.60 -3.88
C ALA C 377 -21.19 24.20 -5.29
N SER C 378 -19.93 24.56 -5.64
CA SER C 378 -19.32 24.30 -6.95
C SER C 378 -18.68 22.90 -7.11
N GLU C 379 -18.43 22.22 -5.99
CA GLU C 379 -17.86 20.87 -5.99
C GLU C 379 -18.23 20.13 -4.72
N ALA C 380 -18.58 18.86 -4.86
CA ALA C 380 -18.89 17.99 -3.74
C ALA C 380 -18.47 16.59 -4.06
N CYS C 381 -17.96 15.91 -3.07
CA CYS C 381 -17.57 14.50 -3.20
C CYS C 381 -17.38 13.89 -1.84
N VAL C 382 -17.36 12.55 -1.81
CA VAL C 382 -17.16 11.78 -0.60
C VAL C 382 -15.71 12.00 -0.12
N GLY C 383 -15.48 11.66 1.14
CA GLY C 383 -14.14 11.75 1.71
C GLY C 383 -13.83 13.04 2.45
N SER C 384 -12.52 13.20 2.73
CA SER C 384 -11.95 14.29 3.51
C SER C 384 -10.89 15.13 2.80
N LYS C 385 -10.84 15.04 1.45
CA LYS C 385 -9.91 15.78 0.58
C LYS C 385 -8.45 15.33 0.70
N PHE C 386 -7.89 15.32 1.93
CA PHE C 386 -6.45 15.07 2.16
C PHE C 386 -6.07 13.64 2.45
N TRP C 387 -7.06 12.73 2.55
CA TRP C 387 -6.79 11.34 2.87
C TRP C 387 -7.32 10.37 1.78
N GLU C 388 -7.25 9.07 2.03
CA GLU C 388 -7.62 8.02 1.03
C GLU C 388 -9.03 7.50 1.12
N GLN C 389 -9.67 7.25 -0.04
CA GLN C 389 -11.01 6.66 -0.16
C GLN C 389 -11.03 5.68 -1.33
N SER C 390 -12.05 4.79 -1.37
CA SER C 390 -12.25 3.81 -2.44
C SER C 390 -13.70 3.90 -2.93
N VAL C 391 -14.03 3.21 -4.06
CA VAL C 391 -15.38 3.14 -4.62
C VAL C 391 -16.16 2.06 -3.84
N ARG C 392 -17.40 2.38 -3.40
CA ARG C 392 -18.26 1.40 -2.71
C ARG C 392 -19.55 1.22 -3.54
N LEU C 393 -19.49 0.32 -4.54
CA LEU C 393 -20.58 0.05 -5.46
C LEU C 393 -21.86 -0.37 -4.76
N GLY C 394 -22.83 0.55 -4.73
CA GLY C 394 -24.12 0.32 -4.11
C GLY C 394 -24.26 0.87 -2.71
N SER C 395 -23.33 1.75 -2.30
CA SER C 395 -23.34 2.38 -0.98
C SER C 395 -24.58 3.28 -0.77
N TRP C 396 -25.50 2.86 0.13
CA TRP C 396 -26.69 3.66 0.44
C TRP C 396 -26.26 4.82 1.34
N ASP C 397 -25.31 4.56 2.25
CA ASP C 397 -24.74 5.60 3.12
C ASP C 397 -24.21 6.82 2.33
N ARG C 398 -23.50 6.57 1.21
CA ARG C 398 -22.98 7.65 0.36
C ARG C 398 -24.10 8.42 -0.34
N GLY C 399 -25.17 7.71 -0.69
CA GLY C 399 -26.37 8.31 -1.23
C GLY C 399 -26.94 9.26 -0.19
N MET C 400 -27.08 8.76 1.06
CA MET C 400 -27.62 9.57 2.16
C MET C 400 -26.72 10.77 2.45
N GLN C 401 -25.38 10.64 2.27
CA GLN C 401 -24.45 11.75 2.47
C GLN C 401 -24.70 12.90 1.49
N TYR C 402 -25.04 12.54 0.24
CA TYR C 402 -25.36 13.47 -0.85
C TYR C 402 -26.64 14.25 -0.54
N SER C 403 -27.74 13.54 -0.25
CA SER C 403 -29.04 14.16 0.05
C SER C 403 -29.01 15.01 1.33
N HIS C 404 -28.36 14.50 2.41
CA HIS C 404 -28.23 15.21 3.69
C HIS C 404 -27.46 16.54 3.52
N SER C 405 -26.41 16.56 2.69
CA SER C 405 -25.63 17.75 2.35
C SER C 405 -26.44 18.73 1.50
N ILE C 406 -27.16 18.23 0.47
CA ILE C 406 -28.03 19.05 -0.39
C ILE C 406 -29.13 19.71 0.46
N ILE C 407 -29.73 18.97 1.42
CA ILE C 407 -30.75 19.53 2.31
C ILE C 407 -30.13 20.65 3.17
N THR C 408 -29.01 20.36 3.86
CA THR C 408 -28.24 21.30 4.70
C THR C 408 -27.87 22.57 3.92
N ASN C 409 -27.35 22.42 2.70
CA ASN C 409 -26.97 23.52 1.81
C ASN C 409 -28.16 24.43 1.54
N LEU C 410 -29.29 23.83 1.13
CA LEU C 410 -30.54 24.54 0.83
C LEU C 410 -31.12 25.20 2.07
N LEU C 411 -31.05 24.53 3.23
CA LEU C 411 -31.56 25.09 4.50
C LEU C 411 -30.68 26.25 4.99
N TYR C 412 -29.38 26.22 4.64
CA TYR C 412 -28.42 27.25 5.04
C TYR C 412 -28.02 28.18 3.88
N HIS C 413 -29.04 28.56 3.09
CA HIS C 413 -29.09 29.60 2.04
C HIS C 413 -28.26 29.37 0.76
N VAL C 414 -27.75 28.14 0.52
CA VAL C 414 -26.98 27.83 -0.70
C VAL C 414 -27.92 27.72 -1.92
N VAL C 415 -27.54 28.35 -3.05
CA VAL C 415 -28.35 28.48 -4.27
C VAL C 415 -28.20 27.31 -5.27
N GLY C 416 -27.17 26.50 -5.13
CA GLY C 416 -26.95 25.40 -6.05
C GLY C 416 -25.97 24.38 -5.54
N TRP C 417 -25.93 23.22 -6.20
CA TRP C 417 -25.06 22.12 -5.76
C TRP C 417 -24.50 21.37 -6.97
N THR C 418 -23.17 21.36 -7.10
CA THR C 418 -22.47 20.72 -8.21
C THR C 418 -21.63 19.57 -7.69
N ASP C 419 -21.90 18.38 -8.20
CA ASP C 419 -21.13 17.20 -7.83
C ASP C 419 -19.78 17.28 -8.50
N TRP C 420 -18.85 16.42 -8.11
CA TRP C 420 -17.52 16.35 -8.72
C TRP C 420 -17.64 15.48 -10.04
N ASN C 421 -16.71 14.52 -10.33
CA ASN C 421 -16.76 13.72 -11.57
C ASN C 421 -18.11 13.15 -11.84
N LEU C 422 -18.63 13.44 -13.05
CA LEU C 422 -19.90 12.93 -13.56
C LEU C 422 -19.84 11.41 -13.64
N ALA C 423 -18.66 10.85 -14.01
CA ALA C 423 -18.46 9.39 -14.11
C ALA C 423 -17.00 8.99 -13.89
N LEU C 424 -16.79 7.86 -13.24
CA LEU C 424 -15.44 7.31 -12.98
C LEU C 424 -15.44 5.81 -13.28
N ASN C 425 -14.23 5.20 -13.35
CA ASN C 425 -14.08 3.75 -13.55
C ASN C 425 -14.21 3.01 -12.19
N PRO C 426 -14.21 1.65 -12.12
CA PRO C 426 -14.40 0.97 -10.83
C PRO C 426 -13.37 1.26 -9.72
N GLU C 427 -12.20 1.81 -10.09
CA GLU C 427 -11.17 2.15 -9.13
C GLU C 427 -11.29 3.62 -8.68
N GLY C 428 -12.26 4.33 -9.26
CA GLY C 428 -12.48 5.74 -8.96
C GLY C 428 -11.52 6.63 -9.69
N GLY C 429 -11.14 6.18 -10.88
CA GLY C 429 -10.21 6.87 -11.76
C GLY C 429 -10.70 7.05 -13.18
N PRO C 430 -9.80 7.41 -14.11
CA PRO C 430 -8.35 7.63 -13.91
C PRO C 430 -8.01 8.92 -13.16
N ASN C 431 -6.90 8.89 -12.41
CA ASN C 431 -6.39 10.01 -11.64
C ASN C 431 -4.85 9.85 -11.68
N TRP C 432 -4.14 10.84 -12.26
CA TRP C 432 -2.69 10.66 -12.46
C TRP C 432 -1.90 10.63 -11.15
N VAL C 433 -2.54 11.04 -10.01
CA VAL C 433 -1.88 11.01 -8.69
C VAL C 433 -2.56 10.00 -7.72
N ARG C 434 -3.39 9.08 -8.25
CA ARG C 434 -4.07 8.05 -7.45
C ARG C 434 -4.99 8.63 -6.37
N ASN C 435 -5.57 9.83 -6.62
CA ASN C 435 -6.46 10.45 -5.66
C ASN C 435 -7.90 10.05 -5.96
N PHE C 436 -8.15 8.73 -5.96
CA PHE C 436 -9.44 8.10 -6.27
C PHE C 436 -10.55 8.51 -5.30
N VAL C 437 -11.75 8.68 -5.84
CA VAL C 437 -12.98 9.01 -5.10
C VAL C 437 -14.11 8.26 -5.76
N ASP C 438 -15.28 8.36 -5.16
CA ASP C 438 -16.45 7.71 -5.73
C ASP C 438 -17.16 8.71 -6.65
N SER C 439 -18.07 8.20 -7.48
CA SER C 439 -18.85 9.01 -8.40
C SER C 439 -20.24 8.38 -8.55
N PRO C 440 -21.33 9.18 -8.78
CA PRO C 440 -22.67 8.60 -8.93
C PRO C 440 -22.82 7.60 -10.08
N ILE C 441 -21.94 7.69 -11.09
CA ILE C 441 -21.97 6.73 -12.21
C ILE C 441 -20.58 6.09 -12.33
N ILE C 442 -20.53 4.75 -12.25
CA ILE C 442 -19.32 3.97 -12.38
C ILE C 442 -19.40 3.23 -13.73
N VAL C 443 -18.40 3.42 -14.58
CA VAL C 443 -18.34 2.85 -15.92
C VAL C 443 -17.40 1.60 -16.00
N ASP C 444 -17.93 0.48 -16.54
CA ASP C 444 -17.21 -0.77 -16.76
C ASP C 444 -17.05 -0.96 -18.29
N ILE C 445 -15.94 -0.42 -18.83
CA ILE C 445 -15.52 -0.40 -20.24
C ILE C 445 -15.51 -1.79 -20.85
N THR C 446 -14.91 -2.77 -20.14
CA THR C 446 -14.80 -4.17 -20.56
C THR C 446 -16.15 -4.81 -20.84
N LYS C 447 -17.22 -4.31 -20.20
CA LYS C 447 -18.57 -4.89 -20.35
C LYS C 447 -19.58 -3.91 -20.99
N ASP C 448 -19.13 -2.71 -21.47
CA ASP C 448 -20.01 -1.67 -22.06
C ASP C 448 -21.23 -1.43 -21.13
N THR C 449 -20.93 -1.33 -19.83
CA THR C 449 -21.91 -1.22 -18.75
C THR C 449 -21.57 -0.03 -17.86
N PHE C 450 -22.62 0.59 -17.31
CA PHE C 450 -22.45 1.64 -16.34
C PHE C 450 -23.43 1.39 -15.19
N TYR C 451 -22.98 1.72 -13.98
CA TYR C 451 -23.75 1.51 -12.77
C TYR C 451 -24.17 2.81 -12.17
N LYS C 452 -25.47 2.92 -11.88
CA LYS C 452 -26.03 4.11 -11.27
C LYS C 452 -26.12 3.82 -9.77
N GLN C 453 -25.28 4.54 -9.03
CA GLN C 453 -25.12 4.40 -7.59
C GLN C 453 -26.27 5.05 -6.85
N PRO C 454 -26.57 4.67 -5.58
CA PRO C 454 -27.58 5.42 -4.82
C PRO C 454 -27.31 6.95 -4.80
N MET C 455 -26.01 7.39 -4.85
CA MET C 455 -25.66 8.81 -4.93
C MET C 455 -26.40 9.50 -6.08
N PHE C 456 -26.44 8.86 -7.26
CA PHE C 456 -27.15 9.39 -8.45
C PHE C 456 -28.61 9.71 -8.14
N TYR C 457 -29.32 8.77 -7.49
CA TYR C 457 -30.76 8.88 -7.20
C TYR C 457 -31.05 9.92 -6.14
N HIS C 458 -30.22 9.97 -5.08
CA HIS C 458 -30.32 10.95 -4.00
C HIS C 458 -30.12 12.37 -4.55
N LEU C 459 -29.20 12.52 -5.53
CA LEU C 459 -28.94 13.79 -6.25
C LEU C 459 -30.20 14.12 -7.06
N GLY C 460 -30.72 13.12 -7.76
CA GLY C 460 -31.92 13.21 -8.59
C GLY C 460 -33.17 13.66 -7.88
N HIS C 461 -33.34 13.27 -6.59
CA HIS C 461 -34.49 13.67 -5.76
C HIS C 461 -34.60 15.21 -5.64
N PHE C 462 -33.52 15.92 -6.01
CA PHE C 462 -33.44 17.37 -5.98
C PHE C 462 -33.35 17.94 -7.38
N SER C 463 -32.33 17.55 -8.16
CA SER C 463 -32.08 18.02 -9.53
C SER C 463 -33.27 17.87 -10.46
N LYS C 464 -33.92 16.68 -10.48
CA LYS C 464 -35.04 16.43 -11.36
C LYS C 464 -36.30 17.23 -11.00
N PHE C 465 -36.50 17.57 -9.71
CA PHE C 465 -37.73 18.24 -9.27
C PHE C 465 -37.56 19.69 -8.77
N ILE C 466 -36.32 20.22 -8.82
CA ILE C 466 -36.06 21.60 -8.42
C ILE C 466 -35.49 22.33 -9.67
N PRO C 467 -36.35 22.88 -10.56
CA PRO C 467 -35.81 23.57 -11.75
C PRO C 467 -35.22 24.93 -11.39
N GLU C 468 -34.42 25.54 -12.31
CA GLU C 468 -33.88 26.88 -12.14
C GLU C 468 -35.07 27.87 -12.03
N GLY C 469 -35.03 28.70 -10.98
CA GLY C 469 -36.09 29.65 -10.68
C GLY C 469 -36.87 29.31 -9.43
N SER C 470 -36.72 28.06 -8.89
CA SER C 470 -37.40 27.62 -7.67
C SER C 470 -36.95 28.45 -6.46
N GLN C 471 -37.84 28.66 -5.50
CA GLN C 471 -37.50 29.41 -4.28
C GLN C 471 -37.77 28.56 -3.03
N ARG C 472 -36.82 28.60 -2.07
CA ARG C 472 -36.96 27.89 -0.81
C ARG C 472 -38.02 28.57 0.08
N VAL C 473 -38.95 27.76 0.62
CA VAL C 473 -40.02 28.24 1.51
C VAL C 473 -39.91 27.55 2.87
N GLY C 474 -40.51 28.16 3.90
CA GLY C 474 -40.49 27.68 5.27
C GLY C 474 -41.18 26.35 5.52
N LEU C 475 -40.65 25.58 6.49
CA LEU C 475 -41.19 24.28 6.92
C LEU C 475 -40.93 24.11 8.42
N VAL C 476 -42.00 24.19 9.23
CA VAL C 476 -41.98 24.12 10.69
C VAL C 476 -42.15 22.67 11.21
N ALA C 477 -41.30 22.29 12.20
CA ALA C 477 -41.35 20.97 12.85
C ALA C 477 -42.17 21.08 14.15
N SER C 478 -43.29 20.33 14.23
CA SER C 478 -44.19 20.33 15.38
C SER C 478 -43.61 19.64 16.63
N GLN C 479 -42.66 18.71 16.45
CA GLN C 479 -42.03 17.97 17.54
C GLN C 479 -40.61 17.54 17.18
N LYS C 480 -39.89 16.93 18.15
CA LYS C 480 -38.53 16.43 17.95
C LYS C 480 -38.57 15.27 16.95
N ASN C 481 -37.71 15.33 15.91
CA ASN C 481 -37.67 14.33 14.84
C ASN C 481 -36.26 14.01 14.35
N ASP C 482 -36.11 12.85 13.68
CA ASP C 482 -34.85 12.37 13.11
C ASP C 482 -34.85 12.56 11.57
N LEU C 483 -35.86 13.27 11.04
CA LEU C 483 -36.03 13.53 9.61
C LEU C 483 -35.37 14.82 9.16
N ASP C 484 -34.80 14.80 7.95
CA ASP C 484 -34.20 15.95 7.28
C ASP C 484 -35.12 16.31 6.13
N ALA C 485 -35.65 17.53 6.13
CA ALA C 485 -36.59 17.96 5.10
C ALA C 485 -36.42 19.41 4.72
N VAL C 486 -36.71 19.71 3.44
CA VAL C 486 -36.63 21.06 2.87
C VAL C 486 -37.84 21.31 1.98
N ALA C 487 -38.42 22.50 2.11
CA ALA C 487 -39.59 22.90 1.32
C ALA C 487 -39.17 23.92 0.27
N LEU C 488 -39.70 23.78 -0.97
CA LEU C 488 -39.43 24.66 -2.12
C LEU C 488 -40.68 24.88 -2.99
N MET C 489 -40.67 25.97 -3.79
CA MET C 489 -41.75 26.35 -4.70
C MET C 489 -41.23 26.63 -6.12
N HIS C 490 -41.79 25.92 -7.13
CA HIS C 490 -41.49 26.05 -8.56
C HIS C 490 -41.87 27.47 -9.10
N PRO C 491 -41.27 27.94 -10.23
CA PRO C 491 -41.66 29.26 -10.77
C PRO C 491 -43.13 29.42 -11.14
N ASP C 492 -43.83 28.30 -11.41
CA ASP C 492 -45.25 28.33 -11.74
C ASP C 492 -46.14 28.32 -10.50
N GLY C 493 -45.55 28.04 -9.33
CA GLY C 493 -46.28 28.00 -8.07
C GLY C 493 -46.54 26.63 -7.49
N SER C 494 -46.15 25.55 -8.20
CA SER C 494 -46.35 24.18 -7.71
C SER C 494 -45.29 23.87 -6.65
N ALA C 495 -45.66 23.06 -5.65
CA ALA C 495 -44.75 22.75 -4.54
C ALA C 495 -43.90 21.51 -4.77
N VAL C 496 -42.79 21.45 -4.01
CA VAL C 496 -41.83 20.36 -3.98
C VAL C 496 -41.23 20.27 -2.56
N VAL C 497 -41.36 19.11 -1.92
CA VAL C 497 -40.81 18.86 -0.58
C VAL C 497 -40.00 17.57 -0.61
N VAL C 498 -38.70 17.64 -0.31
CA VAL C 498 -37.83 16.47 -0.25
C VAL C 498 -37.70 16.05 1.21
N VAL C 499 -38.00 14.78 1.52
CA VAL C 499 -37.91 14.24 2.87
C VAL C 499 -36.92 13.07 2.87
N LEU C 500 -35.88 13.17 3.71
CA LEU C 500 -34.88 12.14 3.89
C LEU C 500 -35.02 11.54 5.29
N ASN C 501 -34.97 10.21 5.37
CA ASN C 501 -35.04 9.48 6.64
C ASN C 501 -33.73 8.71 6.78
N ARG C 502 -32.82 9.22 7.60
CA ARG C 502 -31.52 8.59 7.82
C ARG C 502 -31.57 7.53 8.91
N SER C 503 -32.67 7.50 9.69
CA SER C 503 -32.89 6.52 10.77
C SER C 503 -33.41 5.19 10.24
N SER C 504 -33.33 4.13 11.08
CA SER C 504 -33.79 2.77 10.76
C SER C 504 -35.31 2.60 10.83
N LYS C 505 -35.97 3.37 11.70
CA LYS C 505 -37.41 3.30 11.96
C LYS C 505 -38.29 4.06 10.97
N ASP C 506 -39.44 3.45 10.63
CA ASP C 506 -40.48 4.00 9.75
C ASP C 506 -41.17 5.12 10.56
N VAL C 507 -41.28 6.32 9.96
CA VAL C 507 -41.85 7.48 10.65
C VAL C 507 -43.21 7.92 10.05
N PRO C 508 -44.30 7.93 10.87
CA PRO C 508 -45.60 8.43 10.37
C PRO C 508 -45.49 9.93 10.14
N LEU C 509 -45.93 10.42 8.96
CA LEU C 509 -45.78 11.84 8.65
C LEU C 509 -47.01 12.52 8.03
N THR C 510 -47.21 13.79 8.40
CA THR C 510 -48.27 14.62 7.86
C THR C 510 -47.67 15.97 7.43
N ILE C 511 -47.93 16.38 6.18
CA ILE C 511 -47.47 17.67 5.64
C ILE C 511 -48.71 18.59 5.51
N LYS C 512 -48.68 19.76 6.17
CA LYS C 512 -49.79 20.71 6.10
C LYS C 512 -49.48 21.83 5.11
N ASP C 513 -50.33 21.97 4.07
CA ASP C 513 -50.22 23.03 3.07
C ASP C 513 -51.41 23.98 3.24
N PRO C 514 -51.16 25.27 3.57
CA PRO C 514 -52.28 26.20 3.82
C PRO C 514 -53.27 26.45 2.68
N ALA C 515 -52.91 26.10 1.41
CA ALA C 515 -53.77 26.33 0.25
C ALA C 515 -54.54 25.09 -0.25
N VAL C 516 -53.91 23.91 -0.28
CA VAL C 516 -54.52 22.67 -0.80
C VAL C 516 -55.12 21.78 0.32
N GLY C 517 -54.40 21.66 1.45
CA GLY C 517 -54.82 20.83 2.58
C GLY C 517 -53.68 20.03 3.19
N PHE C 518 -54.00 18.83 3.70
CA PHE C 518 -53.08 17.91 4.38
C PHE C 518 -52.62 16.74 3.52
N LEU C 519 -51.34 16.34 3.71
CA LEU C 519 -50.68 15.23 3.00
C LEU C 519 -50.28 14.13 3.99
N GLU C 520 -51.12 13.09 4.11
CA GLU C 520 -50.88 11.95 5.01
C GLU C 520 -49.93 10.97 4.32
N THR C 521 -48.78 10.67 4.96
CA THR C 521 -47.73 9.81 4.38
C THR C 521 -46.92 9.02 5.45
N ILE C 522 -46.00 8.16 4.96
CA ILE C 522 -45.07 7.36 5.76
C ILE C 522 -43.70 7.50 5.13
N SER C 523 -42.71 7.91 5.94
CA SER C 523 -41.33 8.02 5.50
C SER C 523 -40.61 6.77 6.05
N PRO C 524 -40.38 5.73 5.20
CA PRO C 524 -39.72 4.53 5.72
C PRO C 524 -38.27 4.76 6.14
N GLY C 525 -37.80 3.90 7.04
CA GLY C 525 -36.42 3.92 7.50
C GLY C 525 -35.50 3.68 6.32
N TYR C 526 -34.39 4.46 6.24
CA TYR C 526 -33.44 4.43 5.13
C TYR C 526 -34.18 4.62 3.80
N SER C 527 -34.77 5.81 3.64
CA SER C 527 -35.52 6.20 2.44
C SER C 527 -35.35 7.69 2.15
N ILE C 528 -35.65 8.06 0.91
CA ILE C 528 -35.69 9.43 0.43
C ILE C 528 -36.94 9.59 -0.44
N HIS C 529 -37.74 10.62 -0.15
CA HIS C 529 -38.95 10.95 -0.91
C HIS C 529 -38.90 12.38 -1.41
N THR C 530 -39.54 12.62 -2.56
CA THR C 530 -39.78 13.94 -3.14
C THR C 530 -41.28 13.98 -3.47
N TYR C 531 -42.03 14.86 -2.78
CA TYR C 531 -43.45 15.09 -2.98
C TYR C 531 -43.59 16.30 -3.89
N LEU C 532 -44.56 16.27 -4.82
CA LEU C 532 -44.83 17.35 -5.78
C LEU C 532 -46.34 17.47 -5.96
N TRP C 533 -46.86 18.70 -5.92
CA TRP C 533 -48.28 18.95 -6.12
C TRP C 533 -48.59 20.35 -6.67
N HIS C 534 -49.68 20.45 -7.44
CA HIS C 534 -50.18 21.70 -8.00
C HIS C 534 -50.91 22.45 -6.88
N ARG C 535 -50.73 23.77 -6.81
CA ARG C 535 -51.33 24.59 -5.75
C ARG C 535 -52.53 25.40 -6.20
N GLN C 536 -52.57 25.84 -7.48
CA GLN C 536 -53.70 26.61 -8.03
C GLN C 536 -53.77 26.51 -9.57
N ALA D 40 -18.10 -39.77 8.56
CA ALA D 40 -19.14 -39.89 9.57
C ALA D 40 -20.08 -38.67 9.60
N ARG D 41 -19.57 -37.48 9.19
CA ARG D 41 -20.32 -36.21 9.11
C ARG D 41 -19.95 -35.51 7.79
N PRO D 42 -20.93 -35.13 6.93
CA PRO D 42 -20.55 -34.51 5.64
C PRO D 42 -20.10 -33.05 5.72
N CYS D 43 -19.45 -32.55 4.65
CA CYS D 43 -18.99 -31.16 4.54
C CYS D 43 -20.19 -30.22 4.54
N ILE D 44 -20.11 -29.13 5.32
CA ILE D 44 -21.10 -28.04 5.35
C ILE D 44 -20.43 -27.01 4.42
N PRO D 45 -20.80 -27.01 3.11
CA PRO D 45 -20.08 -26.12 2.17
C PRO D 45 -20.44 -24.66 2.31
N LYS D 46 -19.49 -23.80 1.96
CA LYS D 46 -19.68 -22.36 1.92
C LYS D 46 -18.78 -21.80 0.84
N SER D 47 -19.34 -20.95 -0.02
CA SER D 47 -18.59 -20.29 -1.07
C SER D 47 -18.22 -18.87 -0.63
N PHE D 48 -17.02 -18.40 -1.06
CA PHE D 48 -16.53 -17.06 -0.80
C PHE D 48 -16.18 -16.35 -2.11
N GLY D 49 -16.78 -16.82 -3.21
CA GLY D 49 -16.55 -16.27 -4.55
C GLY D 49 -15.36 -16.86 -5.30
N TYR D 50 -14.70 -17.91 -4.75
CA TYR D 50 -13.57 -18.54 -5.45
C TYR D 50 -14.05 -19.80 -6.18
N SER D 51 -13.14 -20.57 -6.82
CA SER D 51 -13.47 -21.73 -7.65
C SER D 51 -14.22 -22.88 -6.93
N SER D 52 -13.98 -23.09 -5.64
CA SER D 52 -14.68 -24.16 -4.92
C SER D 52 -15.16 -23.66 -3.57
N VAL D 53 -15.63 -24.59 -2.73
CA VAL D 53 -16.18 -24.30 -1.41
C VAL D 53 -15.17 -24.65 -0.31
N VAL D 54 -15.38 -24.08 0.89
CA VAL D 54 -14.66 -24.45 2.11
C VAL D 54 -15.66 -25.32 2.89
N CYS D 55 -15.19 -26.03 3.91
CA CYS D 55 -16.07 -26.80 4.78
C CYS D 55 -16.09 -26.11 6.12
N VAL D 56 -17.29 -25.76 6.56
CA VAL D 56 -17.49 -24.98 7.78
C VAL D 56 -17.55 -25.90 9.00
N CYS D 57 -16.73 -25.56 10.01
CA CYS D 57 -16.71 -26.28 11.28
C CYS D 57 -16.88 -25.26 12.36
N ASN D 58 -17.44 -25.68 13.49
CA ASN D 58 -17.68 -24.82 14.64
C ASN D 58 -17.53 -25.63 15.94
N ALA D 59 -18.02 -25.12 17.08
CA ALA D 59 -17.92 -25.80 18.37
C ALA D 59 -18.65 -27.15 18.42
N THR D 60 -19.75 -27.31 17.66
CA THR D 60 -20.60 -28.52 17.74
C THR D 60 -20.63 -29.36 16.45
N TYR D 61 -20.00 -28.87 15.37
CA TYR D 61 -20.00 -29.62 14.11
C TYR D 61 -18.70 -29.46 13.35
N CYS D 62 -18.27 -30.57 12.76
CA CYS D 62 -17.17 -30.66 11.80
C CYS D 62 -17.27 -31.93 11.01
N ASP D 63 -16.95 -31.84 9.72
CA ASP D 63 -17.01 -32.99 8.84
C ASP D 63 -15.91 -33.98 9.29
N SER D 64 -16.23 -35.28 9.26
CA SER D 64 -15.32 -36.33 9.72
C SER D 64 -15.45 -37.60 8.86
N PHE D 65 -14.56 -38.60 9.08
CA PHE D 65 -14.57 -39.90 8.38
C PHE D 65 -15.01 -41.03 9.29
N ASP D 66 -15.28 -42.22 8.70
CA ASP D 66 -15.65 -43.44 9.43
C ASP D 66 -14.41 -44.02 10.13
N PHE D 70 -11.07 -51.33 5.12
CA PHE D 70 -10.50 -51.89 3.89
C PHE D 70 -11.34 -53.06 3.33
N PRO D 71 -11.86 -52.95 2.08
CA PRO D 71 -12.72 -54.03 1.54
C PRO D 71 -12.02 -55.34 1.22
N ALA D 72 -12.80 -56.42 1.05
CA ALA D 72 -12.29 -57.75 0.73
C ALA D 72 -11.55 -57.73 -0.62
N LEU D 73 -10.60 -58.66 -0.80
CA LEU D 73 -9.80 -58.88 -2.01
C LEU D 73 -10.79 -59.00 -3.17
N GLY D 74 -10.54 -58.27 -4.25
CA GLY D 74 -11.44 -58.25 -5.39
C GLY D 74 -12.28 -56.99 -5.45
N THR D 75 -12.27 -56.20 -4.35
CA THR D 75 -12.95 -54.92 -4.23
C THR D 75 -11.89 -53.81 -3.97
N PHE D 76 -12.15 -52.62 -4.52
CA PHE D 76 -11.34 -51.44 -4.30
C PHE D 76 -12.22 -50.35 -3.64
N SER D 77 -11.58 -49.46 -2.91
CA SER D 77 -12.15 -48.25 -2.32
C SER D 77 -11.65 -47.04 -3.12
N ARG D 78 -12.52 -46.05 -3.29
CA ARG D 78 -12.21 -44.80 -3.96
C ARG D 78 -12.68 -43.63 -3.09
N TYR D 79 -11.79 -42.71 -2.78
CA TYR D 79 -12.08 -41.49 -2.05
C TYR D 79 -11.96 -40.39 -3.08
N GLU D 80 -13.04 -39.65 -3.31
CA GLU D 80 -13.06 -38.60 -4.31
C GLU D 80 -13.31 -37.21 -3.77
N SER D 81 -12.52 -36.24 -4.24
CA SER D 81 -12.76 -34.83 -3.96
C SER D 81 -12.89 -34.09 -5.29
N THR D 82 -13.88 -33.20 -5.40
CA THR D 82 -14.09 -32.49 -6.65
C THR D 82 -14.20 -30.99 -6.41
N ARG D 83 -13.93 -30.20 -7.44
CA ARG D 83 -14.10 -28.74 -7.42
C ARG D 83 -15.61 -28.44 -7.22
N SER D 84 -16.51 -29.30 -7.77
CA SER D 84 -17.96 -29.16 -7.64
C SER D 84 -18.48 -29.30 -6.20
N GLY D 85 -17.65 -29.80 -5.27
CA GLY D 85 -18.04 -29.89 -3.87
C GLY D 85 -17.81 -31.17 -3.11
N ARG D 86 -17.50 -32.29 -3.79
CA ARG D 86 -17.30 -33.59 -3.10
C ARG D 86 -16.05 -33.54 -2.25
N ARG D 87 -16.13 -34.03 -1.00
CA ARG D 87 -15.01 -33.98 -0.07
C ARG D 87 -14.67 -35.35 0.47
N MET D 88 -13.65 -35.99 -0.15
CA MET D 88 -13.12 -37.32 0.17
C MET D 88 -14.27 -38.34 0.38
N GLU D 89 -15.20 -38.35 -0.59
CA GLU D 89 -16.36 -39.24 -0.59
C GLU D 89 -15.91 -40.65 -0.90
N LEU D 90 -16.38 -41.61 -0.11
CA LEU D 90 -16.04 -43.01 -0.25
C LEU D 90 -17.03 -43.75 -1.16
N SER D 91 -16.51 -44.49 -2.15
CA SER D 91 -17.31 -45.37 -3.01
C SER D 91 -16.45 -46.62 -3.24
N MET D 92 -17.06 -47.67 -3.71
CA MET D 92 -16.31 -48.89 -3.89
C MET D 92 -16.68 -49.48 -5.23
N GLY D 93 -15.89 -50.44 -5.67
CA GLY D 93 -16.22 -51.14 -6.90
C GLY D 93 -15.44 -52.42 -7.10
N PRO D 94 -15.78 -53.14 -8.18
CA PRO D 94 -15.08 -54.38 -8.49
C PRO D 94 -13.74 -54.18 -9.18
N ILE D 95 -12.82 -55.12 -8.94
CA ILE D 95 -11.55 -55.25 -9.64
C ILE D 95 -11.81 -56.48 -10.53
N GLN D 96 -11.83 -56.29 -11.86
CA GLN D 96 -12.18 -57.38 -12.76
C GLN D 96 -10.97 -58.07 -13.37
N ALA D 97 -11.07 -59.40 -13.54
CA ALA D 97 -10.03 -60.26 -14.09
C ALA D 97 -9.54 -59.85 -15.47
N ASN D 98 -10.43 -59.23 -16.29
CA ASN D 98 -10.10 -58.86 -17.66
C ASN D 98 -10.46 -57.42 -18.03
N HIS D 99 -9.68 -56.85 -18.95
CA HIS D 99 -9.90 -55.51 -19.48
C HIS D 99 -9.60 -55.48 -20.96
N THR D 100 -10.62 -55.09 -21.73
CA THR D 100 -10.53 -54.98 -23.18
C THR D 100 -10.77 -53.50 -23.52
N GLY D 101 -9.83 -52.93 -24.28
CA GLY D 101 -9.93 -51.54 -24.71
C GLY D 101 -8.61 -50.91 -25.08
N THR D 102 -8.68 -49.68 -25.62
CA THR D 102 -7.53 -48.88 -26.05
C THR D 102 -7.31 -47.66 -25.15
N GLY D 103 -8.18 -47.49 -24.15
CA GLY D 103 -8.13 -46.38 -23.19
C GLY D 103 -6.88 -46.39 -22.33
N LEU D 104 -6.60 -45.25 -21.66
CA LEU D 104 -5.43 -45.08 -20.78
C LEU D 104 -5.31 -46.21 -19.72
N LEU D 105 -4.12 -46.82 -19.64
CA LEU D 105 -3.82 -47.88 -18.68
C LEU D 105 -2.63 -47.45 -17.81
N LEU D 106 -2.81 -47.50 -16.48
CA LEU D 106 -1.73 -47.20 -15.54
C LEU D 106 -1.41 -48.57 -14.94
N THR D 107 -0.20 -49.09 -15.20
CA THR D 107 0.19 -50.41 -14.74
C THR D 107 1.05 -50.30 -13.51
N LEU D 108 0.61 -50.98 -12.45
CA LEU D 108 1.37 -51.03 -11.21
C LEU D 108 2.58 -51.93 -11.44
N GLN D 109 3.76 -51.49 -10.98
CA GLN D 109 5.00 -52.24 -11.04
C GLN D 109 5.48 -52.51 -9.60
N PRO D 110 4.91 -53.54 -8.93
CA PRO D 110 5.23 -53.76 -7.51
C PRO D 110 6.68 -54.14 -7.21
N GLU D 111 7.39 -54.73 -8.16
CA GLU D 111 8.78 -55.13 -7.91
C GLU D 111 9.76 -53.99 -8.15
N GLN D 112 9.27 -52.83 -8.62
CA GLN D 112 10.05 -51.59 -8.80
C GLN D 112 9.83 -50.76 -7.52
N LYS D 113 10.76 -50.90 -6.54
CA LYS D 113 10.65 -50.31 -5.20
C LYS D 113 11.47 -49.05 -5.07
N PHE D 114 10.91 -47.98 -4.51
CA PHE D 114 11.65 -46.73 -4.36
C PHE D 114 11.83 -46.35 -2.89
N GLN D 115 11.59 -45.10 -2.53
CA GLN D 115 11.74 -44.65 -1.14
C GLN D 115 10.57 -45.07 -0.26
N LYS D 116 10.87 -45.15 1.05
CA LYS D 116 9.93 -45.42 2.13
C LYS D 116 9.53 -44.08 2.76
N VAL D 117 8.24 -43.95 3.05
CA VAL D 117 7.62 -42.71 3.54
C VAL D 117 7.81 -42.52 5.03
N LYS D 118 8.28 -41.33 5.42
CA LYS D 118 8.41 -40.86 6.80
C LYS D 118 7.02 -40.37 7.25
N GLY D 119 6.40 -39.49 6.46
CA GLY D 119 5.06 -39.00 6.77
C GLY D 119 4.68 -37.64 6.22
N PHE D 120 3.64 -37.04 6.84
CA PHE D 120 3.04 -35.78 6.42
C PHE D 120 2.54 -35.00 7.62
N GLY D 121 2.55 -33.69 7.50
CA GLY D 121 2.02 -32.84 8.54
C GLY D 121 2.15 -31.38 8.21
N GLY D 122 2.32 -30.59 9.25
CA GLY D 122 2.40 -29.13 9.18
C GLY D 122 3.09 -28.53 10.37
N ALA D 123 3.17 -27.20 10.39
CA ALA D 123 3.91 -26.45 11.39
C ALA D 123 3.08 -25.84 12.49
N MET D 124 3.52 -26.06 13.72
CA MET D 124 2.92 -25.49 14.91
C MET D 124 3.69 -24.19 15.22
N THR D 125 3.46 -23.16 14.38
CA THR D 125 4.03 -21.83 14.58
C THR D 125 3.28 -21.12 15.71
N ASP D 126 3.79 -19.96 16.15
CA ASP D 126 3.10 -19.17 17.17
C ASP D 126 1.75 -18.75 16.59
N ALA D 127 1.72 -18.36 15.29
CA ALA D 127 0.49 -17.91 14.60
C ALA D 127 -0.55 -19.02 14.57
N ALA D 128 -0.12 -20.27 14.28
CA ALA D 128 -1.01 -21.43 14.24
C ALA D 128 -1.63 -21.65 15.60
N ALA D 129 -0.80 -21.68 16.66
CA ALA D 129 -1.21 -21.89 18.06
C ALA D 129 -2.17 -20.81 18.57
N LEU D 130 -1.90 -19.53 18.25
CA LEU D 130 -2.76 -18.41 18.67
C LEU D 130 -4.13 -18.51 18.05
N ASN D 131 -4.18 -18.83 16.74
CA ASN D 131 -5.43 -19.01 15.99
C ASN D 131 -6.28 -20.14 16.52
N ILE D 132 -5.64 -21.28 16.83
CA ILE D 132 -6.34 -22.45 17.34
C ILE D 132 -6.88 -22.13 18.73
N LEU D 133 -6.05 -21.54 19.59
CA LEU D 133 -6.47 -21.25 20.96
C LEU D 133 -7.46 -20.07 21.07
N ALA D 134 -7.75 -19.41 19.93
CA ALA D 134 -8.75 -18.33 19.83
C ALA D 134 -10.17 -18.93 19.76
N LEU D 135 -10.27 -20.22 19.34
CA LEU D 135 -11.55 -20.95 19.27
C LEU D 135 -11.94 -21.46 20.66
N SER D 136 -13.25 -21.75 20.91
CA SER D 136 -13.67 -22.32 22.20
C SER D 136 -13.07 -23.75 22.28
N PRO D 137 -12.79 -24.33 23.48
CA PRO D 137 -12.24 -25.70 23.56
C PRO D 137 -12.94 -26.77 22.67
N PRO D 138 -14.29 -26.84 22.50
CA PRO D 138 -14.84 -27.88 21.60
C PRO D 138 -14.46 -27.63 20.13
N ALA D 139 -14.39 -26.36 19.71
CA ALA D 139 -13.96 -26.04 18.33
C ALA D 139 -12.47 -26.39 18.11
N GLN D 140 -11.62 -26.12 19.14
CA GLN D 140 -10.18 -26.47 19.09
C GLN D 140 -10.02 -27.99 18.91
N ASN D 141 -10.79 -28.79 19.69
CA ASN D 141 -10.66 -30.24 19.57
C ASN D 141 -11.06 -30.75 18.20
N LEU D 142 -12.11 -30.18 17.56
CA LEU D 142 -12.52 -30.63 16.21
C LEU D 142 -11.46 -30.27 15.17
N LEU D 143 -10.77 -29.15 15.36
CA LEU D 143 -9.70 -28.69 14.49
C LEU D 143 -8.54 -29.67 14.60
N LEU D 144 -8.13 -29.99 15.84
CA LEU D 144 -7.02 -30.90 16.11
C LEU D 144 -7.35 -32.34 15.64
N LYS D 145 -8.62 -32.80 15.83
CA LYS D 145 -9.05 -34.11 15.35
C LYS D 145 -9.05 -34.16 13.82
N SER D 146 -9.38 -33.03 13.14
CA SER D 146 -9.38 -32.91 11.67
C SER D 146 -8.01 -33.26 11.07
N TYR D 147 -6.96 -32.78 11.72
CA TYR D 147 -5.58 -33.03 11.32
C TYR D 147 -4.99 -34.34 11.87
N PHE D 148 -5.11 -34.58 13.19
CA PHE D 148 -4.36 -35.64 13.84
C PHE D 148 -5.10 -36.95 14.11
N SER D 149 -6.45 -37.00 14.12
CA SER D 149 -7.14 -38.28 14.43
C SER D 149 -7.40 -39.12 13.17
N GLU D 150 -7.83 -40.40 13.36
CA GLU D 150 -8.16 -41.26 12.24
C GLU D 150 -9.50 -40.86 11.60
N GLU D 151 -10.33 -40.07 12.33
CA GLU D 151 -11.59 -39.52 11.82
C GLU D 151 -11.23 -38.29 10.98
N GLY D 152 -9.96 -37.90 11.05
CA GLY D 152 -9.40 -36.80 10.28
C GLY D 152 -8.46 -37.30 9.20
N ILE D 153 -7.38 -36.56 8.97
CA ILE D 153 -6.44 -36.91 7.88
C ILE D 153 -5.09 -37.49 8.39
N GLY D 154 -5.02 -37.89 9.66
CA GLY D 154 -3.89 -38.64 10.21
C GLY D 154 -2.48 -38.12 10.03
N TYR D 155 -2.25 -36.84 10.40
CA TYR D 155 -0.92 -36.26 10.34
C TYR D 155 0.00 -36.99 11.31
N ASN D 156 1.27 -37.19 10.92
CA ASN D 156 2.23 -37.83 11.82
C ASN D 156 3.53 -37.03 11.91
N ILE D 157 3.49 -35.76 11.49
CA ILE D 157 4.64 -34.85 11.52
C ILE D 157 4.20 -33.49 12.02
N ILE D 158 4.94 -32.92 12.97
CA ILE D 158 4.72 -31.56 13.45
C ILE D 158 6.05 -30.85 13.40
N ARG D 159 6.13 -29.74 12.63
CA ARG D 159 7.31 -28.89 12.56
C ARG D 159 7.14 -27.77 13.63
N VAL D 160 8.17 -27.62 14.48
CA VAL D 160 8.18 -26.73 15.61
C VAL D 160 9.31 -25.70 15.45
N PRO D 161 8.99 -24.40 15.28
CA PRO D 161 10.06 -23.41 15.24
C PRO D 161 10.72 -23.33 16.62
N MET D 162 12.04 -23.15 16.62
CA MET D 162 12.84 -22.91 17.83
C MET D 162 12.85 -21.40 18.01
N ALA D 163 11.88 -20.89 18.80
CA ALA D 163 11.64 -19.48 19.11
C ALA D 163 10.92 -18.76 17.95
N SER D 164 11.08 -17.43 17.82
CA SER D 164 10.27 -16.67 16.88
C SER D 164 10.63 -16.76 15.42
N CYS D 165 9.62 -16.54 14.58
CA CYS D 165 9.80 -16.39 13.14
C CYS D 165 8.85 -15.26 12.70
N ASP D 166 8.59 -15.13 11.40
CA ASP D 166 7.67 -14.11 10.89
C ASP D 166 6.24 -14.38 11.35
N PHE D 167 5.88 -15.67 11.51
CA PHE D 167 4.56 -16.09 12.02
C PHE D 167 4.57 -16.13 13.57
N SER D 168 4.97 -15.00 14.15
CA SER D 168 5.06 -14.70 15.57
C SER D 168 4.52 -13.28 15.77
N ILE D 169 4.16 -12.93 16.99
CA ILE D 169 3.59 -11.58 17.24
C ILE D 169 4.61 -10.67 17.90
N ARG D 170 5.83 -11.18 18.10
CA ARG D 170 6.94 -10.38 18.65
C ARG D 170 8.28 -11.06 18.31
N THR D 171 9.38 -10.34 18.55
CA THR D 171 10.69 -10.94 18.36
C THR D 171 11.11 -11.51 19.72
N TYR D 172 11.87 -12.59 19.71
CA TYR D 172 12.42 -13.26 20.90
C TYR D 172 13.22 -14.49 20.51
N THR D 173 14.20 -14.85 21.36
CA THR D 173 14.92 -16.11 21.30
C THR D 173 14.83 -16.70 22.69
N TYR D 174 15.45 -17.87 22.90
CA TYR D 174 15.44 -18.55 24.19
C TYR D 174 16.56 -18.08 25.10
N ALA D 175 17.48 -17.26 24.56
CA ALA D 175 18.63 -16.78 25.32
C ALA D 175 18.96 -15.32 24.96
N ASP D 176 17.98 -14.42 25.17
CA ASP D 176 18.13 -13.01 24.84
C ASP D 176 19.02 -12.21 25.82
N THR D 177 19.29 -12.74 27.04
CA THR D 177 20.18 -12.09 28.00
C THR D 177 21.58 -12.09 27.37
N PRO D 178 22.16 -10.90 27.08
CA PRO D 178 23.44 -10.86 26.36
C PRO D 178 24.61 -11.55 27.03
N ASP D 179 25.53 -12.06 26.18
CA ASP D 179 26.80 -12.70 26.49
C ASP D 179 26.71 -13.83 27.52
N ASP D 180 25.62 -14.63 27.43
CA ASP D 180 25.38 -15.80 28.28
C ASP D 180 25.87 -17.03 27.48
N PHE D 181 27.20 -17.11 27.27
CA PHE D 181 27.83 -18.18 26.48
C PHE D 181 27.59 -19.59 27.05
N GLN D 182 27.39 -19.71 28.37
CA GLN D 182 27.09 -21.00 29.01
C GLN D 182 25.59 -21.35 28.96
N LEU D 183 24.76 -20.43 28.45
CA LEU D 183 23.30 -20.55 28.29
C LEU D 183 22.58 -20.84 29.62
N HIS D 184 23.02 -20.16 30.70
CA HIS D 184 22.46 -20.27 32.05
C HIS D 184 21.07 -19.65 32.12
N ASN D 185 20.80 -18.61 31.31
CA ASN D 185 19.50 -17.96 31.26
C ASN D 185 18.62 -18.47 30.10
N PHE D 186 18.92 -19.68 29.57
CA PHE D 186 18.12 -20.30 28.49
C PHE D 186 16.77 -20.71 29.06
N SER D 187 15.67 -20.22 28.48
CA SER D 187 14.33 -20.61 28.97
C SER D 187 13.28 -20.49 27.87
N LEU D 188 12.23 -21.31 27.97
CA LEU D 188 11.10 -21.30 27.05
C LEU D 188 10.08 -20.23 27.47
N PRO D 189 9.64 -19.33 26.55
CA PRO D 189 8.62 -18.34 26.96
C PRO D 189 7.20 -18.90 26.82
N GLU D 190 6.19 -18.05 27.05
CA GLU D 190 4.77 -18.37 26.99
C GLU D 190 4.39 -19.05 25.66
N GLU D 191 4.98 -18.60 24.52
CA GLU D 191 4.69 -19.17 23.21
C GLU D 191 4.84 -20.70 23.19
N ASP D 192 5.87 -21.21 23.85
CA ASP D 192 6.08 -22.65 23.94
C ASP D 192 5.28 -23.25 25.09
N THR D 193 5.48 -22.78 26.33
CA THR D 193 4.87 -23.41 27.52
C THR D 193 3.34 -23.29 27.63
N LYS D 194 2.72 -22.26 27.06
CA LYS D 194 1.27 -22.07 27.15
C LYS D 194 0.58 -22.34 25.80
N LEU D 195 1.26 -22.09 24.69
CA LEU D 195 0.60 -22.26 23.40
C LEU D 195 1.01 -23.53 22.66
N LYS D 196 2.24 -23.59 22.18
CA LYS D 196 2.71 -24.73 21.38
C LYS D 196 2.77 -26.04 22.11
N ILE D 197 3.49 -26.14 23.25
CA ILE D 197 3.63 -27.42 23.96
C ILE D 197 2.24 -28.02 24.33
N PRO D 198 1.30 -27.31 25.01
CA PRO D 198 -0.01 -27.92 25.31
C PRO D 198 -0.75 -28.42 24.07
N LEU D 199 -0.68 -27.67 22.97
CA LEU D 199 -1.32 -28.07 21.71
C LEU D 199 -0.70 -29.30 21.07
N ILE D 200 0.66 -29.44 21.14
CA ILE D 200 1.36 -30.61 20.57
C ILE D 200 0.94 -31.83 21.40
N HIS D 201 0.88 -31.67 22.75
CA HIS D 201 0.44 -32.72 23.67
C HIS D 201 -0.96 -33.22 23.33
N ARG D 202 -1.87 -32.29 23.02
CA ARG D 202 -3.24 -32.61 22.64
C ARG D 202 -3.30 -33.31 21.29
N ALA D 203 -2.43 -32.91 20.35
CA ALA D 203 -2.30 -33.52 19.02
C ALA D 203 -1.81 -35.00 19.13
N LEU D 204 -0.79 -35.26 19.99
CA LEU D 204 -0.26 -36.61 20.17
C LEU D 204 -1.29 -37.55 20.81
N GLN D 205 -2.15 -37.01 21.72
CA GLN D 205 -3.23 -37.75 22.38
C GLN D 205 -4.23 -38.25 21.36
N LEU D 206 -4.58 -37.41 20.42
CA LEU D 206 -5.58 -37.70 19.38
C LEU D 206 -5.06 -38.61 18.28
N ALA D 207 -3.73 -38.63 18.04
CA ALA D 207 -3.15 -39.48 17.00
C ALA D 207 -3.05 -40.95 17.37
N GLN D 208 -3.35 -41.82 16.41
CA GLN D 208 -3.19 -43.27 16.60
C GLN D 208 -1.81 -43.67 16.09
N ARG D 209 -1.32 -42.98 15.05
CA ARG D 209 0.00 -43.18 14.45
C ARG D 209 1.06 -42.45 15.28
N PRO D 210 2.27 -43.04 15.52
CA PRO D 210 3.32 -42.26 16.22
C PRO D 210 3.62 -40.96 15.46
N VAL D 211 3.69 -39.83 16.18
CA VAL D 211 3.94 -38.53 15.56
C VAL D 211 5.39 -38.15 15.76
N SER D 212 6.04 -37.72 14.67
CA SER D 212 7.41 -37.27 14.63
C SER D 212 7.45 -35.74 14.71
N LEU D 213 8.28 -35.22 15.61
CA LEU D 213 8.47 -33.78 15.75
C LEU D 213 9.78 -33.38 15.06
N LEU D 214 9.75 -32.22 14.40
CA LEU D 214 10.88 -31.67 13.66
C LEU D 214 11.08 -30.22 14.11
N ALA D 215 12.28 -29.88 14.62
CA ALA D 215 12.57 -28.52 15.06
C ALA D 215 13.53 -27.77 14.11
N SER D 216 13.27 -26.47 13.96
CA SER D 216 14.05 -25.58 13.11
C SER D 216 14.20 -24.20 13.73
N PRO D 217 15.44 -23.65 13.77
CA PRO D 217 15.60 -22.27 14.27
C PRO D 217 15.53 -21.24 13.14
N TRP D 218 15.05 -20.02 13.44
CA TRP D 218 15.07 -18.95 12.44
C TRP D 218 16.27 -18.06 12.77
N THR D 219 16.37 -17.60 14.03
CA THR D 219 17.55 -16.81 14.39
C THR D 219 18.14 -17.30 15.69
N SER D 220 19.41 -17.01 15.87
CA SER D 220 20.09 -17.25 17.12
C SER D 220 19.90 -16.00 18.00
N PRO D 221 20.23 -16.02 19.33
CA PRO D 221 20.34 -14.74 20.06
C PRO D 221 21.24 -13.77 19.27
N THR D 222 20.92 -12.48 19.27
CA THR D 222 21.61 -11.48 18.44
C THR D 222 23.08 -11.24 18.84
N TRP D 223 23.43 -11.52 20.11
CA TRP D 223 24.79 -11.35 20.64
C TRP D 223 25.74 -12.48 20.10
N LEU D 224 25.20 -13.41 19.28
CA LEU D 224 25.98 -14.47 18.61
C LEU D 224 26.15 -14.12 17.13
N LYS D 225 25.52 -13.01 16.68
CA LYS D 225 25.50 -12.57 15.28
C LYS D 225 26.42 -11.42 14.94
N THR D 226 26.98 -11.46 13.73
CA THR D 226 27.88 -10.44 13.17
C THR D 226 27.18 -9.07 13.04
N ASN D 227 25.84 -9.05 12.85
CA ASN D 227 25.12 -7.79 12.71
C ASN D 227 24.40 -7.37 14.00
N GLY D 228 24.44 -8.22 15.03
CA GLY D 228 23.79 -7.97 16.31
C GLY D 228 22.30 -7.65 16.21
N ALA D 229 21.57 -8.24 15.23
CA ALA D 229 20.12 -7.99 14.96
C ALA D 229 19.39 -9.29 14.71
N VAL D 230 18.06 -9.35 14.93
CA VAL D 230 17.28 -10.58 14.73
C VAL D 230 17.17 -10.92 13.24
N ASN D 231 17.19 -9.91 12.40
CA ASN D 231 16.95 -10.06 10.98
C ASN D 231 18.16 -9.50 10.22
N GLY D 232 17.96 -9.05 8.98
CA GLY D 232 19.04 -8.47 8.17
C GLY D 232 20.10 -9.47 7.76
N LYS D 233 21.08 -9.00 7.01
CA LYS D 233 22.18 -9.84 6.57
C LYS D 233 23.17 -10.02 7.76
N GLY D 234 23.27 -11.25 8.24
CA GLY D 234 24.18 -11.56 9.34
C GLY D 234 24.28 -13.04 9.61
N SER D 235 25.49 -13.49 10.01
CA SER D 235 25.76 -14.89 10.32
C SER D 235 26.27 -14.99 11.75
N LEU D 236 26.71 -16.19 12.16
CA LEU D 236 27.29 -16.35 13.50
C LEU D 236 28.64 -15.65 13.53
N LYS D 237 29.01 -15.05 14.67
CA LYS D 237 30.31 -14.38 14.82
C LYS D 237 31.43 -15.40 14.73
N GLY D 238 32.58 -14.95 14.26
CA GLY D 238 33.79 -15.75 14.18
C GLY D 238 33.74 -16.91 13.20
N GLN D 239 34.28 -18.05 13.62
CA GLN D 239 34.39 -19.19 12.72
C GLN D 239 34.04 -20.52 13.42
N PRO D 240 33.59 -21.57 12.68
CA PRO D 240 33.31 -22.86 13.33
C PRO D 240 34.40 -23.37 14.27
N GLY D 241 33.97 -23.91 15.40
CA GLY D 241 34.85 -24.45 16.44
C GLY D 241 35.03 -23.50 17.62
N ASP D 242 34.76 -22.18 17.39
CA ASP D 242 34.91 -21.12 18.39
C ASP D 242 33.72 -21.03 19.36
N ILE D 243 33.84 -20.16 20.39
CA ILE D 243 32.83 -19.93 21.44
C ILE D 243 31.42 -19.61 20.89
N TYR D 244 31.32 -18.81 19.80
CA TYR D 244 30.02 -18.43 19.21
C TYR D 244 29.33 -19.62 18.56
N HIS D 245 30.09 -20.44 17.81
CA HIS D 245 29.56 -21.62 17.13
C HIS D 245 29.26 -22.73 18.14
N GLN D 246 30.11 -22.84 19.19
CA GLN D 246 29.94 -23.82 20.27
C GLN D 246 28.66 -23.52 21.09
N THR D 247 28.44 -22.23 21.45
CA THR D 247 27.25 -21.78 22.18
C THR D 247 26.01 -22.05 21.35
N TRP D 248 26.08 -21.79 20.03
CA TRP D 248 24.91 -22.00 19.17
C TRP D 248 24.56 -23.49 19.05
N ALA D 249 25.59 -24.37 18.97
CA ALA D 249 25.38 -25.81 18.96
C ALA D 249 24.74 -26.26 20.29
N ARG D 250 25.22 -25.71 21.43
CA ARG D 250 24.73 -25.98 22.78
C ARG D 250 23.24 -25.53 22.94
N TYR D 251 22.83 -24.47 22.20
CA TYR D 251 21.47 -23.94 22.21
C TYR D 251 20.48 -25.00 21.71
N PHE D 252 20.84 -25.75 20.65
CA PHE D 252 20.04 -26.87 20.14
C PHE D 252 19.85 -27.92 21.24
N VAL D 253 20.91 -28.27 21.98
CA VAL D 253 20.83 -29.27 23.06
C VAL D 253 19.93 -28.77 24.21
N LYS D 254 20.06 -27.46 24.59
CA LYS D 254 19.28 -26.80 25.62
C LYS D 254 17.80 -26.79 25.25
N PHE D 255 17.50 -26.60 23.96
CA PHE D 255 16.14 -26.64 23.41
C PHE D 255 15.56 -28.04 23.59
N LEU D 256 16.30 -29.08 23.10
CA LEU D 256 15.91 -30.48 23.21
C LEU D 256 15.75 -30.88 24.68
N ASP D 257 16.61 -30.35 25.59
CA ASP D 257 16.53 -30.59 27.04
C ASP D 257 15.22 -29.99 27.59
N ALA D 258 14.91 -28.74 27.20
CA ALA D 258 13.72 -28.02 27.64
C ALA D 258 12.42 -28.75 27.25
N TYR D 259 12.30 -29.12 25.96
CA TYR D 259 11.15 -29.87 25.46
C TYR D 259 11.06 -31.25 26.07
N ALA D 260 12.22 -31.88 26.40
CA ALA D 260 12.27 -33.20 27.07
C ALA D 260 11.70 -33.11 28.49
N GLU D 261 11.84 -31.92 29.16
CA GLU D 261 11.27 -31.72 30.49
C GLU D 261 9.73 -31.62 30.37
N HIS D 262 9.24 -31.31 29.14
CA HIS D 262 7.82 -31.21 28.83
C HIS D 262 7.34 -32.51 28.18
N LYS D 263 8.11 -33.59 28.38
CA LYS D 263 7.83 -34.93 27.88
C LYS D 263 7.61 -34.96 26.35
N LEU D 264 8.41 -34.15 25.62
CA LEU D 264 8.42 -34.10 24.16
C LEU D 264 9.83 -34.42 23.65
N GLN D 265 9.92 -35.43 22.77
CA GLN D 265 11.16 -35.89 22.12
C GLN D 265 11.05 -35.57 20.63
N PHE D 266 12.18 -35.21 20.01
CA PHE D 266 12.23 -34.86 18.60
C PHE D 266 12.82 -35.97 17.73
N TRP D 267 12.21 -36.18 16.56
CA TRP D 267 12.69 -37.09 15.55
C TRP D 267 13.92 -36.46 14.86
N ALA D 268 13.80 -35.17 14.49
CA ALA D 268 14.87 -34.47 13.79
C ALA D 268 14.90 -32.97 14.07
N VAL D 269 16.07 -32.36 13.85
CA VAL D 269 16.28 -30.92 13.88
C VAL D 269 16.89 -30.54 12.51
N THR D 270 16.66 -29.29 12.06
CA THR D 270 17.33 -28.84 10.83
C THR D 270 18.45 -27.94 11.28
N ALA D 271 19.48 -27.82 10.44
CA ALA D 271 20.68 -27.03 10.72
C ALA D 271 20.41 -25.51 10.80
N GLU D 272 19.29 -25.04 10.21
CA GLU D 272 18.84 -23.63 10.17
C GLU D 272 17.70 -23.52 9.20
N ASN D 273 16.63 -22.75 9.55
CA ASN D 273 15.57 -22.49 8.60
C ASN D 273 16.13 -21.52 7.56
N GLU D 274 15.99 -21.85 6.27
CA GLU D 274 16.39 -21.00 5.13
C GLU D 274 17.71 -20.23 5.38
N PRO D 275 18.84 -20.95 5.48
CA PRO D 275 20.14 -20.29 5.69
C PRO D 275 20.52 -19.24 4.65
N SER D 276 20.00 -19.35 3.41
CA SER D 276 20.24 -18.34 2.36
C SER D 276 19.63 -16.95 2.71
N ALA D 277 18.56 -16.90 3.54
CA ALA D 277 17.91 -15.64 3.94
C ALA D 277 18.85 -14.65 4.65
N GLY D 278 19.70 -15.10 5.58
CA GLY D 278 20.60 -14.20 6.30
C GLY D 278 21.78 -13.73 5.47
N LEU D 279 21.77 -14.08 4.17
CA LEU D 279 22.83 -13.64 3.26
C LEU D 279 22.35 -12.42 2.47
N LEU D 280 21.05 -12.09 2.61
CA LEU D 280 20.42 -10.98 1.91
C LEU D 280 20.39 -9.72 2.73
N SER D 281 20.92 -8.65 2.16
CA SER D 281 20.91 -7.35 2.82
C SER D 281 19.47 -6.92 3.04
N GLY D 282 19.16 -6.55 4.28
CA GLY D 282 17.85 -6.09 4.71
C GLY D 282 16.80 -7.17 4.82
N TYR D 283 17.20 -8.46 4.92
CA TYR D 283 16.23 -9.56 5.03
C TYR D 283 15.29 -9.20 6.17
N PRO D 284 13.95 -9.19 5.93
CA PRO D 284 13.04 -8.52 6.87
C PRO D 284 12.74 -9.18 8.19
N PHE D 285 12.91 -10.49 8.28
CA PHE D 285 12.54 -11.11 9.53
C PHE D 285 13.62 -12.08 10.00
N GLN D 286 13.36 -12.78 11.12
CA GLN D 286 14.29 -13.71 11.75
C GLN D 286 14.99 -14.64 10.78
N CYS D 287 16.32 -14.57 10.81
CA CYS D 287 17.17 -15.34 9.91
C CYS D 287 18.56 -15.47 10.53
N LEU D 288 19.39 -16.35 9.98
CA LEU D 288 20.77 -16.55 10.40
C LEU D 288 21.46 -17.10 9.16
N GLY D 289 22.28 -16.25 8.57
CA GLY D 289 22.95 -16.56 7.31
C GLY D 289 24.02 -17.63 7.36
N PHE D 290 23.99 -18.51 6.37
CA PHE D 290 25.06 -19.51 6.15
C PHE D 290 25.15 -19.72 4.68
N THR D 291 26.36 -19.66 4.16
CA THR D 291 26.70 -20.07 2.82
C THR D 291 26.74 -21.61 2.97
N PRO D 292 26.70 -22.40 1.88
CA PRO D 292 26.79 -23.86 2.05
C PRO D 292 28.08 -24.30 2.73
N GLU D 293 29.19 -23.55 2.51
CA GLU D 293 30.51 -23.82 3.10
C GLU D 293 30.45 -23.64 4.62
N HIS D 294 29.84 -22.54 5.08
CA HIS D 294 29.68 -22.22 6.50
C HIS D 294 28.82 -23.28 7.17
N GLN D 295 27.67 -23.66 6.57
CA GLN D 295 26.82 -24.71 7.13
C GLN D 295 27.61 -26.05 7.23
N ARG D 296 28.36 -26.40 6.17
CA ARG D 296 29.19 -27.61 6.11
C ARG D 296 30.14 -27.64 7.32
N ASP D 297 30.82 -26.53 7.57
CA ASP D 297 31.81 -26.43 8.64
C ASP D 297 31.22 -26.33 10.04
N PHE D 298 30.07 -25.68 10.19
CA PHE D 298 29.39 -25.59 11.49
C PHE D 298 28.86 -26.99 11.89
N ILE D 299 28.30 -27.75 10.91
CA ILE D 299 27.82 -29.12 11.16
C ILE D 299 29.03 -30.01 11.54
N ALA D 300 30.12 -29.96 10.75
CA ALA D 300 31.30 -30.77 11.00
C ALA D 300 32.02 -30.43 12.30
N ARG D 301 32.14 -29.15 12.66
CA ARG D 301 32.91 -28.77 13.85
C ARG D 301 32.09 -28.62 15.12
N ASP D 302 30.83 -28.18 15.01
CA ASP D 302 30.06 -27.87 16.21
C ASP D 302 28.75 -28.61 16.38
N LEU D 303 27.82 -28.49 15.40
CA LEU D 303 26.49 -29.06 15.55
C LEU D 303 26.50 -30.57 15.68
N GLY D 304 27.12 -31.25 14.72
CA GLY D 304 27.23 -32.69 14.72
C GLY D 304 27.86 -33.24 15.98
N PRO D 305 29.12 -32.87 16.33
CA PRO D 305 29.72 -33.40 17.57
C PRO D 305 28.93 -33.09 18.83
N THR D 306 28.37 -31.86 18.97
CA THR D 306 27.57 -31.47 20.14
C THR D 306 26.36 -32.39 20.34
N LEU D 307 25.52 -32.58 19.29
CA LEU D 307 24.36 -33.46 19.32
C LEU D 307 24.75 -34.90 19.58
N ALA D 308 25.84 -35.38 18.94
CA ALA D 308 26.36 -36.77 19.11
C ALA D 308 26.87 -37.03 20.52
N ASN D 309 27.40 -36.00 21.20
CA ASN D 309 27.93 -36.12 22.56
C ASN D 309 26.85 -35.94 23.65
N SER D 310 25.64 -35.56 23.25
CA SER D 310 24.51 -35.32 24.15
C SER D 310 23.60 -36.54 24.26
N THR D 311 22.65 -36.48 25.22
CA THR D 311 21.63 -37.51 25.46
C THR D 311 20.57 -37.54 24.34
N HIS D 312 20.66 -36.58 23.38
CA HIS D 312 19.76 -36.47 22.22
C HIS D 312 20.47 -36.93 20.93
N HIS D 313 21.51 -37.77 21.07
CA HIS D 313 22.33 -38.29 19.96
C HIS D 313 21.51 -39.02 18.88
N ASN D 314 20.33 -39.53 19.24
CA ASN D 314 19.41 -40.22 18.32
C ASN D 314 18.58 -39.26 17.44
N VAL D 315 18.57 -37.96 17.77
CA VAL D 315 17.83 -36.96 16.98
C VAL D 315 18.55 -36.86 15.61
N ARG D 316 17.78 -36.95 14.50
CA ARG D 316 18.38 -36.84 13.16
C ARG D 316 18.70 -35.37 12.84
N LEU D 317 19.76 -35.14 12.06
CA LEU D 317 20.11 -33.79 11.65
C LEU D 317 19.85 -33.65 10.15
N LEU D 318 19.00 -32.69 9.77
CA LEU D 318 18.67 -32.40 8.38
C LEU D 318 19.36 -31.09 7.92
N MET D 319 19.97 -31.12 6.73
CA MET D 319 20.67 -29.97 6.15
C MET D 319 19.75 -29.20 5.18
N LEU D 320 20.23 -28.03 4.70
CA LEU D 320 19.56 -27.16 3.75
C LEU D 320 18.34 -26.47 4.38
N ASP D 321 17.16 -27.15 4.51
CA ASP D 321 15.92 -26.57 5.05
C ASP D 321 15.64 -25.25 4.31
N ASP D 322 15.82 -25.28 2.99
CA ASP D 322 15.66 -24.09 2.15
C ASP D 322 15.09 -24.52 0.80
N GLN D 323 14.79 -23.54 -0.06
CA GLN D 323 14.22 -23.76 -1.40
C GLN D 323 14.93 -24.88 -2.14
N ARG D 324 14.14 -25.82 -2.71
CA ARG D 324 14.70 -26.95 -3.44
C ARG D 324 15.54 -26.44 -4.61
N LEU D 325 15.27 -25.19 -5.06
CA LEU D 325 15.98 -24.56 -6.20
C LEU D 325 17.45 -24.30 -5.91
N LEU D 326 17.87 -24.45 -4.63
CA LEU D 326 19.27 -24.29 -4.21
C LEU D 326 20.06 -25.58 -4.42
N LEU D 327 19.34 -26.67 -4.75
CA LEU D 327 19.97 -27.98 -5.06
C LEU D 327 20.24 -28.08 -6.56
N PRO D 328 21.26 -28.87 -6.99
CA PRO D 328 22.13 -29.76 -6.18
C PRO D 328 23.32 -29.09 -5.50
N HIS D 329 23.62 -27.80 -5.85
CA HIS D 329 24.80 -27.09 -5.35
C HIS D 329 25.03 -27.21 -3.84
N TRP D 330 23.99 -26.90 -3.02
CA TRP D 330 24.08 -26.95 -1.57
C TRP D 330 24.50 -28.33 -1.04
N ALA D 331 23.88 -29.41 -1.54
CA ALA D 331 24.20 -30.80 -1.14
C ALA D 331 25.60 -31.20 -1.57
N LYS D 332 26.02 -30.76 -2.77
CA LYS D 332 27.38 -31.06 -3.23
C LYS D 332 28.44 -30.49 -2.26
N VAL D 333 28.25 -29.24 -1.77
CA VAL D 333 29.20 -28.57 -0.86
C VAL D 333 29.28 -29.26 0.52
N VAL D 334 28.14 -29.53 1.15
CA VAL D 334 28.09 -30.13 2.48
C VAL D 334 28.44 -31.63 2.48
N LEU D 335 27.77 -32.40 1.62
CA LEU D 335 27.90 -33.85 1.63
C LEU D 335 29.24 -34.38 1.07
N THR D 336 30.03 -33.55 0.35
CA THR D 336 31.35 -34.02 -0.13
C THR D 336 32.40 -33.97 1.00
N ASP D 337 32.13 -33.25 2.09
CA ASP D 337 33.03 -33.17 3.26
C ASP D 337 32.70 -34.39 4.13
N PRO D 338 33.65 -35.34 4.36
CA PRO D 338 33.31 -36.53 5.17
C PRO D 338 32.91 -36.23 6.61
N GLU D 339 33.55 -35.21 7.25
CA GLU D 339 33.25 -34.80 8.63
C GLU D 339 31.81 -34.27 8.75
N ALA D 340 31.32 -33.55 7.73
CA ALA D 340 29.93 -33.06 7.71
C ALA D 340 28.98 -34.21 7.37
N ALA D 341 29.30 -35.01 6.33
CA ALA D 341 28.50 -36.15 5.86
C ALA D 341 28.14 -37.16 6.95
N LYS D 342 29.09 -37.45 7.90
CA LYS D 342 28.85 -38.40 8.98
C LYS D 342 27.74 -37.96 9.97
N TYR D 343 27.43 -36.64 10.05
CA TYR D 343 26.39 -36.14 10.95
C TYR D 343 25.05 -35.85 10.27
N VAL D 344 25.05 -35.62 8.95
CA VAL D 344 23.82 -35.30 8.19
C VAL D 344 23.01 -36.56 7.83
N HIS D 345 21.79 -36.65 8.35
CA HIS D 345 20.88 -37.76 8.06
C HIS D 345 20.11 -37.55 6.73
N GLY D 346 19.74 -36.32 6.44
CA GLY D 346 18.95 -36.01 5.25
C GLY D 346 18.99 -34.56 4.83
N ILE D 347 18.35 -34.26 3.69
CA ILE D 347 18.28 -32.91 3.10
C ILE D 347 16.82 -32.45 3.17
N ALA D 348 16.56 -31.39 3.96
CA ALA D 348 15.22 -30.83 4.10
C ALA D 348 15.04 -29.76 3.00
N VAL D 349 13.95 -29.86 2.23
CA VAL D 349 13.73 -28.87 1.16
C VAL D 349 12.44 -28.08 1.45
N HIS D 350 12.37 -26.86 0.92
CA HIS D 350 11.19 -26.01 0.97
C HIS D 350 10.61 -25.95 -0.40
N TRP D 351 9.29 -25.71 -0.49
CA TRP D 351 8.58 -25.70 -1.74
C TRP D 351 7.62 -24.50 -1.83
N TYR D 352 8.00 -23.47 -2.58
CA TYR D 352 7.08 -22.34 -2.80
C TYR D 352 6.38 -22.66 -4.11
N LEU D 353 5.06 -22.84 -4.04
CA LEU D 353 4.27 -23.46 -5.09
C LEU D 353 4.07 -22.66 -6.37
N ASP D 354 4.36 -21.34 -6.39
CA ASP D 354 4.23 -20.62 -7.66
C ASP D 354 5.39 -20.89 -8.66
N PHE D 355 6.55 -21.38 -8.18
CA PHE D 355 7.68 -21.63 -9.09
C PHE D 355 7.44 -22.83 -10.00
N LEU D 356 7.55 -22.59 -11.31
CA LEU D 356 7.41 -23.61 -12.36
C LEU D 356 8.84 -24.00 -12.79
N ALA D 357 9.35 -25.15 -12.28
CA ALA D 357 10.70 -25.64 -12.57
C ALA D 357 10.73 -27.19 -12.64
N PRO D 358 11.64 -27.83 -13.44
CA PRO D 358 11.63 -29.31 -13.50
C PRO D 358 12.31 -29.94 -12.28
N ALA D 359 11.55 -30.77 -11.54
CA ALA D 359 12.05 -31.44 -10.33
C ALA D 359 13.28 -32.33 -10.58
N LYS D 360 13.46 -32.82 -11.83
CA LYS D 360 14.60 -33.62 -12.26
C LYS D 360 15.92 -32.85 -12.04
N ALA D 361 15.90 -31.51 -12.24
CA ALA D 361 17.08 -30.68 -12.10
C ALA D 361 17.54 -30.49 -10.66
N THR D 362 16.62 -30.62 -9.69
CA THR D 362 16.92 -30.36 -8.28
C THR D 362 16.87 -31.65 -7.46
N LEU D 363 15.67 -32.20 -7.28
CA LEU D 363 15.50 -33.44 -6.50
C LEU D 363 16.13 -34.62 -7.21
N GLY D 364 15.91 -34.71 -8.52
CA GLY D 364 16.42 -35.79 -9.37
C GLY D 364 17.93 -35.87 -9.36
N GLU D 365 18.60 -34.75 -9.62
CA GLU D 365 20.06 -34.69 -9.64
C GLU D 365 20.68 -34.93 -8.27
N THR D 366 20.04 -34.40 -7.19
CA THR D 366 20.51 -34.59 -5.82
C THR D 366 20.45 -36.08 -5.45
N HIS D 367 19.34 -36.75 -5.77
CA HIS D 367 19.22 -38.19 -5.51
C HIS D 367 20.24 -39.00 -6.32
N ARG D 368 20.56 -38.59 -7.57
CA ARG D 368 21.51 -39.26 -8.45
C ARG D 368 22.93 -39.21 -7.86
N LEU D 369 23.27 -38.08 -7.24
CA LEU D 369 24.57 -37.82 -6.62
C LEU D 369 24.68 -38.39 -5.21
N PHE D 370 23.59 -38.37 -4.42
CA PHE D 370 23.60 -38.84 -3.03
C PHE D 370 22.38 -39.72 -2.78
N PRO D 371 22.32 -40.92 -3.39
CA PRO D 371 21.12 -41.78 -3.21
C PRO D 371 20.88 -42.28 -1.80
N ASN D 372 21.91 -42.28 -0.94
CA ASN D 372 21.75 -42.77 0.43
C ASN D 372 21.44 -41.66 1.41
N THR D 373 21.20 -40.43 0.92
CA THR D 373 20.83 -39.31 1.77
C THR D 373 19.39 -38.95 1.44
N MET D 374 18.48 -39.25 2.37
CA MET D 374 17.06 -38.97 2.16
C MET D 374 16.75 -37.51 1.88
N LEU D 375 15.74 -37.27 1.03
CA LEU D 375 15.20 -35.94 0.75
C LEU D 375 13.84 -35.87 1.45
N PHE D 376 13.57 -34.75 2.13
CA PHE D 376 12.35 -34.57 2.92
C PHE D 376 11.86 -33.16 2.74
N ALA D 377 10.57 -32.95 2.39
CA ALA D 377 10.04 -31.61 2.23
C ALA D 377 9.57 -31.11 3.62
N SER D 378 10.33 -30.16 4.20
CA SER D 378 10.10 -29.64 5.54
C SER D 378 9.14 -28.43 5.62
N GLU D 379 8.87 -27.80 4.48
CA GLU D 379 7.97 -26.65 4.49
C GLU D 379 7.49 -26.42 3.07
N ALA D 380 6.19 -26.22 2.91
CA ALA D 380 5.62 -25.91 1.63
C ALA D 380 4.51 -24.93 1.86
N CYS D 381 4.33 -23.99 0.93
CA CYS D 381 3.24 -23.02 1.00
C CYS D 381 3.06 -22.36 -0.36
N VAL D 382 1.92 -21.70 -0.55
CA VAL D 382 1.60 -21.01 -1.80
C VAL D 382 2.51 -19.80 -2.01
N GLY D 383 2.55 -19.28 -3.24
CA GLY D 383 3.30 -18.07 -3.55
C GLY D 383 4.75 -18.30 -3.94
N SER D 384 5.53 -17.20 -3.93
CA SER D 384 6.91 -17.18 -4.43
C SER D 384 7.96 -16.70 -3.40
N LYS D 385 7.65 -16.81 -2.10
CA LYS D 385 8.51 -16.44 -0.96
C LYS D 385 8.77 -14.94 -0.80
N PHE D 386 9.29 -14.29 -1.83
CA PHE D 386 9.75 -12.89 -1.74
C PHE D 386 8.73 -11.83 -2.08
N TRP D 387 7.58 -12.22 -2.63
CA TRP D 387 6.58 -11.25 -3.03
C TRP D 387 5.31 -11.43 -2.19
N GLU D 388 4.19 -10.84 -2.59
CA GLU D 388 3.03 -10.92 -1.69
C GLU D 388 1.89 -11.75 -2.22
N GLN D 389 1.07 -12.31 -1.28
CA GLN D 389 -0.13 -13.16 -1.52
C GLN D 389 -1.21 -12.82 -0.56
N SER D 390 -2.41 -13.34 -0.84
CA SER D 390 -3.61 -13.21 -0.03
C SER D 390 -4.30 -14.56 0.08
N VAL D 391 -5.14 -14.74 1.11
CA VAL D 391 -5.95 -15.95 1.34
C VAL D 391 -7.03 -15.96 0.24
N ARG D 392 -7.33 -17.15 -0.33
CA ARG D 392 -8.39 -17.30 -1.34
C ARG D 392 -9.26 -18.42 -0.80
N LEU D 393 -10.25 -18.05 0.03
CA LEU D 393 -11.11 -19.02 0.68
C LEU D 393 -11.85 -19.88 -0.32
N GLY D 394 -11.56 -21.17 -0.30
CA GLY D 394 -12.20 -22.11 -1.22
C GLY D 394 -11.47 -22.34 -2.52
N SER D 395 -10.24 -21.80 -2.67
CA SER D 395 -9.44 -22.01 -3.87
C SER D 395 -9.14 -23.48 -4.24
N TRP D 396 -9.74 -23.95 -5.33
CA TRP D 396 -9.44 -25.30 -5.83
C TRP D 396 -8.05 -25.32 -6.45
N ASP D 397 -7.65 -24.19 -7.06
CA ASP D 397 -6.31 -24.05 -7.65
C ASP D 397 -5.21 -24.29 -6.61
N ARG D 398 -5.36 -23.75 -5.43
CA ARG D 398 -4.37 -23.96 -4.37
C ARG D 398 -4.36 -25.40 -3.85
N GLY D 399 -5.55 -26.03 -3.83
CA GLY D 399 -5.66 -27.44 -3.51
C GLY D 399 -4.86 -28.24 -4.53
N MET D 400 -5.10 -28.00 -5.83
CA MET D 400 -4.38 -28.69 -6.90
C MET D 400 -2.87 -28.45 -6.83
N GLN D 401 -2.41 -27.25 -6.37
CA GLN D 401 -0.98 -26.98 -6.23
C GLN D 401 -0.37 -27.90 -5.21
N TYR D 402 -1.06 -28.11 -4.08
CA TYR D 402 -0.61 -29.00 -3.00
C TYR D 402 -0.47 -30.44 -3.45
N SER D 403 -1.52 -30.99 -4.04
CA SER D 403 -1.49 -32.37 -4.47
C SER D 403 -0.51 -32.59 -5.61
N HIS D 404 -0.44 -31.64 -6.57
CA HIS D 404 0.52 -31.74 -7.68
C HIS D 404 1.97 -31.76 -7.13
N SER D 405 2.23 -30.93 -6.10
CA SER D 405 3.52 -30.85 -5.44
C SER D 405 3.87 -32.14 -4.69
N ILE D 406 2.92 -32.66 -3.91
CA ILE D 406 3.15 -33.92 -3.19
C ILE D 406 3.50 -35.04 -4.19
N ILE D 407 2.77 -35.13 -5.32
CA ILE D 407 3.02 -36.16 -6.35
C ILE D 407 4.42 -36.00 -6.93
N THR D 408 4.81 -34.75 -7.23
CA THR D 408 6.12 -34.45 -7.80
C THR D 408 7.21 -34.88 -6.82
N ASN D 409 7.07 -34.53 -5.53
CA ASN D 409 8.00 -34.93 -4.48
C ASN D 409 8.17 -36.45 -4.37
N LEU D 410 7.04 -37.19 -4.27
CA LEU D 410 7.03 -38.64 -4.15
C LEU D 410 7.63 -39.32 -5.38
N LEU D 411 7.37 -38.76 -6.60
CA LEU D 411 7.94 -39.26 -7.85
C LEU D 411 9.45 -38.97 -7.96
N TYR D 412 9.97 -38.09 -7.10
CA TYR D 412 11.38 -37.69 -7.08
C TYR D 412 12.04 -37.95 -5.73
N HIS D 413 11.75 -39.14 -5.16
CA HIS D 413 12.38 -39.77 -4.01
C HIS D 413 12.19 -39.09 -2.65
N VAL D 414 11.31 -38.09 -2.54
CA VAL D 414 11.07 -37.39 -1.26
C VAL D 414 10.27 -38.29 -0.33
N VAL D 415 10.72 -38.37 0.94
CA VAL D 415 10.16 -39.31 1.95
C VAL D 415 9.01 -38.69 2.79
N GLY D 416 8.87 -37.38 2.77
CA GLY D 416 7.80 -36.76 3.53
C GLY D 416 7.51 -35.36 3.05
N TRP D 417 6.37 -34.83 3.44
CA TRP D 417 5.93 -33.50 3.01
C TRP D 417 5.28 -32.81 4.21
N THR D 418 5.81 -31.63 4.57
CA THR D 418 5.37 -30.83 5.71
C THR D 418 4.85 -29.51 5.20
N ASP D 419 3.61 -29.22 5.54
CA ASP D 419 2.97 -27.96 5.18
C ASP D 419 3.53 -26.88 6.12
N TRP D 420 3.30 -25.60 5.80
CA TRP D 420 3.72 -24.52 6.69
C TRP D 420 2.66 -24.38 7.84
N ASN D 421 2.21 -23.16 8.21
CA ASN D 421 1.24 -22.97 9.31
C ASN D 421 0.01 -23.88 9.29
N LEU D 422 -0.25 -24.61 10.38
CA LEU D 422 -1.42 -25.48 10.51
C LEU D 422 -2.76 -24.70 10.42
N ALA D 423 -2.77 -23.42 10.85
CA ALA D 423 -4.00 -22.61 10.80
C ALA D 423 -3.64 -21.16 10.79
N LEU D 424 -4.36 -20.37 9.99
CA LEU D 424 -4.18 -18.92 9.92
C LEU D 424 -5.50 -18.20 10.04
N ASN D 425 -5.49 -16.88 10.31
CA ASN D 425 -6.74 -16.12 10.39
C ASN D 425 -7.16 -15.76 8.92
N PRO D 426 -8.29 -15.08 8.64
CA PRO D 426 -8.67 -14.80 7.24
C PRO D 426 -7.74 -13.89 6.45
N GLU D 427 -6.87 -13.11 7.11
CA GLU D 427 -5.87 -12.27 6.42
C GLU D 427 -4.59 -13.07 6.11
N GLY D 428 -4.48 -14.30 6.64
CA GLY D 428 -3.29 -15.12 6.45
C GLY D 428 -2.20 -14.80 7.43
N GLY D 429 -2.63 -14.45 8.63
CA GLY D 429 -1.79 -14.08 9.76
C GLY D 429 -2.19 -14.74 11.08
N PRO D 430 -1.68 -14.23 12.23
CA PRO D 430 -0.87 -13.01 12.34
C PRO D 430 0.58 -13.19 11.92
N ASN D 431 1.22 -12.09 11.53
CA ASN D 431 2.60 -12.13 11.06
C ASN D 431 3.17 -10.72 11.33
N TRP D 432 4.28 -10.60 12.07
CA TRP D 432 4.80 -9.29 12.53
C TRP D 432 5.42 -8.42 11.42
N VAL D 433 5.61 -8.99 10.20
CA VAL D 433 6.14 -8.26 9.05
C VAL D 433 5.15 -8.28 7.87
N ARG D 434 3.88 -8.63 8.15
CA ARG D 434 2.76 -8.68 7.15
C ARG D 434 3.07 -9.62 5.98
N ASN D 435 3.84 -10.69 6.24
CA ASN D 435 4.23 -11.65 5.20
C ASN D 435 3.17 -12.77 5.13
N PHE D 436 1.92 -12.37 4.85
CA PHE D 436 0.76 -13.25 4.81
C PHE D 436 0.82 -14.31 3.73
N VAL D 437 0.21 -15.45 4.02
CA VAL D 437 0.15 -16.60 3.13
C VAL D 437 -1.10 -17.42 3.43
N ASP D 438 -1.47 -18.35 2.56
CA ASP D 438 -2.67 -19.15 2.80
C ASP D 438 -2.31 -20.36 3.65
N SER D 439 -3.31 -20.99 4.27
CA SER D 439 -3.17 -22.17 5.11
C SER D 439 -4.38 -23.09 4.85
N PRO D 440 -4.24 -24.44 5.01
CA PRO D 440 -5.38 -25.35 4.77
C PRO D 440 -6.59 -25.09 5.69
N ILE D 441 -6.35 -24.55 6.89
CA ILE D 441 -7.44 -24.22 7.83
C ILE D 441 -7.40 -22.72 8.13
N ILE D 442 -8.54 -22.05 7.92
CA ILE D 442 -8.67 -20.61 8.21
C ILE D 442 -9.63 -20.46 9.40
N VAL D 443 -9.16 -19.81 10.49
CA VAL D 443 -9.97 -19.61 11.70
C VAL D 443 -10.61 -18.21 11.71
N ASP D 444 -11.93 -18.15 11.99
CA ASP D 444 -12.71 -16.92 12.12
C ASP D 444 -13.18 -16.81 13.58
N ILE D 445 -12.36 -16.17 14.41
CA ILE D 445 -12.59 -15.97 15.85
C ILE D 445 -14.03 -15.45 16.19
N THR D 446 -14.51 -14.44 15.42
CA THR D 446 -15.80 -13.74 15.61
C THR D 446 -17.03 -14.65 15.45
N LYS D 447 -16.88 -15.79 14.76
CA LYS D 447 -17.97 -16.74 14.56
C LYS D 447 -17.65 -18.06 15.28
N ASP D 448 -16.51 -18.12 16.04
CA ASP D 448 -15.99 -19.35 16.66
C ASP D 448 -16.06 -20.50 15.62
N THR D 449 -15.60 -20.19 14.39
CA THR D 449 -15.65 -21.12 13.28
C THR D 449 -14.27 -21.25 12.64
N PHE D 450 -14.07 -22.36 11.93
CA PHE D 450 -12.87 -22.60 11.15
C PHE D 450 -13.30 -23.22 9.82
N TYR D 451 -12.57 -22.87 8.75
CA TYR D 451 -12.87 -23.32 7.40
C TYR D 451 -11.81 -24.24 6.88
N LYS D 452 -12.24 -25.38 6.38
CA LYS D 452 -11.30 -26.34 5.82
C LYS D 452 -11.27 -26.13 4.33
N GLN D 453 -10.10 -25.73 3.84
CA GLN D 453 -9.89 -25.37 2.45
C GLN D 453 -9.67 -26.58 1.57
N PRO D 454 -9.83 -26.44 0.23
CA PRO D 454 -9.42 -27.54 -0.68
C PRO D 454 -7.99 -28.04 -0.41
N MET D 455 -7.04 -27.17 0.02
CA MET D 455 -5.66 -27.61 0.35
C MET D 455 -5.70 -28.69 1.43
N PHE D 456 -6.57 -28.55 2.44
CA PHE D 456 -6.71 -29.54 3.54
C PHE D 456 -7.01 -30.93 2.97
N TYR D 457 -7.98 -30.99 2.05
CA TYR D 457 -8.43 -32.24 1.43
C TYR D 457 -7.42 -32.78 0.42
N HIS D 458 -6.77 -31.91 -0.34
CA HIS D 458 -5.72 -32.38 -1.27
C HIS D 458 -4.55 -33.02 -0.49
N LEU D 459 -4.18 -32.44 0.67
CA LEU D 459 -3.17 -32.97 1.58
C LEU D 459 -3.67 -34.33 2.16
N GLY D 460 -4.93 -34.35 2.60
CA GLY D 460 -5.56 -35.53 3.18
C GLY D 460 -5.62 -36.74 2.28
N HIS D 461 -5.74 -36.53 0.95
CA HIS D 461 -5.74 -37.63 -0.04
C HIS D 461 -4.42 -38.45 0.02
N PHE D 462 -3.38 -37.84 0.62
CA PHE D 462 -2.09 -38.48 0.83
C PHE D 462 -1.92 -38.89 2.26
N SER D 463 -1.97 -37.91 3.18
CA SER D 463 -1.72 -38.14 4.60
C SER D 463 -2.60 -39.22 5.23
N LYS D 464 -3.89 -39.26 4.90
CA LYS D 464 -4.79 -40.24 5.52
C LYS D 464 -4.54 -41.69 5.05
N PHE D 465 -4.03 -41.84 3.82
CA PHE D 465 -3.90 -43.13 3.16
C PHE D 465 -2.46 -43.65 2.99
N ILE D 466 -1.45 -42.85 3.36
CA ILE D 466 -0.05 -43.25 3.20
C ILE D 466 0.66 -43.29 4.58
N PRO D 467 0.57 -44.41 5.30
CA PRO D 467 1.23 -44.47 6.62
C PRO D 467 2.75 -44.52 6.51
N GLU D 468 3.43 -44.17 7.61
CA GLU D 468 4.87 -44.23 7.70
C GLU D 468 5.34 -45.68 7.40
N GLY D 469 6.37 -45.81 6.57
CA GLY D 469 6.86 -47.13 6.18
C GLY D 469 6.33 -47.60 4.84
N SER D 470 5.37 -46.87 4.25
CA SER D 470 4.84 -47.19 2.92
C SER D 470 5.95 -46.96 1.90
N GLN D 471 5.93 -47.69 0.79
CA GLN D 471 6.99 -47.52 -0.18
C GLN D 471 6.47 -47.15 -1.54
N ARG D 472 7.06 -46.12 -2.18
CA ARG D 472 6.64 -45.80 -3.55
C ARG D 472 7.05 -46.95 -4.47
N VAL D 473 6.14 -47.31 -5.37
CA VAL D 473 6.38 -48.35 -6.35
C VAL D 473 6.16 -47.81 -7.75
N GLY D 474 6.59 -48.56 -8.76
CA GLY D 474 6.45 -48.12 -10.14
C GLY D 474 5.01 -48.06 -10.58
N LEU D 475 4.69 -47.11 -11.47
CA LEU D 475 3.37 -46.94 -12.05
C LEU D 475 3.61 -46.36 -13.44
N VAL D 476 3.24 -47.10 -14.48
CA VAL D 476 3.50 -46.75 -15.87
C VAL D 476 2.22 -46.44 -16.66
N ALA D 477 2.23 -45.38 -17.46
CA ALA D 477 1.09 -45.02 -18.30
C ALA D 477 1.28 -45.62 -19.70
N SER D 478 0.19 -46.14 -20.30
CA SER D 478 0.18 -46.76 -21.63
C SER D 478 0.33 -45.73 -22.76
N GLN D 479 -0.18 -44.50 -22.53
CA GLN D 479 -0.16 -43.38 -23.49
C GLN D 479 -0.02 -42.08 -22.74
N LYS D 480 0.55 -41.02 -23.39
CA LYS D 480 0.76 -39.69 -22.82
C LYS D 480 -0.56 -39.12 -22.31
N ASN D 481 -0.54 -38.55 -21.10
CA ASN D 481 -1.79 -38.08 -20.48
C ASN D 481 -1.66 -36.82 -19.64
N ASP D 482 -2.82 -36.22 -19.30
CA ASP D 482 -2.96 -34.99 -18.49
C ASP D 482 -3.07 -35.23 -16.98
N LEU D 483 -2.93 -36.49 -16.54
CA LEU D 483 -3.05 -36.86 -15.12
C LEU D 483 -1.73 -36.88 -14.37
N ASP D 484 -1.80 -36.62 -13.06
CA ASP D 484 -0.68 -36.70 -12.12
C ASP D 484 -1.03 -37.91 -11.26
N ALA D 485 -0.15 -38.91 -11.22
CA ALA D 485 -0.40 -40.16 -10.49
C ALA D 485 0.83 -40.70 -9.79
N VAL D 486 0.60 -41.36 -8.64
CA VAL D 486 1.64 -42.03 -7.83
C VAL D 486 1.05 -43.28 -7.17
N ALA D 487 1.81 -44.36 -7.17
CA ALA D 487 1.43 -45.62 -6.57
C ALA D 487 2.39 -45.90 -5.44
N LEU D 488 1.86 -46.40 -4.31
CA LEU D 488 2.65 -46.78 -3.13
C LEU D 488 2.10 -48.09 -2.58
N MET D 489 2.93 -48.77 -1.79
CA MET D 489 2.55 -50.03 -1.15
C MET D 489 2.63 -49.81 0.35
N HIS D 490 1.53 -50.10 1.03
CA HIS D 490 1.46 -50.01 2.48
C HIS D 490 2.40 -51.04 3.09
N PRO D 491 2.88 -50.83 4.34
CA PRO D 491 3.75 -51.84 4.98
C PRO D 491 3.18 -53.26 4.98
N ASP D 492 1.83 -53.39 4.93
CA ASP D 492 1.13 -54.68 4.88
C ASP D 492 0.98 -55.25 3.45
N GLY D 493 1.51 -54.55 2.45
CA GLY D 493 1.42 -55.00 1.07
C GLY D 493 0.27 -54.46 0.22
N SER D 494 -0.70 -53.78 0.85
CA SER D 494 -1.85 -53.20 0.15
C SER D 494 -1.41 -52.04 -0.73
N ALA D 495 -2.17 -51.78 -1.80
CA ALA D 495 -1.87 -50.72 -2.73
C ALA D 495 -2.66 -49.45 -2.45
N VAL D 496 -2.00 -48.31 -2.71
CA VAL D 496 -2.59 -46.98 -2.65
C VAL D 496 -2.14 -46.24 -3.91
N VAL D 497 -3.11 -45.77 -4.70
CA VAL D 497 -2.83 -44.99 -5.90
C VAL D 497 -3.55 -43.63 -5.81
N VAL D 498 -2.81 -42.50 -5.86
CA VAL D 498 -3.41 -41.16 -5.86
C VAL D 498 -3.41 -40.66 -7.31
N VAL D 499 -4.59 -40.25 -7.83
CA VAL D 499 -4.77 -39.73 -9.21
C VAL D 499 -5.33 -38.30 -9.14
N LEU D 500 -4.60 -37.32 -9.68
CA LEU D 500 -5.02 -35.92 -9.71
C LEU D 500 -5.26 -35.52 -11.16
N ASN D 501 -6.43 -34.93 -11.43
CA ASN D 501 -6.79 -34.44 -12.77
C ASN D 501 -6.86 -32.92 -12.73
N ARG D 502 -5.83 -32.26 -13.26
CA ARG D 502 -5.74 -30.79 -13.32
C ARG D 502 -6.46 -30.19 -14.54
N SER D 503 -6.82 -31.05 -15.54
CA SER D 503 -7.55 -30.63 -16.75
C SER D 503 -9.06 -30.54 -16.49
N SER D 504 -9.80 -29.88 -17.42
CA SER D 504 -11.25 -29.71 -17.31
C SER D 504 -12.03 -30.92 -17.81
N LYS D 505 -11.34 -31.84 -18.51
CA LYS D 505 -11.94 -33.02 -19.12
C LYS D 505 -11.86 -34.28 -18.26
N ASP D 506 -12.94 -35.09 -18.34
CA ASP D 506 -13.09 -36.37 -17.66
C ASP D 506 -12.18 -37.35 -18.37
N VAL D 507 -11.29 -38.00 -17.62
CA VAL D 507 -10.37 -38.95 -18.20
C VAL D 507 -10.70 -40.41 -17.76
N PRO D 508 -11.25 -41.26 -18.65
CA PRO D 508 -11.46 -42.67 -18.28
C PRO D 508 -10.08 -43.34 -18.20
N LEU D 509 -9.90 -44.27 -17.26
CA LEU D 509 -8.61 -44.93 -17.09
C LEU D 509 -8.76 -46.30 -16.45
N THR D 510 -7.74 -47.13 -16.58
CA THR D 510 -7.75 -48.44 -15.99
C THR D 510 -6.44 -48.57 -15.21
N ILE D 511 -6.51 -49.13 -14.00
CA ILE D 511 -5.32 -49.37 -13.20
C ILE D 511 -5.09 -50.89 -13.19
N LYS D 512 -3.96 -51.34 -13.75
CA LYS D 512 -3.64 -52.75 -13.78
C LYS D 512 -2.75 -53.15 -12.63
N ASP D 513 -3.20 -54.14 -11.83
CA ASP D 513 -2.40 -54.73 -10.76
C ASP D 513 -2.26 -56.20 -11.16
N PRO D 514 -1.02 -56.67 -11.49
CA PRO D 514 -0.85 -58.07 -11.94
C PRO D 514 -1.29 -59.15 -10.96
N ALA D 515 -1.39 -58.82 -9.66
CA ALA D 515 -1.81 -59.75 -8.62
C ALA D 515 -3.34 -59.85 -8.45
N VAL D 516 -4.11 -58.79 -8.78
CA VAL D 516 -5.56 -58.80 -8.52
C VAL D 516 -6.43 -58.68 -9.80
N GLY D 517 -5.97 -57.91 -10.79
CA GLY D 517 -6.74 -57.70 -12.02
C GLY D 517 -6.76 -56.24 -12.43
N PHE D 518 -7.89 -55.76 -12.96
CA PHE D 518 -8.01 -54.36 -13.43
C PHE D 518 -9.06 -53.55 -12.69
N LEU D 519 -8.74 -52.29 -12.45
CA LEU D 519 -9.60 -51.31 -11.80
C LEU D 519 -10.10 -50.36 -12.91
N GLU D 520 -11.39 -50.47 -13.26
CA GLU D 520 -12.04 -49.65 -14.30
C GLU D 520 -12.59 -48.41 -13.64
N THR D 521 -12.12 -47.23 -14.04
CA THR D 521 -12.58 -45.98 -13.43
C THR D 521 -12.55 -44.79 -14.39
N ILE D 522 -13.04 -43.62 -13.91
CA ILE D 522 -13.04 -42.34 -14.60
C ILE D 522 -12.51 -41.32 -13.60
N SER D 523 -11.54 -40.50 -14.02
CA SER D 523 -10.96 -39.41 -13.25
C SER D 523 -11.65 -38.12 -13.76
N PRO D 524 -12.71 -37.58 -13.08
CA PRO D 524 -13.36 -36.35 -13.59
C PRO D 524 -12.44 -35.15 -13.64
N GLY D 525 -12.75 -34.18 -14.49
CA GLY D 525 -11.98 -32.95 -14.57
C GLY D 525 -11.94 -32.27 -13.22
N TYR D 526 -10.79 -31.68 -12.85
CA TYR D 526 -10.59 -31.01 -11.56
C TYR D 526 -11.08 -31.93 -10.40
N SER D 527 -10.48 -33.13 -10.35
CA SER D 527 -10.76 -34.08 -9.29
C SER D 527 -9.44 -34.63 -8.78
N ILE D 528 -9.49 -35.12 -7.56
CA ILE D 528 -8.40 -35.86 -6.93
C ILE D 528 -9.01 -37.13 -6.37
N HIS D 529 -8.43 -38.29 -6.69
CA HIS D 529 -8.91 -39.57 -6.17
C HIS D 529 -7.78 -40.30 -5.47
N THR D 530 -8.14 -41.03 -4.43
CA THR D 530 -7.24 -41.96 -3.77
C THR D 530 -7.91 -43.34 -3.89
N TYR D 531 -7.20 -44.30 -4.51
CA TYR D 531 -7.63 -45.69 -4.65
C TYR D 531 -6.90 -46.56 -3.68
N LEU D 532 -7.63 -47.49 -3.07
CA LEU D 532 -7.09 -48.41 -2.09
C LEU D 532 -7.57 -49.78 -2.43
N TRP D 533 -6.70 -50.79 -2.32
CA TRP D 533 -7.09 -52.19 -2.51
C TRP D 533 -6.08 -53.16 -1.93
N HIS D 534 -6.60 -54.28 -1.41
CA HIS D 534 -5.81 -55.41 -0.92
C HIS D 534 -5.22 -56.13 -2.10
N ARG D 535 -3.97 -56.58 -1.98
CA ARG D 535 -3.28 -57.32 -3.07
C ARG D 535 -3.34 -58.82 -2.87
N GLN D 536 -3.63 -59.24 -1.63
CA GLN D 536 -3.79 -60.63 -1.20
C GLN D 536 -4.80 -60.72 -0.03
C1 NAG E . 19.86 23.60 -10.94
C2 NAG E . 19.55 24.74 -9.98
C3 NAG E . 20.75 25.69 -10.01
C4 NAG E . 22.03 24.93 -9.62
C5 NAG E . 22.22 23.73 -10.55
C6 NAG E . 23.38 22.85 -10.17
C7 NAG E . 17.21 25.40 -9.59
C8 NAG E . 16.06 26.20 -10.10
N2 NAG E . 18.33 25.42 -10.34
O3 NAG E . 20.51 26.76 -9.10
O4 NAG E . 23.16 25.79 -9.72
O5 NAG E . 21.04 22.91 -10.52
O6 NAG E . 23.33 22.49 -8.79
O7 NAG E . 17.15 24.77 -8.54
C1 NAG E . 23.79 26.27 -8.52
C2 NAG E . 25.20 26.72 -8.89
C3 NAG E . 25.87 27.41 -7.70
C4 NAG E . 25.00 28.53 -7.15
C5 NAG E . 23.61 27.97 -6.80
C6 NAG E . 22.64 29.04 -6.35
C7 NAG E . 26.42 25.42 -10.62
C8 NAG E . 27.31 24.24 -10.85
N2 NAG E . 26.00 25.60 -9.35
O3 NAG E . 27.14 27.91 -8.12
O4 NAG E . 25.60 29.12 -6.00
O5 NAG E . 23.03 27.34 -7.95
O6 NAG E . 22.33 29.96 -7.39
O7 NAG E . 26.09 26.18 -11.53
S SO4 F . 21.85 0.53 0.11
O1 SO4 F . 21.97 1.88 0.61
O2 SO4 F . 20.64 0.43 -0.63
O3 SO4 F . 22.97 0.27 -0.77
O4 SO4 F . 21.89 -0.42 1.19
S SO4 G . 18.74 -7.78 -35.90
O1 SO4 G . 18.58 -6.38 -36.22
O2 SO4 G . 17.49 -8.36 -35.43
O3 SO4 G . 19.14 -8.52 -37.10
O4 SO4 G . 19.78 -7.92 -34.89
S SO4 H . 33.39 3.67 0.46
O1 SO4 H . 34.02 4.97 0.74
O2 SO4 H . 32.09 3.92 -0.15
O3 SO4 H . 34.24 2.84 -0.39
O4 SO4 H . 33.20 2.97 1.75
S SO4 I . 13.71 -30.25 -20.07
O1 SO4 I . 13.21 -29.77 -18.78
O2 SO4 I . 12.85 -29.78 -21.16
O3 SO4 I . 13.70 -31.71 -20.08
O4 SO4 I . 15.07 -29.73 -20.26
C TRS J . 6.32 -6.95 -13.60
C1 TRS J . 6.90 -5.54 -13.80
C2 TRS J . 4.80 -6.96 -13.88
C3 TRS J . 6.60 -7.48 -12.20
N TRS J . 6.99 -7.88 -14.57
O1 TRS J . 6.50 -4.61 -12.80
O2 TRS J . 4.50 -6.57 -15.22
O3 TRS J . 6.51 -8.91 -12.14
C1 EDO K . 53.83 -8.26 -25.67
O1 EDO K . 54.55 -7.57 -24.66
C2 EDO K . 52.31 -8.17 -25.42
O2 EDO K . 51.90 -9.13 -24.45
C1 EDO L . 28.59 11.71 -16.47
O1 EDO L . 27.23 12.15 -16.70
C2 EDO L . 29.34 12.57 -15.45
O2 EDO L . 29.15 11.98 -14.18
C1 EDO M . 18.84 -2.02 -1.11
O1 EDO M . 18.59 -2.76 -2.30
C2 EDO M . 19.79 -2.76 -0.14
O2 EDO M . 19.03 -3.45 0.85
C1 NAG N . 26.96 3.08 16.61
C2 NAG N . 27.78 2.26 15.62
C3 NAG N . 29.19 2.84 15.77
C4 NAG N . 29.18 4.32 15.37
C5 NAG N . 28.23 5.13 16.26
C6 NAG N . 27.98 6.55 15.74
C7 NAG N . 27.83 0.14 16.98
C8 NAG N . 27.40 -1.29 16.94
N2 NAG N . 27.78 0.80 15.80
O3 NAG N . 30.12 2.13 14.96
O4 NAG N . 30.50 4.86 15.41
O5 NAG N . 26.94 4.50 16.37
O6 NAG N . 27.30 6.56 14.48
O7 NAG N . 28.20 0.67 18.02
C1 GOL O . 15.47 20.56 33.11
O1 GOL O . 15.16 19.25 33.56
C2 GOL O . 16.90 20.92 33.43
O2 GOL O . 17.78 19.93 32.89
C3 GOL O . 17.27 22.29 32.92
O3 GOL O . 18.65 22.54 33.11
S SO4 P . 11.25 18.87 4.94
O1 SO4 P . 11.40 19.86 5.99
O2 SO4 P . 10.82 19.57 3.72
O3 SO4 P . 12.54 18.23 4.64
O4 SO4 P . 10.29 17.86 5.28
S SO4 Q . -5.24 15.57 37.79
O1 SO4 Q . -4.67 16.77 37.18
O2 SO4 Q . -5.86 15.87 39.07
O3 SO4 Q . -4.18 14.61 38.04
O4 SO4 Q . -6.27 15.02 36.88
S SO4 R . 19.66 26.63 7.75
O1 SO4 R . 19.37 27.30 6.49
O2 SO4 R . 18.44 26.50 8.52
O3 SO4 R . 20.59 27.47 8.52
O4 SO4 R . 20.22 25.29 7.49
S SO4 S . -23.81 24.37 18.72
O1 SO4 S . -23.10 25.63 18.87
O2 SO4 S . -25.26 24.60 18.74
O3 SO4 S . -23.42 23.77 17.44
O4 SO4 S . -23.46 23.48 19.82
C TRS T . -5.55 7.44 13.85
C1 TRS T . -4.04 7.31 14.11
C2 TRS T . -6.22 6.07 13.73
C3 TRS T . -5.82 8.28 12.58
N TRS T . -6.17 8.16 15.02
O1 TRS T . -3.38 6.41 13.23
O2 TRS T . -6.02 5.31 14.90
O3 TRS T . -5.31 9.61 12.71
C1 EDO U . 19.36 8.60 26.41
O1 EDO U . 20.48 8.74 25.54
C2 EDO U . 19.12 9.94 27.20
O2 EDO U . 18.85 11.09 26.33
C1 EDO V . 18.56 3.70 7.46
O1 EDO V . 18.15 2.97 8.62
C2 EDO V . 17.42 3.72 6.47
O2 EDO V . 16.23 3.85 7.23
C1 EDO W . 20.50 16.91 22.98
O1 EDO W . 21.07 16.43 21.76
C2 EDO W . 20.61 15.82 24.02
O2 EDO W . 19.83 14.70 23.62
C1 EDO X . -15.56 9.20 36.51
O1 EDO X . -15.33 10.34 37.34
C2 EDO X . -16.31 8.15 37.31
O2 EDO X . -15.54 7.80 38.45
C1 EDO Y . 6.86 -7.46 33.11
O1 EDO Y . 5.71 -6.68 33.18
C2 EDO Y . 7.83 -6.98 34.19
O2 EDO Y . 7.96 -5.57 34.10
C1 NAG Z . -28.23 -5.34 -21.36
C2 NAG Z . -27.87 -6.80 -21.64
C3 NAG Z . -29.18 -7.53 -21.95
C4 NAG Z . -30.19 -7.38 -20.82
C5 NAG Z . -30.39 -5.90 -20.46
C6 NAG Z . -31.21 -5.69 -19.21
C7 NAG Z . -25.69 -7.37 -22.64
C8 NAG Z . -24.85 -7.30 -23.89
N2 NAG Z . -26.95 -6.89 -22.75
O3 NAG Z . -28.88 -8.91 -22.16
O4 NAG Z . -31.43 -7.96 -21.23
O5 NAG Z . -29.12 -5.25 -20.24
O6 NAG Z . -30.66 -6.34 -18.07
O7 NAG Z . -25.25 -7.82 -21.59
C4 M7H AA . -8.41 10.03 7.55
C5 M7H AA . -7.33 9.16 7.37
N1 M7H AA . -6.77 10.73 8.92
C9 M7H AA . -12.37 13.62 10.40
C10 M7H AA . -5.89 7.53 6.68
C11 M7H AA . -8.88 12.17 8.89
C12 M7H AA . -4.91 8.01 7.61
C13 M7H AA . -5.64 6.32 5.85
C14 M7H AA . -9.94 13.47 10.75
C15 M7H AA . -10.74 13.78 8.48
C2 M7H AA . -8.07 10.97 8.48
C3 M7H AA . -6.33 9.62 8.23
N6 M7H AA . -7.11 8.10 6.57
N7 M7H AA . -5.12 9.08 8.39
N8 M7H AA . -11.11 13.70 9.89
O16 M7H AA . -12.55 13.44 11.59
C17 M7H AA . -10.12 12.46 8.02
C18 M7H AA . -9.26 12.15 10.37
C19 M7H AA . -4.35 5.97 5.44
C20 M7H AA . -6.70 5.48 5.47
C21 M7H AA . -6.03 11.55 9.88
C22 M7H AA . -5.17 4.00 4.35
C23 M7H AA . -4.12 4.82 4.70
C24 M7H AA . -6.47 4.34 4.71
O25 M7H AA . -4.82 2.91 3.59
C26 M7H AA . -13.53 13.79 9.46
C27 M7H AA . -5.85 2.02 3.17
S SO4 BA . -22.30 1.11 2.81
O1 SO4 BA . -21.28 1.96 2.19
O2 SO4 BA . -23.50 1.90 3.03
O3 SO4 BA . -22.55 0.00 1.92
O4 SO4 BA . -21.83 0.59 4.10
S SO4 CA . -27.46 34.32 -12.60
O1 SO4 CA . -28.18 35.48 -12.08
O2 SO4 CA . -27.22 34.47 -14.04
O3 SO4 CA . -26.20 34.19 -11.87
O4 SO4 CA . -28.27 33.11 -12.39
CL CL DA . -15.28 20.93 2.91
C1 NAG EA . -22.60 -25.27 13.85
C2 NAG EA . -23.81 -24.37 14.16
C3 NAG EA . -25.08 -25.20 14.07
C4 NAG EA . -25.18 -25.91 12.72
C5 NAG EA . -23.91 -26.70 12.44
C6 NAG EA . -23.87 -27.33 11.05
C7 NAG EA . -23.49 -22.51 15.75
C8 NAG EA . -23.30 -22.14 17.19
N2 NAG EA . -23.65 -23.82 15.49
O3 NAG EA . -26.21 -24.35 14.26
O4 NAG EA . -26.32 -26.76 12.71
O5 NAG EA . -22.75 -25.85 12.55
O6 NAG EA . -23.93 -26.35 10.03
O7 NAG EA . -23.49 -21.66 14.86
C4 M7H FA . 5.70 -11.35 -8.06
C5 M7H FA . 5.38 -10.01 -7.78
N1 M7H FA . 7.33 -10.11 -8.94
C9 M7H FA . 7.66 -16.23 -11.05
C10 M7H FA . 4.41 -8.05 -7.11
C11 M7H FA . 7.64 -12.64 -9.10
C12 M7H FA . 5.51 -7.34 -7.70
C13 M7H FA . 3.31 -7.35 -6.41
C14 M7H FA . 8.80 -14.03 -10.84
C15 M7H FA . 8.01 -15.10 -8.82
C2 M7H FA . 6.90 -11.40 -8.71
C3 M7H FA . 6.42 -9.27 -8.34
N6 M7H FA . 4.36 -9.41 -7.16
N7 M7H FA . 6.53 -7.93 -8.32
N8 M7H FA . 8.18 -15.23 -10.27
O16 M7H FA . 7.77 -16.18 -12.26
C17 M7H FA . 7.07 -13.95 -8.49
C18 M7H FA . 7.91 -12.82 -10.61
C19 M7H FA . 3.52 -6.11 -5.79
C20 M7H FA . 2.04 -7.91 -6.32
C21 M7H FA . 8.60 -9.70 -9.56
C22 M7H FA . 1.22 -6.02 -5.10
C23 M7H FA . 2.50 -5.45 -5.15
C24 M7H FA . 1.00 -7.25 -5.70
O25 M7H FA . 0.31 -5.27 -4.41
C26 M7H FA . 6.96 -17.38 -10.37
C27 M7H FA . -1.03 -5.77 -4.30
S SO4 GA . -9.13 -20.02 -7.51
O1 SO4 GA . -9.11 -19.23 -8.71
O2 SO4 GA . -10.41 -19.76 -6.84
O3 SO4 GA . -9.04 -21.43 -7.91
O4 SO4 GA . -8.06 -19.65 -6.61
S SO4 HA . 14.03 -42.44 10.95
O1 SO4 HA . 14.82 -41.21 11.00
O2 SO4 HA . 12.87 -42.29 10.04
O3 SO4 HA . 14.88 -43.50 10.45
O4 SO4 HA . 13.56 -42.75 12.29
S SO4 IA . -8.94 -13.14 -9.22
O1 SO4 IA . -8.17 -12.85 -8.01
O2 SO4 IA . -10.13 -12.29 -9.22
O3 SO4 IA . -9.35 -14.55 -9.25
O4 SO4 IA . -8.13 -12.87 -10.40
S SO4 JA . 27.53 -27.19 -8.76
O1 SO4 JA . 26.17 -27.71 -9.01
O2 SO4 JA . 27.52 -25.73 -8.88
O3 SO4 JA . 28.00 -27.55 -7.41
O4 SO4 JA . 28.48 -27.74 -9.74
CL CL KA . 11.09 -23.29 -3.65
C1 EDO LA . -19.36 -33.65 0.24
O1 EDO LA . -18.60 -34.78 -0.09
C2 EDO LA . -19.97 -33.92 1.64
O2 EDO LA . -18.94 -34.28 2.53
#